data_8YII
#
_entry.id   8YII
#
_cell.length_a   1.00
_cell.length_b   1.00
_cell.length_c   1.00
_cell.angle_alpha   90.00
_cell.angle_beta   90.00
_cell.angle_gamma   90.00
#
_symmetry.space_group_name_H-M   'P 1'
#
loop_
_entity.id
_entity.type
_entity.pdbx_description
1 polymer 'Dicer-2, isoform A'
2 polymer 'Isoform PD of Protein Loquacious'
3 polymer slm2
4 non-polymer "ADENOSINE-5'-DIPHOSPHATE"
5 non-polymer 'MAGNESIUM ION'
#
loop_
_entity_poly.entity_id
_entity_poly.type
_entity_poly.pdbx_seq_one_letter_code
_entity_poly.pdbx_strand_id
1 'polypeptide(L)'
;EDVEIKPRGYQLRLVDHLTKSNGIVYLPTGSGKTFVAILVLKRFSQDFDKPIESGGKRALFMCNTVELARQQAMAVRRCT
NFKVGFYVGEQGVDDWTRGMWSDEIKKNQVLVGTAQVFLDMVTQTYVALSSLSVVIIDECHHGTGHHPFREFMRLFTIAN
QTKLPRVVGLTGVLIKGNEITNVATKLKELEITYRGNIITVSDTKEMENVMLYATKPTEVMVSFPHQEQVLTVTRLISAE
IEKFYVSLDLMNIGVQPIRRSKSLQCLRDPSKKSFVKQLFNDFLYQMKEYGIYAASIAIISLIVEFDIKRRQAETLSVKL
MHRTALTLCEKIRHLLVQKLQDMTYDDDDDNVNTEEVIMNFSTPKVQRFLMSLKVSFADKDPKDICCLVFVERRYTCKCI
YGLLLNYIQSTPELRNVLTPQFMVGRNNISPDFESVLERKWQKSAIQQFRDGNANLMICSSVLEEGIDVQACNHVFILDP
VKTFNMYVQSKGRARTTEAKFVLFTADKEREKTIQQIYQYRKAHNDIAEYLKDRVLEKTEPELYEIKGHFQDDIDPFTNE
NGAVLLPNNALAILHRYCQTIPTDAFGFVIPWFHVLQEDERDRIFGVSAKGKHVISINMPVNCMLRDTIYSDPMDNVKTA
KISAAFKACKVLYSLGELNERFVPKTLKERVASIADVHFEHWNKYGDSVTATVNKADKSKDRTYKTECPLEFYDALPRVG
EICYAYEIFLEPQFESCEYTEHMYLNLQTPRNYAILLRNKLPRLAEMPLFSNQGKLHVRVANAPLEVIIQNSEQLELLHQ
FHGMVFRDILKIWHPFFVLDRRSKENSYLVVPLILGAGEQKCFDWELMTNFRRLPQSHGSNVQQREQQPAPRPEDFEGKI
VTQWYANYDKPMLVTKVHRELTPLSYMEKNQQDKTYYEFTMSKYGNRIGDVVHKDKFMIEVRDLTEQLTFYVHNRGKFNA
KSKAKMKVILIPELCFNFNFPGDLWLKLIFLPSILNRMYFLLHAEALRKRFNTYLNLHLLPFNGTDYMPRPLEIDYSLKR
NVDPLGNVIPTEDIEEPKSLLEPMPTKSIEASVANLEITEFENPWQKYMEPVDLSRNLLSTYPVELDYYYHFSVGNVCEM
NEMDFEDKEYWAKNQFHMPTGNIYGNRTPAKTNANVPALMPSKPTVRGKVKPLLILQKTVSKEHITPAEQGEFLAAITAS
SAADVFDMERLEILGNSFLKLSATLYLASKYSDWNEGTLTEVKSKLVSNRNLLFCLIDADIPKTLNTIQFTPRYTWLPPG
ISLPHNVLALWRENPEFAKIIGPHNLRDLALGDEESLVKGNCSDINYNRFVEGCRANGQSFYAGADFSSEVNFCVGLVTI
PNKVIADTLEALLGVIVKNYGLQHAFKMLEYFKICRADIDKPLTQLLNLELGGKKMRANVNTTEIDGFLINHYYLEKNLG
YTFKDRRYLLQALTHPSYPTNRITGSYQELEFIGNAILDFLISAYIFENNTKMNPGALTDLRSALVNNTTLACICVRHRL
HFFILAENAKLSEIISKFVNFQESQGHRVTNYVRILLEEADVQPTPLDLDDELDMTELPHANKCISQEAEKGVPPKGEFN
MSTNVDVPKALGDVLEALIAAVYLDCRDLQRTWEVIFNLFEPELQEFTRKVPINHIRQLVEHKHAKPVFSSPIVEGETVM
VSCQFTCMEKTIKVYGFGSNKDQAKLSAAKHALQQLSKCDA
;
A
2 'polypeptide(L)'
;MDQENFHGSSLPQQLQNLHIQPQQASPNPVQTGFAPRRHYNNLVGLGNGNAVSGSPVKGAPLGQRHVKLKKEKISAQVAQ
LSQPGQLQLSDVGDPALAGGSGLQGGVGLMGVILPSDEALKFVSETDANGLAMKTPVSILQELLSRRGITPGYELVQIEG
AIHEPTFRFRVSFKDKDTPFTAMGAGRSKKEAKHAAARALIDKLIGAQLPESPSSSAGPSVTGLTVAGSGGDGNANATGG
GDASDKTVGNPIGWLQEMCMQRRWPPPSYETETEVGLPHERLFTIACSILNYREMGKGKSKKIAKRLAAHRMWMRLQETP
IDSGKISDSICGELEGEVSIIQDIDRYEQVSKDFEFIKI
;
B
3 'polyribonucleotide'
;GGUUCGCUCCCGGCGCUUCACAGGCGCUGGAAAAUCUUAACCGCCGGAAGUCACUUCCGCUGGCUUUGAUUUUCCAGCGU
CUGUCGAGCGGAAGGAGGGACCUU
;
C
#
loop_
_chem_comp.id
_chem_comp.type
_chem_comp.name
_chem_comp.formula
A RNA linking ADENOSINE-5'-MONOPHOSPHATE 'C10 H14 N5 O7 P'
ADP non-polymer ADENOSINE-5'-DIPHOSPHATE 'C10 H15 N5 O10 P2'
C RNA linking CYTIDINE-5'-MONOPHOSPHATE 'C9 H14 N3 O8 P'
G RNA linking GUANOSINE-5'-MONOPHOSPHATE 'C10 H14 N5 O8 P'
MG non-polymer 'MAGNESIUM ION' 'Mg 2'
U RNA linking URIDINE-5'-MONOPHOSPHATE 'C9 H13 N2 O9 P'
#
# COMPACT_ATOMS: atom_id res chain seq x y z
N GLU A 1 8.47 -36.48 -26.85
CA GLU A 1 8.50 -37.69 -26.04
C GLU A 1 9.61 -38.63 -26.49
N ASP A 2 9.37 -39.35 -27.59
CA ASP A 2 10.33 -40.32 -28.09
C ASP A 2 10.08 -40.50 -29.59
N VAL A 3 11.06 -41.11 -30.26
CA VAL A 3 10.96 -41.33 -31.70
C VAL A 3 10.05 -42.51 -32.03
N GLU A 4 9.55 -43.22 -31.02
CA GLU A 4 8.73 -44.41 -31.24
C GLU A 4 7.33 -44.09 -31.75
N ILE A 5 7.05 -42.85 -32.13
CA ILE A 5 5.72 -42.47 -32.60
C ILE A 5 5.59 -42.74 -34.08
N LYS A 6 5.24 -43.99 -34.42
CA LYS A 6 5.06 -44.39 -35.81
C LYS A 6 3.59 -44.64 -36.09
N PRO A 7 3.01 -43.98 -37.10
CA PRO A 7 1.57 -44.08 -37.32
C PRO A 7 1.15 -45.44 -37.84
N ARG A 8 -0.13 -45.75 -37.60
CA ARG A 8 -0.75 -46.90 -38.22
C ARG A 8 -0.94 -46.64 -39.72
N GLY A 9 -1.40 -47.68 -40.43
CA GLY A 9 -1.73 -47.49 -41.83
C GLY A 9 -2.89 -46.53 -42.04
N TYR A 10 -3.93 -46.66 -41.21
CA TYR A 10 -5.09 -45.80 -41.36
C TYR A 10 -4.75 -44.36 -41.02
N GLN A 11 -3.90 -44.14 -40.01
CA GLN A 11 -3.50 -42.78 -39.66
C GLN A 11 -2.73 -42.12 -40.80
N LEU A 12 -1.78 -42.85 -41.41
CA LEU A 12 -1.01 -42.26 -42.49
C LEU A 12 -1.86 -42.02 -43.73
N ARG A 13 -2.75 -42.94 -44.09
CA ARG A 13 -3.60 -42.68 -45.23
C ARG A 13 -4.59 -41.55 -44.96
N LEU A 14 -5.06 -41.43 -43.71
CA LEU A 14 -5.96 -40.34 -43.35
C LEU A 14 -5.27 -39.00 -43.47
N VAL A 15 -4.04 -38.88 -42.96
CA VAL A 15 -3.34 -37.61 -43.07
C VAL A 15 -2.99 -37.31 -44.53
N ASP A 16 -2.66 -38.35 -45.31
CA ASP A 16 -2.38 -38.15 -46.72
C ASP A 16 -3.59 -37.59 -47.45
N HIS A 17 -4.77 -38.17 -47.19
CA HIS A 17 -6.00 -37.64 -47.78
C HIS A 17 -6.31 -36.24 -47.27
N LEU A 18 -6.05 -35.99 -45.98
CA LEU A 18 -6.38 -34.72 -45.37
C LEU A 18 -5.54 -33.57 -45.89
N THR A 19 -4.28 -33.85 -46.27
CA THR A 19 -3.45 -32.80 -46.86
C THR A 19 -4.06 -32.26 -48.15
N LYS A 20 -4.82 -33.10 -48.86
CA LYS A 20 -5.39 -32.68 -50.14
C LYS A 20 -6.57 -31.72 -49.97
N SER A 21 -7.45 -31.96 -49.01
CA SER A 21 -8.64 -31.15 -48.87
C SER A 21 -9.18 -31.27 -47.45
N ASN A 22 -10.09 -30.36 -47.11
CA ASN A 22 -10.73 -30.37 -45.81
C ASN A 22 -11.58 -31.62 -45.64
N GLY A 23 -11.81 -31.97 -44.37
CA GLY A 23 -12.65 -33.12 -44.10
C GLY A 23 -12.82 -33.34 -42.61
N ILE A 24 -13.60 -34.36 -42.27
CA ILE A 24 -13.86 -34.75 -40.90
C ILE A 24 -13.50 -36.22 -40.75
N VAL A 25 -12.68 -36.53 -39.76
CA VAL A 25 -12.27 -37.90 -39.48
C VAL A 25 -13.24 -38.50 -38.48
N TYR A 26 -13.84 -39.62 -38.82
CA TYR A 26 -14.81 -40.31 -37.98
C TYR A 26 -14.23 -41.66 -37.58
N LEU A 27 -13.72 -41.75 -36.35
CA LEU A 27 -13.17 -42.99 -35.84
C LEU A 27 -13.65 -43.16 -34.40
N PRO A 28 -13.79 -44.39 -33.93
CA PRO A 28 -14.22 -44.60 -32.54
C PRO A 28 -13.19 -44.06 -31.57
N THR A 29 -13.66 -43.71 -30.37
CA THR A 29 -12.76 -43.20 -29.35
C THR A 29 -11.67 -44.22 -29.03
N GLY A 30 -10.46 -43.72 -28.83
CA GLY A 30 -9.30 -44.57 -28.65
C GLY A 30 -8.59 -44.97 -29.92
N SER A 31 -9.11 -44.58 -31.09
CA SER A 31 -8.44 -44.87 -32.35
C SER A 31 -7.30 -43.90 -32.65
N GLY A 32 -7.02 -42.97 -31.74
CA GLY A 32 -5.92 -42.04 -31.92
C GLY A 32 -6.17 -40.97 -32.96
N LYS A 33 -7.38 -40.42 -33.02
CA LYS A 33 -7.61 -39.26 -33.89
C LYS A 33 -6.78 -38.06 -33.44
N THR A 34 -6.44 -38.01 -32.16
CA THR A 34 -5.48 -37.01 -31.70
C THR A 34 -4.12 -37.20 -32.36
N PHE A 35 -3.72 -38.46 -32.54
CA PHE A 35 -2.43 -38.76 -33.16
C PHE A 35 -2.41 -38.31 -34.62
N VAL A 36 -3.49 -38.60 -35.37
CA VAL A 36 -3.53 -38.17 -36.76
C VAL A 36 -3.66 -36.65 -36.84
N ALA A 37 -4.30 -36.02 -35.85
CA ALA A 37 -4.30 -34.56 -35.79
C ALA A 37 -2.89 -34.01 -35.60
N ILE A 38 -2.10 -34.65 -34.73
CA ILE A 38 -0.71 -34.25 -34.54
C ILE A 38 0.06 -34.40 -35.85
N LEU A 39 -0.16 -35.51 -36.55
CA LEU A 39 0.51 -35.71 -37.83
C LEU A 39 0.09 -34.66 -38.86
N VAL A 40 -1.18 -34.27 -38.86
CA VAL A 40 -1.64 -33.22 -39.75
C VAL A 40 -0.95 -31.90 -39.42
N LEU A 41 -0.84 -31.60 -38.12
CA LEU A 41 -0.14 -30.38 -37.70
C LEU A 41 1.31 -30.41 -38.17
N LYS A 42 1.96 -31.57 -38.04
CA LYS A 42 3.35 -31.70 -38.48
C LYS A 42 3.47 -31.51 -39.98
N ARG A 43 2.52 -32.06 -40.74
CA ARG A 43 2.58 -31.97 -42.20
C ARG A 43 2.36 -30.55 -42.71
N PHE A 44 1.74 -29.69 -41.92
CA PHE A 44 1.48 -28.31 -42.30
C PHE A 44 2.45 -27.32 -41.65
N SER A 45 3.57 -27.81 -41.11
CA SER A 45 4.50 -26.98 -40.35
C SER A 45 5.63 -26.41 -41.20
N GLN A 46 5.43 -26.26 -42.51
CA GLN A 46 6.51 -25.72 -43.34
C GLN A 46 6.81 -24.26 -43.01
N ASP A 47 5.80 -23.52 -42.56
CA ASP A 47 5.94 -22.08 -42.35
C ASP A 47 5.78 -21.66 -40.89
N PHE A 48 5.82 -22.60 -39.95
CA PHE A 48 5.60 -22.26 -38.55
C PHE A 48 6.70 -21.37 -38.00
N ASP A 49 7.96 -21.64 -38.33
CA ASP A 49 9.07 -20.88 -37.77
C ASP A 49 9.20 -19.49 -38.37
N LYS A 50 8.60 -19.23 -39.52
CA LYS A 50 8.71 -17.93 -40.16
C LYS A 50 7.83 -16.91 -39.43
N PRO A 51 8.23 -15.65 -39.40
CA PRO A 51 7.40 -14.62 -38.77
C PRO A 51 6.15 -14.33 -39.60
N ILE A 52 5.12 -13.84 -38.90
CA ILE A 52 3.80 -13.69 -39.50
C ILE A 52 3.83 -12.66 -40.64
N GLU A 53 4.42 -11.50 -40.39
CA GLU A 53 4.40 -10.43 -41.39
C GLU A 53 5.18 -10.81 -42.64
N SER A 54 6.22 -11.63 -42.50
CA SER A 54 6.97 -12.10 -43.65
C SER A 54 6.24 -13.19 -44.42
N GLY A 55 5.18 -13.77 -43.84
CA GLY A 55 4.45 -14.85 -44.46
C GLY A 55 4.34 -16.11 -43.64
N GLY A 56 4.83 -16.11 -42.40
CA GLY A 56 4.68 -17.29 -41.55
C GLY A 56 3.25 -17.53 -41.15
N LYS A 57 2.95 -18.80 -40.88
CA LYS A 57 1.59 -19.21 -40.53
C LYS A 57 1.63 -20.05 -39.26
N ARG A 58 0.48 -20.10 -38.59
CA ARG A 58 0.33 -20.92 -37.39
C ARG A 58 -0.88 -21.83 -37.56
N ALA A 59 -1.03 -22.76 -36.63
CA ALA A 59 -2.11 -23.74 -36.66
C ALA A 59 -2.99 -23.59 -35.42
N LEU A 60 -4.27 -23.91 -35.59
CA LEU A 60 -5.25 -23.77 -34.52
C LEU A 60 -5.77 -25.14 -34.10
N PHE A 61 -5.88 -25.33 -32.78
CA PHE A 61 -6.46 -26.53 -32.20
C PHE A 61 -7.56 -26.08 -31.25
N MET A 62 -8.80 -26.16 -31.71
CA MET A 62 -9.95 -25.75 -30.91
C MET A 62 -10.51 -26.94 -30.15
N CYS A 63 -10.92 -26.71 -28.91
CA CYS A 63 -11.55 -27.71 -28.09
C CYS A 63 -12.81 -27.14 -27.46
N ASN A 64 -13.78 -28.02 -27.22
CA ASN A 64 -15.06 -27.57 -26.70
C ASN A 64 -14.96 -27.12 -25.24
N THR A 65 -13.94 -27.56 -24.53
CA THR A 65 -13.82 -27.30 -23.10
C THR A 65 -12.41 -26.84 -22.78
N VAL A 66 -12.28 -26.16 -21.63
CA VAL A 66 -10.97 -25.72 -21.16
C VAL A 66 -10.13 -26.94 -20.76
N GLU A 67 -10.74 -27.89 -20.06
CA GLU A 67 -10.00 -29.05 -19.58
C GLU A 67 -9.47 -29.89 -20.73
N LEU A 68 -10.32 -30.16 -21.72
CA LEU A 68 -9.87 -30.92 -22.89
C LEU A 68 -8.86 -30.12 -23.69
N ALA A 69 -8.99 -28.79 -23.71
CA ALA A 69 -7.98 -27.96 -24.35
C ALA A 69 -6.62 -28.12 -23.68
N ARG A 70 -6.61 -28.15 -22.35
CA ARG A 70 -5.36 -28.38 -21.62
C ARG A 70 -4.81 -29.77 -21.92
N GLN A 71 -5.69 -30.77 -21.98
CA GLN A 71 -5.25 -32.15 -22.27
C GLN A 71 -4.60 -32.22 -23.66
N GLN A 72 -5.24 -31.61 -24.66
CA GLN A 72 -4.66 -31.59 -25.99
C GLN A 72 -3.38 -30.78 -26.04
N ALA A 73 -3.28 -29.72 -25.23
CA ALA A 73 -2.05 -28.95 -25.16
C ALA A 73 -0.90 -29.83 -24.67
N MET A 74 -1.14 -30.59 -23.59
CA MET A 74 -0.11 -31.51 -23.11
C MET A 74 0.23 -32.56 -24.15
N ALA A 75 -0.78 -33.10 -24.83
CA ALA A 75 -0.54 -34.13 -25.84
C ALA A 75 0.33 -33.60 -26.97
N VAL A 76 -0.03 -32.44 -27.53
CA VAL A 76 0.72 -31.90 -28.66
C VAL A 76 2.11 -31.46 -28.22
N ARG A 77 2.25 -30.95 -27.00
CA ARG A 77 3.55 -30.55 -26.51
C ARG A 77 4.48 -31.77 -26.36
N ARG A 78 3.93 -32.88 -25.84
CA ARG A 78 4.78 -34.06 -25.63
C ARG A 78 5.04 -34.81 -26.93
N CYS A 79 4.17 -34.67 -27.93
CA CYS A 79 4.30 -35.41 -29.18
C CYS A 79 4.93 -34.60 -30.30
N THR A 80 5.30 -33.35 -30.05
CA THR A 80 5.90 -32.50 -31.07
C THR A 80 7.10 -31.76 -30.49
N ASN A 81 7.89 -31.17 -31.38
CA ASN A 81 9.00 -30.33 -31.00
C ASN A 81 8.63 -28.85 -30.96
N PHE A 82 7.37 -28.51 -31.21
CA PHE A 82 6.94 -27.12 -31.20
C PHE A 82 6.66 -26.67 -29.76
N LYS A 83 6.60 -25.36 -29.59
CA LYS A 83 6.15 -24.75 -28.34
C LYS A 83 4.72 -24.28 -28.52
N VAL A 84 3.83 -24.79 -27.69
CA VAL A 84 2.39 -24.66 -27.89
C VAL A 84 1.88 -23.53 -26.99
N GLY A 85 0.91 -22.77 -27.52
CA GLY A 85 0.27 -21.73 -26.75
C GLY A 85 -1.09 -22.16 -26.24
N PHE A 86 -1.29 -22.09 -24.92
CA PHE A 86 -2.53 -22.52 -24.29
C PHE A 86 -3.30 -21.28 -23.87
N TYR A 87 -4.24 -20.84 -24.71
CA TYR A 87 -5.02 -19.64 -24.47
C TYR A 87 -6.45 -20.04 -24.15
N VAL A 88 -6.88 -19.77 -22.91
CA VAL A 88 -8.26 -19.94 -22.50
C VAL A 88 -8.71 -18.67 -21.80
N GLY A 89 -10.00 -18.60 -21.50
CA GLY A 89 -10.53 -17.41 -20.85
C GLY A 89 -9.94 -17.17 -19.48
N GLU A 90 -9.79 -18.24 -18.69
CA GLU A 90 -9.30 -18.09 -17.33
C GLU A 90 -7.84 -17.65 -17.28
N GLN A 91 -7.13 -17.69 -18.42
CA GLN A 91 -5.74 -17.26 -18.45
C GLN A 91 -5.59 -15.74 -18.35
N GLY A 92 -6.61 -14.98 -18.71
CA GLY A 92 -6.56 -13.54 -18.56
C GLY A 92 -6.27 -12.76 -19.82
N VAL A 93 -6.73 -13.23 -20.98
CA VAL A 93 -6.47 -12.55 -22.25
C VAL A 93 -7.54 -11.50 -22.51
N ASP A 94 -8.38 -11.22 -21.51
CA ASP A 94 -9.50 -10.29 -21.70
C ASP A 94 -9.03 -8.89 -22.05
N ASP A 95 -7.80 -8.50 -21.68
CA ASP A 95 -7.34 -7.15 -21.96
C ASP A 95 -5.96 -7.13 -22.62
N TRP A 96 -5.56 -8.22 -23.27
CA TRP A 96 -4.26 -8.25 -23.93
C TRP A 96 -4.23 -7.33 -25.14
N THR A 97 -3.17 -6.53 -25.25
CA THR A 97 -3.03 -5.62 -26.37
C THR A 97 -2.54 -6.37 -27.61
N ARG A 98 -2.34 -5.61 -28.69
CA ARG A 98 -1.89 -6.22 -29.95
C ARG A 98 -0.51 -6.86 -29.79
N GLY A 99 0.38 -6.19 -29.07
CA GLY A 99 1.71 -6.74 -28.82
C GLY A 99 1.66 -7.99 -27.96
N MET A 100 0.79 -7.99 -26.95
CA MET A 100 0.65 -9.13 -26.06
C MET A 100 0.03 -10.33 -26.76
N TRP A 101 -0.59 -10.15 -27.92
CA TRP A 101 -0.98 -11.28 -28.75
C TRP A 101 0.09 -11.63 -29.78
N SER A 102 0.76 -10.61 -30.34
CA SER A 102 1.74 -10.86 -31.39
C SER A 102 2.95 -11.63 -30.86
N ASP A 103 3.41 -11.30 -29.65
CA ASP A 103 4.53 -12.03 -29.07
C ASP A 103 4.17 -13.49 -28.82
N GLU A 104 2.97 -13.75 -28.32
CA GLU A 104 2.51 -15.13 -28.14
C GLU A 104 2.43 -15.85 -29.47
N ILE A 105 1.93 -15.17 -30.51
CA ILE A 105 1.80 -15.80 -31.82
C ILE A 105 3.18 -16.16 -32.37
N LYS A 106 4.13 -15.24 -32.26
CA LYS A 106 5.45 -15.48 -32.84
C LYS A 106 6.25 -16.48 -32.01
N LYS A 107 5.94 -16.61 -30.71
CA LYS A 107 6.69 -17.52 -29.87
C LYS A 107 6.12 -18.94 -29.92
N ASN A 108 4.88 -19.09 -30.38
CA ASN A 108 4.25 -20.40 -30.45
C ASN A 108 4.04 -20.82 -31.90
N GLN A 109 4.41 -22.07 -32.20
CA GLN A 109 4.25 -22.59 -33.55
C GLN A 109 2.85 -23.14 -33.80
N VAL A 110 2.24 -23.75 -32.81
CA VAL A 110 0.87 -24.25 -32.90
C VAL A 110 0.09 -23.75 -31.69
N LEU A 111 -1.16 -23.38 -31.92
CA LEU A 111 -1.99 -22.74 -30.90
C LEU A 111 -3.14 -23.67 -30.53
N VAL A 112 -3.42 -23.76 -29.23
CA VAL A 112 -4.52 -24.56 -28.70
C VAL A 112 -5.35 -23.69 -27.77
N GLY A 113 -6.59 -24.10 -27.55
CA GLY A 113 -7.44 -23.37 -26.63
C GLY A 113 -8.90 -23.54 -26.99
N THR A 114 -9.75 -22.90 -26.20
CA THR A 114 -11.19 -22.98 -26.40
C THR A 114 -11.60 -22.21 -27.65
N ALA A 115 -12.80 -22.51 -28.15
CA ALA A 115 -13.27 -21.90 -29.39
C ALA A 115 -13.54 -20.41 -29.23
N GLN A 116 -14.11 -20.00 -28.09
CA GLN A 116 -14.47 -18.61 -27.91
C GLN A 116 -13.24 -17.70 -27.90
N VAL A 117 -12.15 -18.16 -27.27
CA VAL A 117 -10.94 -17.35 -27.21
C VAL A 117 -10.38 -17.11 -28.60
N PHE A 118 -10.30 -18.15 -29.42
CA PHE A 118 -9.79 -17.97 -30.78
C PHE A 118 -10.76 -17.17 -31.64
N LEU A 119 -12.06 -17.32 -31.38
CA LEU A 119 -13.06 -16.51 -32.07
C LEU A 119 -12.82 -15.03 -31.80
N ASP A 120 -12.64 -14.67 -30.52
CA ASP A 120 -12.35 -13.28 -30.17
C ASP A 120 -11.02 -12.83 -30.77
N MET A 121 -10.02 -13.71 -30.75
CA MET A 121 -8.71 -13.35 -31.26
C MET A 121 -8.76 -13.05 -32.75
N VAL A 122 -9.51 -13.84 -33.52
CA VAL A 122 -9.64 -13.61 -34.95
C VAL A 122 -10.48 -12.38 -35.24
N THR A 123 -11.60 -12.23 -34.52
CA THR A 123 -12.52 -11.14 -34.84
C THR A 123 -11.96 -9.77 -34.47
N GLN A 124 -11.02 -9.72 -33.54
CA GLN A 124 -10.41 -8.46 -33.11
C GLN A 124 -9.14 -8.14 -33.88
N THR A 125 -8.96 -8.72 -35.06
CA THR A 125 -7.86 -8.46 -35.99
C THR A 125 -6.48 -8.73 -35.40
N TYR A 126 -6.40 -9.53 -34.33
CA TYR A 126 -5.10 -9.96 -33.85
C TYR A 126 -4.44 -10.89 -34.86
N VAL A 127 -5.22 -11.72 -35.54
CA VAL A 127 -4.77 -12.51 -36.67
C VAL A 127 -5.82 -12.44 -37.76
N ALA A 128 -5.49 -13.05 -38.90
CA ALA A 128 -6.41 -13.15 -40.03
C ALA A 128 -6.47 -14.61 -40.47
N LEU A 129 -7.56 -14.95 -41.16
CA LEU A 129 -7.71 -16.30 -41.68
C LEU A 129 -6.54 -16.67 -42.59
N SER A 130 -6.06 -15.71 -43.38
CA SER A 130 -4.94 -15.98 -44.28
C SER A 130 -3.65 -16.22 -43.52
N SER A 131 -3.57 -15.83 -42.25
CA SER A 131 -2.37 -16.04 -41.45
C SER A 131 -2.30 -17.44 -40.86
N LEU A 132 -3.31 -18.28 -41.07
CA LEU A 132 -3.37 -19.62 -40.52
C LEU A 132 -3.11 -20.65 -41.62
N SER A 133 -2.56 -21.80 -41.24
CA SER A 133 -2.28 -22.85 -42.20
C SER A 133 -3.30 -23.98 -42.11
N VAL A 134 -3.47 -24.56 -40.93
CA VAL A 134 -4.42 -25.65 -40.72
C VAL A 134 -5.13 -25.42 -39.40
N VAL A 135 -6.42 -25.76 -39.38
CA VAL A 135 -7.28 -25.56 -38.22
C VAL A 135 -7.82 -26.91 -37.77
N ILE A 136 -7.65 -27.23 -36.49
CA ILE A 136 -8.09 -28.49 -35.93
C ILE A 136 -9.23 -28.21 -34.96
N ILE A 137 -10.36 -28.90 -35.14
CA ILE A 137 -11.54 -28.74 -34.30
C ILE A 137 -11.92 -30.11 -33.76
N ASP A 138 -11.62 -30.38 -32.50
CA ASP A 138 -11.96 -31.66 -31.90
C ASP A 138 -13.39 -31.62 -31.37
N GLU A 139 -14.05 -32.78 -31.44
CA GLU A 139 -15.49 -32.87 -31.17
C GLU A 139 -16.27 -31.88 -32.02
N CYS A 140 -16.07 -31.97 -33.34
CA CYS A 140 -16.73 -31.06 -34.27
C CYS A 140 -18.24 -31.25 -34.31
N HIS A 141 -18.76 -32.36 -33.77
CA HIS A 141 -20.20 -32.59 -33.81
C HIS A 141 -20.98 -31.61 -32.96
N HIS A 142 -20.31 -30.83 -32.10
CA HIS A 142 -20.99 -29.77 -31.37
C HIS A 142 -21.29 -28.56 -32.24
N GLY A 143 -20.75 -28.51 -33.46
CA GLY A 143 -20.92 -27.35 -34.32
C GLY A 143 -22.30 -27.26 -34.95
N THR A 144 -23.30 -26.99 -34.13
CA THR A 144 -24.67 -26.82 -34.61
C THR A 144 -25.28 -25.59 -33.95
N GLY A 145 -26.27 -25.01 -34.62
CA GLY A 145 -26.92 -23.82 -34.08
C GLY A 145 -25.94 -22.67 -33.98
N HIS A 146 -25.88 -22.07 -32.78
CA HIS A 146 -25.00 -20.94 -32.52
C HIS A 146 -23.76 -21.33 -31.73
N HIS A 147 -23.29 -22.56 -31.89
CA HIS A 147 -22.09 -23.00 -31.21
C HIS A 147 -20.89 -22.22 -31.72
N PRO A 148 -19.88 -21.97 -30.88
CA PRO A 148 -18.71 -21.20 -31.35
C PRO A 148 -18.01 -21.81 -32.56
N PHE A 149 -18.07 -23.13 -32.73
CA PHE A 149 -17.51 -23.73 -33.95
C PHE A 149 -18.21 -23.21 -35.19
N ARG A 150 -19.55 -23.10 -35.15
CA ARG A 150 -20.28 -22.60 -36.31
C ARG A 150 -20.00 -21.12 -36.54
N GLU A 151 -19.83 -20.34 -35.46
CA GLU A 151 -19.43 -18.94 -35.61
C GLU A 151 -18.07 -18.84 -36.28
N PHE A 152 -17.11 -19.67 -35.86
CA PHE A 152 -15.79 -19.66 -36.47
C PHE A 152 -15.87 -20.09 -37.93
N MET A 153 -16.78 -21.01 -38.25
CA MET A 153 -16.99 -21.39 -39.64
C MET A 153 -17.56 -20.23 -40.46
N ARG A 154 -18.49 -19.47 -39.89
CA ARG A 154 -19.00 -18.28 -40.57
C ARG A 154 -17.90 -17.25 -40.76
N LEU A 155 -16.92 -17.23 -39.85
CA LEU A 155 -15.76 -16.36 -40.06
C LEU A 155 -15.03 -16.69 -41.36
N PHE A 156 -15.03 -17.96 -41.77
CA PHE A 156 -14.52 -18.30 -43.09
C PHE A 156 -15.38 -17.70 -44.20
N THR A 157 -16.69 -17.68 -44.02
CA THR A 157 -17.58 -17.11 -45.03
C THR A 157 -17.34 -15.62 -45.19
N ILE A 158 -17.26 -14.86 -44.09
CA ILE A 158 -17.06 -13.42 -44.19
C ILE A 158 -15.66 -13.09 -44.68
N ALA A 159 -14.66 -13.85 -44.28
CA ALA A 159 -13.29 -13.58 -44.71
C ALA A 159 -13.13 -13.89 -46.20
N ASN A 160 -11.91 -13.65 -46.70
CA ASN A 160 -11.61 -13.87 -48.10
C ASN A 160 -11.88 -15.32 -48.49
N GLN A 161 -12.57 -15.50 -49.63
CA GLN A 161 -13.03 -16.81 -50.06
C GLN A 161 -11.94 -17.64 -50.73
N THR A 162 -10.73 -17.11 -50.88
CA THR A 162 -9.62 -17.87 -51.44
C THR A 162 -8.38 -17.59 -50.62
N LYS A 163 -7.38 -18.46 -50.77
CA LYS A 163 -6.18 -18.43 -49.95
C LYS A 163 -6.58 -18.55 -48.48
N LEU A 164 -7.11 -19.74 -48.16
CA LEU A 164 -7.81 -20.02 -46.93
C LEU A 164 -7.18 -21.23 -46.24
N PRO A 165 -7.12 -21.24 -44.91
CA PRO A 165 -6.47 -22.35 -44.22
C PRO A 165 -7.28 -23.64 -44.28
N ARG A 166 -6.56 -24.76 -44.18
CA ARG A 166 -7.21 -26.06 -44.11
C ARG A 166 -7.90 -26.24 -42.76
N VAL A 167 -8.97 -27.02 -42.75
CA VAL A 167 -9.73 -27.28 -41.54
C VAL A 167 -10.09 -28.75 -41.47
N VAL A 168 -9.93 -29.34 -40.28
CA VAL A 168 -10.27 -30.73 -40.05
C VAL A 168 -11.02 -30.84 -38.73
N GLY A 169 -12.07 -31.65 -38.70
CA GLY A 169 -12.80 -31.92 -37.48
C GLY A 169 -12.53 -33.33 -36.98
N LEU A 170 -12.24 -33.43 -35.68
CA LEU A 170 -12.01 -34.70 -35.03
C LEU A 170 -13.25 -35.08 -34.23
N THR A 171 -13.80 -36.26 -34.50
CA THR A 171 -15.01 -36.70 -33.82
C THR A 171 -15.11 -38.21 -33.85
N GLY A 172 -15.77 -38.74 -32.81
CA GLY A 172 -16.19 -40.13 -32.77
C GLY A 172 -17.67 -40.31 -32.86
N VAL A 173 -18.45 -39.23 -32.74
CA VAL A 173 -19.89 -39.26 -32.91
C VAL A 173 -20.24 -38.05 -33.77
N LEU A 174 -21.25 -38.20 -34.62
CA LEU A 174 -21.73 -37.08 -35.43
C LEU A 174 -23.10 -36.58 -35.03
N ILE A 175 -23.99 -37.48 -34.62
CA ILE A 175 -25.35 -37.09 -34.26
C ILE A 175 -25.37 -36.68 -32.79
N LYS A 176 -25.64 -35.41 -32.54
CA LYS A 176 -25.86 -34.95 -31.17
C LYS A 176 -27.34 -35.06 -30.81
N GLY A 177 -27.60 -35.76 -29.71
CA GLY A 177 -28.97 -35.94 -29.28
C GLY A 177 -29.69 -37.06 -30.02
N ASN A 178 -30.98 -36.85 -30.26
CA ASN A 178 -31.85 -37.88 -30.82
C ASN A 178 -32.30 -37.57 -32.25
N GLU A 179 -31.44 -36.91 -33.03
CA GLU A 179 -31.74 -36.70 -34.45
C GLU A 179 -31.27 -37.92 -35.24
N ILE A 180 -31.85 -39.08 -34.95
CA ILE A 180 -31.37 -40.35 -35.49
C ILE A 180 -32.12 -40.70 -36.77
N THR A 181 -32.97 -39.80 -37.25
CA THR A 181 -33.74 -40.01 -38.45
C THR A 181 -33.21 -39.13 -39.57
N ASN A 182 -33.10 -39.71 -40.77
CA ASN A 182 -32.50 -39.05 -41.93
C ASN A 182 -31.09 -38.56 -41.63
N VAL A 183 -30.21 -39.48 -41.24
CA VAL A 183 -28.86 -39.10 -40.83
C VAL A 183 -28.05 -38.55 -42.00
N ALA A 184 -28.46 -38.88 -43.24
CA ALA A 184 -27.73 -38.37 -44.40
C ALA A 184 -27.79 -36.86 -44.48
N THR A 185 -28.95 -36.27 -44.21
CA THR A 185 -29.09 -34.82 -44.24
C THR A 185 -28.23 -34.16 -43.17
N LYS A 186 -28.22 -34.73 -41.95
CA LYS A 186 -27.40 -34.17 -40.89
C LYS A 186 -25.92 -34.28 -41.22
N LEU A 187 -25.52 -35.41 -41.81
CA LEU A 187 -24.12 -35.57 -42.20
C LEU A 187 -23.73 -34.57 -43.28
N LYS A 188 -24.63 -34.33 -44.24
CA LYS A 188 -24.35 -33.32 -45.26
C LYS A 188 -24.28 -31.92 -44.64
N GLU A 189 -25.11 -31.65 -43.65
CA GLU A 189 -25.04 -30.37 -42.94
C GLU A 189 -23.71 -30.20 -42.24
N LEU A 190 -23.22 -31.25 -41.59
CA LEU A 190 -21.90 -31.19 -40.97
C LEU A 190 -20.80 -31.01 -42.01
N GLU A 191 -20.96 -31.66 -43.16
CA GLU A 191 -19.99 -31.49 -44.25
C GLU A 191 -19.91 -30.05 -44.70
N ILE A 192 -21.06 -29.44 -45.00
CA ILE A 192 -21.07 -28.07 -45.51
C ILE A 192 -20.67 -27.09 -44.43
N THR A 193 -20.94 -27.41 -43.16
CA THR A 193 -20.53 -26.54 -42.06
C THR A 193 -19.02 -26.41 -42.00
N TYR A 194 -18.31 -27.53 -42.13
CA TYR A 194 -16.86 -27.55 -42.06
C TYR A 194 -16.22 -27.57 -43.44
N ARG A 195 -17.00 -27.34 -44.49
CA ARG A 195 -16.54 -27.27 -45.88
C ARG A 195 -15.50 -28.35 -46.20
N GLY A 196 -15.83 -29.58 -45.83
CA GLY A 196 -14.92 -30.70 -46.05
C GLY A 196 -15.69 -31.97 -46.31
N ASN A 197 -14.95 -33.03 -46.60
CA ASN A 197 -15.52 -34.33 -46.90
C ASN A 197 -15.14 -35.33 -45.81
N ILE A 198 -16.15 -35.91 -45.17
CA ILE A 198 -15.91 -36.84 -44.07
C ILE A 198 -15.27 -38.11 -44.60
N ILE A 199 -14.28 -38.62 -43.87
CA ILE A 199 -13.56 -39.84 -44.23
C ILE A 199 -13.68 -40.84 -43.09
N THR A 200 -13.82 -42.11 -43.43
CA THR A 200 -13.98 -43.18 -42.46
C THR A 200 -13.42 -44.46 -43.06
N VAL A 201 -13.70 -45.59 -42.40
CA VAL A 201 -13.24 -46.89 -42.86
C VAL A 201 -13.77 -47.19 -44.26
N SER A 202 -12.88 -47.59 -45.15
CA SER A 202 -13.24 -48.00 -46.50
C SER A 202 -12.71 -49.37 -46.86
N ASP A 203 -11.55 -49.76 -46.32
CA ASP A 203 -11.00 -51.10 -46.53
C ASP A 203 -11.32 -51.94 -45.30
N THR A 204 -12.25 -52.87 -45.45
CA THR A 204 -12.64 -53.75 -44.35
C THR A 204 -11.51 -54.67 -43.91
N LYS A 205 -10.50 -54.86 -44.73
CA LYS A 205 -9.39 -55.76 -44.39
C LYS A 205 -8.44 -55.11 -43.40
N GLU A 206 -7.84 -53.97 -43.79
CA GLU A 206 -6.71 -53.46 -43.02
C GLU A 206 -7.17 -52.45 -41.97
N MET A 207 -8.07 -51.52 -42.32
CA MET A 207 -8.43 -50.49 -41.37
C MET A 207 -9.19 -51.08 -40.18
N GLU A 208 -10.17 -51.95 -40.46
CA GLU A 208 -10.95 -52.55 -39.38
C GLU A 208 -10.08 -53.41 -38.48
N ASN A 209 -9.21 -54.22 -39.07
CA ASN A 209 -8.38 -55.13 -38.26
C ASN A 209 -7.35 -54.37 -37.44
N VAL A 210 -6.82 -53.26 -37.98
CA VAL A 210 -5.92 -52.45 -37.15
C VAL A 210 -6.69 -51.75 -36.05
N MET A 211 -7.90 -51.25 -36.33
CA MET A 211 -8.68 -50.58 -35.31
C MET A 211 -9.17 -51.54 -34.23
N LEU A 212 -9.20 -52.84 -34.55
CA LEU A 212 -9.70 -53.85 -33.62
C LEU A 212 -9.08 -53.74 -32.24
N TYR A 213 -7.91 -53.13 -32.12
CA TYR A 213 -7.32 -52.93 -30.79
C TYR A 213 -8.22 -52.06 -29.92
N ALA A 214 -8.97 -51.14 -30.53
CA ALA A 214 -10.03 -50.41 -29.84
C ALA A 214 -11.33 -51.22 -29.93
N THR A 215 -11.39 -52.28 -29.11
CA THR A 215 -12.43 -53.28 -29.23
C THR A 215 -13.81 -52.70 -28.92
N LYS A 216 -14.82 -53.26 -29.58
CA LYS A 216 -16.19 -52.96 -29.23
C LYS A 216 -16.57 -53.71 -27.95
N PRO A 217 -17.44 -53.14 -27.12
CA PRO A 217 -17.78 -53.80 -25.85
C PRO A 217 -18.87 -54.84 -26.04
N THR A 218 -19.04 -55.65 -25.00
CA THR A 218 -20.16 -56.58 -24.93
C THR A 218 -21.31 -55.88 -24.20
N GLU A 219 -22.41 -55.66 -24.92
CA GLU A 219 -23.52 -54.85 -24.43
C GLU A 219 -24.48 -55.73 -23.66
N VAL A 220 -24.75 -55.37 -22.40
CA VAL A 220 -25.54 -56.19 -21.49
C VAL A 220 -26.63 -55.31 -20.88
N MET A 221 -27.71 -55.95 -20.46
CA MET A 221 -28.87 -55.27 -19.88
C MET A 221 -29.23 -55.96 -18.57
N VAL A 222 -29.51 -55.15 -17.55
CA VAL A 222 -29.94 -55.62 -16.24
C VAL A 222 -31.22 -54.92 -15.86
N SER A 223 -32.22 -55.69 -15.44
CA SER A 223 -33.55 -55.16 -15.18
C SER A 223 -33.87 -55.22 -13.69
N PHE A 224 -34.75 -54.32 -13.27
CA PHE A 224 -35.23 -54.26 -11.89
C PHE A 224 -36.73 -53.99 -11.90
N PRO A 225 -37.46 -54.47 -10.90
CA PRO A 225 -38.91 -54.25 -10.88
C PRO A 225 -39.25 -52.79 -10.62
N HIS A 226 -40.42 -52.38 -11.13
CA HIS A 226 -40.91 -51.03 -10.89
C HIS A 226 -41.41 -50.91 -9.45
N GLN A 227 -41.13 -49.77 -8.84
CA GLN A 227 -41.54 -49.48 -7.47
C GLN A 227 -42.76 -48.58 -7.48
N GLU A 228 -43.89 -49.09 -6.99
CA GLU A 228 -45.14 -48.35 -6.97
C GLU A 228 -45.42 -47.72 -5.61
N GLN A 229 -44.95 -48.34 -4.53
CA GLN A 229 -45.22 -47.85 -3.19
C GLN A 229 -44.11 -46.92 -2.71
N VAL A 230 -44.51 -45.85 -2.04
CA VAL A 230 -43.59 -44.90 -1.42
C VAL A 230 -43.76 -45.00 0.10
N LEU A 231 -42.65 -44.95 0.82
CA LEU A 231 -42.68 -45.15 2.26
C LEU A 231 -43.39 -44.00 2.96
N THR A 232 -43.80 -44.24 4.21
CA THR A 232 -44.45 -43.19 4.99
C THR A 232 -43.52 -42.02 5.25
N VAL A 233 -42.26 -42.32 5.60
CA VAL A 233 -41.29 -41.26 5.84
C VAL A 233 -41.09 -40.41 4.59
N THR A 234 -41.29 -41.02 3.41
CA THR A 234 -41.23 -40.23 2.18
C THR A 234 -42.31 -39.16 2.15
N ARG A 235 -43.54 -39.51 2.51
CA ARG A 235 -44.62 -38.52 2.50
C ARG A 235 -44.42 -37.49 3.61
N LEU A 236 -43.87 -37.92 4.76
CA LEU A 236 -43.58 -36.97 5.83
C LEU A 236 -42.54 -35.94 5.37
N ILE A 237 -41.46 -36.41 4.74
CA ILE A 237 -40.43 -35.50 4.26
C ILE A 237 -40.98 -34.59 3.18
N SER A 238 -41.81 -35.13 2.29
CA SER A 238 -42.42 -34.30 1.25
C SER A 238 -43.29 -33.21 1.84
N ALA A 239 -44.10 -33.54 2.85
CA ALA A 239 -44.95 -32.55 3.49
C ALA A 239 -44.11 -31.47 4.18
N GLU A 240 -43.04 -31.90 4.87
CA GLU A 240 -42.17 -30.93 5.54
C GLU A 240 -41.51 -29.99 4.52
N ILE A 241 -41.06 -30.54 3.39
CA ILE A 241 -40.43 -29.71 2.38
C ILE A 241 -41.44 -28.76 1.75
N GLU A 242 -42.69 -29.22 1.59
CA GLU A 242 -43.72 -28.36 1.03
C GLU A 242 -44.04 -27.19 1.96
N LYS A 243 -44.17 -27.47 3.26
CA LYS A 243 -44.43 -26.38 4.19
C LYS A 243 -43.23 -25.44 4.30
N PHE A 244 -42.01 -25.98 4.16
CA PHE A 244 -40.83 -25.12 4.10
C PHE A 244 -40.86 -24.24 2.85
N TYR A 245 -41.32 -24.79 1.73
CA TYR A 245 -41.48 -23.98 0.52
C TYR A 245 -42.49 -22.85 0.74
N VAL A 246 -43.59 -23.17 1.42
CA VAL A 246 -44.59 -22.15 1.74
C VAL A 246 -43.96 -21.04 2.58
N SER A 247 -43.19 -21.44 3.61
CA SER A 247 -42.54 -20.45 4.46
C SER A 247 -41.54 -19.62 3.66
N LEU A 248 -40.78 -20.26 2.78
CA LEU A 248 -39.78 -19.55 1.97
C LEU A 248 -40.44 -18.53 1.06
N ASP A 249 -41.55 -18.92 0.42
CA ASP A 249 -42.28 -17.96 -0.41
C ASP A 249 -42.84 -16.82 0.43
N LEU A 250 -43.32 -17.13 1.64
CA LEU A 250 -43.79 -16.07 2.52
C LEU A 250 -42.64 -15.23 3.06
N MET A 251 -41.44 -15.80 3.17
CA MET A 251 -40.32 -15.11 3.77
C MET A 251 -39.92 -13.90 2.94
N ASN A 252 -39.68 -12.77 3.61
CA ASN A 252 -39.39 -11.50 2.95
C ASN A 252 -37.91 -11.17 3.12
N ILE A 253 -37.10 -11.69 2.19
CA ILE A 253 -35.68 -11.35 2.13
C ILE A 253 -35.54 -10.00 1.45
N GLY A 254 -34.34 -9.43 1.51
CA GLY A 254 -34.09 -8.17 0.83
C GLY A 254 -34.30 -8.27 -0.67
N VAL A 255 -34.51 -7.11 -1.29
CA VAL A 255 -34.83 -7.06 -2.71
C VAL A 255 -33.66 -7.61 -3.53
N GLN A 256 -33.99 -8.40 -4.55
CA GLN A 256 -33.02 -9.09 -5.39
C GLN A 256 -33.26 -8.75 -6.86
N PRO A 257 -32.26 -8.93 -7.71
CA PRO A 257 -32.46 -8.66 -9.14
C PRO A 257 -33.60 -9.47 -9.72
N ILE A 258 -34.37 -8.85 -10.62
CA ILE A 258 -35.56 -9.50 -11.15
C ILE A 258 -35.17 -10.60 -12.12
N ARG A 259 -35.61 -11.81 -11.84
CA ARG A 259 -35.38 -12.97 -12.69
C ARG A 259 -36.70 -13.38 -13.33
N ARG A 260 -36.66 -13.68 -14.63
CA ARG A 260 -37.87 -14.03 -15.35
C ARG A 260 -37.58 -15.14 -16.34
N SER A 261 -38.63 -15.63 -16.98
CA SER A 261 -38.57 -16.82 -17.81
C SER A 261 -37.67 -16.63 -19.03
N LYS A 262 -37.42 -17.74 -19.75
CA LYS A 262 -36.51 -17.70 -20.89
C LYS A 262 -37.01 -16.78 -21.99
N SER A 263 -38.31 -16.81 -22.29
CA SER A 263 -38.90 -15.94 -23.30
C SER A 263 -39.47 -14.67 -22.66
N LEU A 264 -39.20 -14.48 -21.37
CA LEU A 264 -39.45 -13.24 -20.63
C LEU A 264 -40.93 -12.86 -20.57
N GLN A 265 -41.85 -13.80 -20.80
CA GLN A 265 -43.26 -13.45 -20.68
C GLN A 265 -43.81 -13.77 -19.29
N CYS A 266 -43.03 -14.43 -18.43
CA CYS A 266 -43.48 -14.75 -17.08
C CYS A 266 -42.34 -14.50 -16.11
N LEU A 267 -42.70 -14.11 -14.89
CA LEU A 267 -41.71 -13.80 -13.87
C LEU A 267 -41.28 -15.07 -13.13
N ARG A 268 -40.08 -15.02 -12.57
CA ARG A 268 -39.49 -16.16 -11.88
C ARG A 268 -39.00 -15.72 -10.51
N ASP A 269 -38.84 -16.69 -9.62
CA ASP A 269 -38.36 -16.40 -8.27
C ASP A 269 -36.90 -15.93 -8.31
N PRO A 270 -36.46 -15.21 -7.29
CA PRO A 270 -35.06 -14.76 -7.26
C PRO A 270 -34.10 -15.93 -7.17
N SER A 271 -32.87 -15.68 -7.63
CA SER A 271 -31.89 -16.76 -7.81
C SER A 271 -31.56 -17.45 -6.49
N LYS A 272 -31.53 -16.70 -5.38
CA LYS A 272 -31.16 -17.31 -4.11
C LYS A 272 -32.23 -18.26 -3.59
N LYS A 273 -33.50 -17.89 -3.68
CA LYS A 273 -34.56 -18.83 -3.33
C LYS A 273 -34.64 -19.96 -4.33
N SER A 274 -34.39 -19.66 -5.60
CA SER A 274 -34.36 -20.69 -6.63
C SER A 274 -33.30 -21.74 -6.32
N PHE A 275 -32.18 -21.32 -5.72
CA PHE A 275 -31.10 -22.25 -5.43
C PHE A 275 -31.52 -23.28 -4.37
N VAL A 276 -32.12 -22.81 -3.27
CA VAL A 276 -32.55 -23.75 -2.23
C VAL A 276 -33.69 -24.62 -2.74
N LYS A 277 -34.60 -24.04 -3.54
CA LYS A 277 -35.65 -24.87 -4.13
C LYS A 277 -35.07 -25.94 -5.04
N GLN A 278 -34.06 -25.58 -5.83
CA GLN A 278 -33.41 -26.54 -6.72
C GLN A 278 -32.73 -27.65 -5.93
N LEU A 279 -32.03 -27.29 -4.86
CA LEU A 279 -31.34 -28.29 -4.05
C LEU A 279 -32.34 -29.24 -3.41
N PHE A 280 -33.45 -28.71 -2.90
CA PHE A 280 -34.42 -29.60 -2.27
C PHE A 280 -35.14 -30.47 -3.29
N ASN A 281 -35.40 -29.93 -4.48
CA ASN A 281 -35.98 -30.76 -5.55
C ASN A 281 -35.03 -31.88 -5.95
N ASP A 282 -33.74 -31.57 -6.04
CA ASP A 282 -32.75 -32.60 -6.36
C ASP A 282 -32.67 -33.65 -5.25
N PHE A 283 -32.74 -33.22 -4.00
CA PHE A 283 -32.73 -34.18 -2.89
C PHE A 283 -33.97 -35.07 -2.94
N LEU A 284 -35.14 -34.50 -3.25
CA LEU A 284 -36.34 -35.31 -3.41
C LEU A 284 -36.21 -36.28 -4.56
N TYR A 285 -35.59 -35.87 -5.67
CA TYR A 285 -35.36 -36.79 -6.78
C TYR A 285 -34.48 -37.95 -6.34
N GLN A 286 -33.38 -37.65 -5.63
CA GLN A 286 -32.51 -38.71 -5.14
C GLN A 286 -33.26 -39.63 -4.19
N MET A 287 -34.06 -39.05 -3.30
CA MET A 287 -34.85 -39.79 -2.33
C MET A 287 -35.83 -40.74 -3.01
N LYS A 288 -36.52 -40.25 -4.04
CA LYS A 288 -37.53 -41.07 -4.71
C LYS A 288 -36.89 -42.13 -5.59
N GLU A 289 -35.77 -41.79 -6.24
CA GLU A 289 -35.21 -42.68 -7.26
C GLU A 289 -34.28 -43.72 -6.67
N TYR A 290 -33.57 -43.39 -5.58
CA TYR A 290 -32.44 -44.20 -5.16
C TYR A 290 -32.55 -44.76 -3.75
N GLY A 291 -33.59 -44.42 -2.99
CA GLY A 291 -33.85 -45.08 -1.74
C GLY A 291 -33.52 -44.24 -0.50
N ILE A 292 -33.80 -44.84 0.66
CA ILE A 292 -33.67 -44.12 1.93
C ILE A 292 -32.21 -43.88 2.28
N TYR A 293 -31.36 -44.90 2.11
CA TYR A 293 -29.93 -44.74 2.42
C TYR A 293 -29.28 -43.73 1.49
N ALA A 294 -29.63 -43.79 0.20
CA ALA A 294 -29.20 -42.77 -0.74
C ALA A 294 -29.64 -41.38 -0.29
N ALA A 295 -30.86 -41.27 0.24
CA ALA A 295 -31.34 -40.00 0.75
C ALA A 295 -30.55 -39.59 2.00
N SER A 296 -30.11 -40.56 2.79
CA SER A 296 -29.31 -40.26 3.98
C SER A 296 -27.94 -39.73 3.63
N ILE A 297 -27.39 -40.09 2.48
CA ILE A 297 -26.18 -39.45 2.00
C ILE A 297 -26.47 -38.10 1.33
N ALA A 298 -27.56 -38.02 0.58
CA ALA A 298 -27.92 -36.78 -0.09
C ALA A 298 -28.23 -35.68 0.92
N ILE A 299 -28.76 -36.04 2.08
CA ILE A 299 -29.04 -35.04 3.11
C ILE A 299 -27.75 -34.52 3.71
N ILE A 300 -26.71 -35.37 3.80
CA ILE A 300 -25.38 -34.89 4.19
C ILE A 300 -24.87 -33.89 3.16
N SER A 301 -25.03 -34.21 1.87
CA SER A 301 -24.61 -33.29 0.82
C SER A 301 -25.34 -31.95 0.92
N LEU A 302 -26.65 -32.00 1.16
CA LEU A 302 -27.42 -30.78 1.35
C LEU A 302 -26.95 -30.02 2.58
N ILE A 303 -26.61 -30.74 3.65
CA ILE A 303 -26.13 -30.09 4.87
C ILE A 303 -24.87 -29.30 4.59
N VAL A 304 -23.90 -29.92 3.90
CA VAL A 304 -22.64 -29.22 3.66
C VAL A 304 -22.84 -28.06 2.68
N GLU A 305 -23.65 -28.26 1.64
CA GLU A 305 -23.89 -27.17 0.69
C GLU A 305 -24.59 -25.99 1.36
N PHE A 306 -25.59 -26.25 2.19
CA PHE A 306 -26.29 -25.19 2.88
C PHE A 306 -25.40 -24.50 3.91
N ASP A 307 -24.51 -25.26 4.57
CA ASP A 307 -23.56 -24.65 5.49
C ASP A 307 -22.62 -23.71 4.74
N ILE A 308 -22.15 -24.13 3.57
CA ILE A 308 -21.28 -23.25 2.78
C ILE A 308 -22.02 -21.99 2.37
N LYS A 309 -23.27 -22.13 1.89
CA LYS A 309 -24.04 -20.97 1.48
C LYS A 309 -24.30 -20.02 2.65
N ARG A 310 -24.62 -20.57 3.83
CA ARG A 310 -24.82 -19.72 5.00
C ARG A 310 -23.52 -19.02 5.39
N ARG A 311 -22.39 -19.73 5.31
CA ARG A 311 -21.10 -19.14 5.61
C ARG A 311 -20.75 -18.02 4.64
N GLN A 312 -21.24 -18.09 3.40
CA GLN A 312 -20.98 -17.04 2.41
C GLN A 312 -22.15 -16.09 2.21
N ALA A 313 -23.17 -16.13 3.06
CA ALA A 313 -24.33 -15.27 2.89
C ALA A 313 -23.96 -13.81 3.14
N GLU A 314 -24.52 -12.91 2.34
CA GLU A 314 -24.18 -11.50 2.36
C GLU A 314 -25.18 -10.65 3.16
N THR A 315 -26.21 -11.26 3.72
CA THR A 315 -27.26 -10.49 4.37
C THR A 315 -27.84 -11.33 5.51
N LEU A 316 -28.34 -10.65 6.55
CA LEU A 316 -28.92 -11.36 7.69
C LEU A 316 -30.11 -12.21 7.26
N SER A 317 -30.92 -11.69 6.34
CA SER A 317 -32.08 -12.45 5.87
C SER A 317 -31.66 -13.71 5.14
N VAL A 318 -30.62 -13.63 4.31
CA VAL A 318 -30.12 -14.80 3.62
C VAL A 318 -29.57 -15.82 4.61
N LYS A 319 -28.88 -15.33 5.65
CA LYS A 319 -28.40 -16.21 6.70
C LYS A 319 -29.56 -16.91 7.39
N LEU A 320 -30.64 -16.19 7.65
CA LEU A 320 -31.81 -16.80 8.28
C LEU A 320 -32.44 -17.85 7.38
N MET A 321 -32.53 -17.57 6.08
CA MET A 321 -33.06 -18.55 5.14
C MET A 321 -32.24 -19.82 5.16
N HIS A 322 -30.91 -19.68 5.08
CA HIS A 322 -30.05 -20.86 5.06
C HIS A 322 -30.04 -21.57 6.41
N ARG A 323 -30.24 -20.83 7.51
CA ARG A 323 -30.35 -21.47 8.82
C ARG A 323 -31.62 -22.31 8.91
N THR A 324 -32.74 -21.78 8.41
CA THR A 324 -33.97 -22.56 8.39
C THR A 324 -33.83 -23.79 7.52
N ALA A 325 -33.19 -23.64 6.36
CA ALA A 325 -32.93 -24.79 5.50
C ALA A 325 -32.05 -25.81 6.21
N LEU A 326 -31.05 -25.34 6.94
CA LEU A 326 -30.13 -26.24 7.65
C LEU A 326 -30.86 -27.02 8.74
N THR A 327 -31.72 -26.35 9.51
CA THR A 327 -32.40 -27.06 10.58
C THR A 327 -33.45 -28.02 10.03
N LEU A 328 -34.10 -27.66 8.92
CA LEU A 328 -35.01 -28.60 8.28
C LEU A 328 -34.27 -29.83 7.76
N CYS A 329 -33.09 -29.61 7.17
CA CYS A 329 -32.27 -30.73 6.73
C CYS A 329 -31.84 -31.60 7.91
N GLU A 330 -31.53 -30.97 9.05
CA GLU A 330 -31.19 -31.73 10.24
C GLU A 330 -32.36 -32.59 10.71
N LYS A 331 -33.57 -32.03 10.69
CA LYS A 331 -34.75 -32.80 11.06
C LYS A 331 -34.95 -33.98 10.11
N ILE A 332 -34.77 -33.75 8.81
CA ILE A 332 -34.91 -34.82 7.82
C ILE A 332 -33.87 -35.90 8.06
N ARG A 333 -32.64 -35.51 8.34
CA ARG A 333 -31.57 -36.47 8.63
C ARG A 333 -31.89 -37.29 9.87
N HIS A 334 -32.42 -36.62 10.91
CA HIS A 334 -32.82 -37.34 12.12
C HIS A 334 -33.86 -38.40 11.80
N LEU A 335 -34.87 -38.01 11.00
CA LEU A 335 -35.90 -38.97 10.61
C LEU A 335 -35.30 -40.14 9.83
N LEU A 336 -34.38 -39.85 8.91
CA LEU A 336 -33.81 -40.90 8.08
C LEU A 336 -33.00 -41.90 8.90
N VAL A 337 -32.14 -41.40 9.79
CA VAL A 337 -31.36 -42.31 10.63
C VAL A 337 -32.27 -43.06 11.59
N GLN A 338 -33.34 -42.43 12.07
CA GLN A 338 -34.30 -43.15 12.89
C GLN A 338 -34.88 -44.32 12.12
N LYS A 339 -35.33 -44.07 10.89
CA LYS A 339 -35.93 -45.11 10.08
C LYS A 339 -34.94 -46.23 9.80
N LEU A 340 -33.66 -45.90 9.64
CA LEU A 340 -32.65 -46.93 9.50
C LEU A 340 -32.51 -47.76 10.77
N GLN A 341 -32.44 -47.10 11.93
CA GLN A 341 -32.23 -47.84 13.18
C GLN A 341 -33.40 -48.75 13.51
N ASP A 342 -34.62 -48.39 13.11
CA ASP A 342 -35.74 -49.31 13.29
C ASP A 342 -35.46 -50.70 12.72
N MET A 343 -34.78 -50.78 11.57
CA MET A 343 -34.46 -52.10 11.06
C MET A 343 -33.14 -52.60 11.61
N THR A 344 -32.20 -51.70 11.92
CA THR A 344 -30.92 -52.16 12.47
C THR A 344 -31.07 -52.76 13.86
N TYR A 345 -32.18 -52.50 14.55
CA TYR A 345 -32.41 -53.16 15.83
C TYR A 345 -32.63 -54.66 15.70
N ASP A 346 -32.58 -55.21 14.49
CA ASP A 346 -32.86 -56.63 14.31
C ASP A 346 -31.77 -57.52 14.89
N ASP A 347 -30.50 -57.21 14.61
CA ASP A 347 -29.41 -58.10 14.99
C ASP A 347 -28.19 -57.27 15.35
N ASP A 348 -27.13 -57.97 15.76
CA ASP A 348 -25.93 -57.34 16.30
C ASP A 348 -24.73 -57.37 15.36
N ASP A 349 -24.77 -58.20 14.30
CA ASP A 349 -23.64 -58.30 13.37
C ASP A 349 -23.60 -57.01 12.54
N ASP A 350 -22.77 -56.07 13.00
CA ASP A 350 -22.83 -54.70 12.51
C ASP A 350 -22.50 -54.59 11.03
N ASN A 351 -21.51 -55.36 10.54
CA ASN A 351 -21.21 -55.32 9.11
C ASN A 351 -22.36 -55.89 8.30
N VAL A 352 -22.86 -57.06 8.68
CA VAL A 352 -24.02 -57.63 8.01
C VAL A 352 -25.24 -56.73 8.22
N ASN A 353 -25.32 -56.07 9.38
CA ASN A 353 -26.43 -55.17 9.64
C ASN A 353 -26.42 -54.00 8.66
N THR A 354 -25.25 -53.40 8.44
CA THR A 354 -25.15 -52.32 7.47
C THR A 354 -25.46 -52.81 6.07
N GLU A 355 -24.96 -53.99 5.71
CA GLU A 355 -25.27 -54.54 4.40
C GLU A 355 -26.77 -54.72 4.22
N GLU A 356 -27.47 -55.24 5.24
CA GLU A 356 -28.87 -55.53 5.09
C GLU A 356 -29.73 -54.27 5.14
N VAL A 357 -29.31 -53.24 5.88
CA VAL A 357 -30.08 -52.00 5.85
C VAL A 357 -29.93 -51.33 4.49
N ILE A 358 -28.71 -51.36 3.94
CA ILE A 358 -28.50 -50.86 2.58
C ILE A 358 -29.38 -51.62 1.60
N MET A 359 -29.43 -52.95 1.74
CA MET A 359 -30.25 -53.76 0.84
C MET A 359 -31.74 -53.46 1.00
N ASN A 360 -32.22 -53.31 2.23
CA ASN A 360 -33.65 -53.18 2.49
C ASN A 360 -34.20 -51.79 2.18
N PHE A 361 -33.44 -50.73 2.44
CA PHE A 361 -33.92 -49.39 2.18
C PHE A 361 -33.47 -48.82 0.84
N SER A 362 -32.74 -49.59 0.04
CA SER A 362 -32.44 -49.14 -1.31
C SER A 362 -33.62 -49.38 -2.24
N THR A 363 -33.62 -48.63 -3.34
CA THR A 363 -34.54 -48.93 -4.43
C THR A 363 -34.10 -50.23 -5.10
N PRO A 364 -35.04 -50.97 -5.70
CA PRO A 364 -34.64 -52.20 -6.41
C PRO A 364 -33.64 -51.95 -7.52
N LYS A 365 -33.63 -50.75 -8.10
CA LYS A 365 -32.62 -50.42 -9.12
C LYS A 365 -31.22 -50.46 -8.54
N VAL A 366 -31.00 -49.75 -7.44
CA VAL A 366 -29.68 -49.76 -6.80
C VAL A 366 -29.40 -51.13 -6.16
N GLN A 367 -30.44 -51.84 -5.71
CA GLN A 367 -30.26 -53.20 -5.24
C GLN A 367 -29.64 -54.06 -6.34
N ARG A 368 -30.25 -54.03 -7.53
CA ARG A 368 -29.71 -54.76 -8.68
C ARG A 368 -28.31 -54.29 -9.01
N PHE A 369 -28.06 -52.98 -8.88
CA PHE A 369 -26.71 -52.45 -9.10
C PHE A 369 -25.71 -53.12 -8.18
N LEU A 370 -26.02 -53.20 -6.88
CA LEU A 370 -25.10 -53.76 -5.91
C LEU A 370 -24.87 -55.25 -6.17
N MET A 371 -25.95 -56.00 -6.46
CA MET A 371 -25.77 -57.41 -6.76
C MET A 371 -24.94 -57.60 -8.03
N SER A 372 -25.13 -56.73 -9.03
CA SER A 372 -24.34 -56.83 -10.25
C SER A 372 -22.86 -56.60 -9.98
N LEU A 373 -22.54 -55.58 -9.16
CA LEU A 373 -21.14 -55.38 -8.79
C LEU A 373 -20.60 -56.59 -8.04
N LYS A 374 -21.37 -57.12 -7.09
CA LYS A 374 -20.89 -58.24 -6.28
C LYS A 374 -20.60 -59.46 -7.14
N VAL A 375 -21.48 -59.75 -8.11
CA VAL A 375 -21.25 -60.92 -8.95
C VAL A 375 -20.16 -60.66 -9.99
N SER A 376 -20.04 -59.42 -10.46
CA SER A 376 -19.07 -59.13 -11.52
C SER A 376 -17.64 -59.10 -10.99
N PHE A 377 -17.42 -58.49 -9.83
CA PHE A 377 -16.07 -58.32 -9.32
C PHE A 377 -15.57 -59.52 -8.53
N ALA A 378 -16.25 -59.88 -7.45
CA ALA A 378 -16.02 -61.14 -6.73
C ALA A 378 -14.55 -61.30 -6.33
N ASP A 379 -14.10 -60.40 -5.46
CA ASP A 379 -12.77 -60.50 -4.83
C ASP A 379 -11.64 -60.47 -5.85
N LYS A 380 -11.86 -59.85 -7.00
CA LYS A 380 -10.83 -59.75 -8.00
C LYS A 380 -9.76 -58.74 -7.56
N ASP A 381 -8.55 -58.91 -8.09
CA ASP A 381 -7.46 -58.01 -7.72
C ASP A 381 -7.77 -56.59 -8.19
N PRO A 382 -7.58 -55.58 -7.34
CA PRO A 382 -7.94 -54.21 -7.74
C PRO A 382 -7.14 -53.68 -8.93
N LYS A 383 -5.93 -54.20 -9.16
CA LYS A 383 -5.12 -53.70 -10.26
C LYS A 383 -5.77 -53.96 -11.62
N ASP A 384 -6.56 -55.02 -11.74
CA ASP A 384 -7.19 -55.37 -13.01
C ASP A 384 -8.39 -54.49 -13.34
N ILE A 385 -9.18 -54.12 -12.34
CA ILE A 385 -10.49 -53.52 -12.56
C ILE A 385 -10.38 -52.01 -12.69
N CYS A 386 -11.00 -51.48 -13.75
CA CYS A 386 -11.16 -50.04 -13.93
C CYS A 386 -12.48 -49.81 -14.64
N CYS A 387 -13.47 -49.30 -13.91
CA CYS A 387 -14.83 -49.22 -14.44
C CYS A 387 -15.40 -47.82 -14.18
N LEU A 388 -16.29 -47.41 -15.09
CA LEU A 388 -17.01 -46.15 -14.96
C LEU A 388 -18.49 -46.41 -14.72
N VAL A 389 -19.10 -45.60 -13.88
CA VAL A 389 -20.54 -45.64 -13.63
C VAL A 389 -21.11 -44.29 -14.04
N PHE A 390 -22.13 -44.31 -14.89
CA PHE A 390 -22.73 -43.08 -15.39
C PHE A 390 -24.09 -42.86 -14.75
N VAL A 391 -24.29 -41.64 -14.23
CA VAL A 391 -25.56 -41.21 -13.69
C VAL A 391 -25.86 -39.82 -14.22
N GLU A 392 -27.14 -39.45 -14.20
CA GLU A 392 -27.56 -38.20 -14.83
C GLU A 392 -27.26 -37.00 -13.92
N ARG A 393 -27.91 -36.93 -12.76
CA ARG A 393 -27.81 -35.75 -11.92
C ARG A 393 -26.41 -35.59 -11.35
N ARG A 394 -26.04 -34.34 -11.06
CA ARG A 394 -24.73 -34.08 -10.47
C ARG A 394 -24.64 -34.66 -9.07
N TYR A 395 -25.62 -34.37 -8.22
CA TYR A 395 -25.59 -34.87 -6.85
C TYR A 395 -25.80 -36.37 -6.77
N THR A 396 -26.35 -36.99 -7.82
CA THR A 396 -26.42 -38.44 -7.84
C THR A 396 -25.04 -39.06 -7.79
N CYS A 397 -24.05 -38.42 -8.44
CA CYS A 397 -22.69 -38.92 -8.38
C CYS A 397 -22.19 -39.00 -6.94
N LYS A 398 -22.33 -37.90 -6.19
CA LYS A 398 -21.89 -37.88 -4.80
C LYS A 398 -22.68 -38.87 -3.96
N CYS A 399 -23.99 -38.95 -4.18
CA CYS A 399 -24.83 -39.85 -3.40
C CYS A 399 -24.43 -41.31 -3.61
N ILE A 400 -24.26 -41.71 -4.88
CA ILE A 400 -23.83 -43.07 -5.18
C ILE A 400 -22.42 -43.31 -4.68
N TYR A 401 -21.56 -42.30 -4.72
CA TYR A 401 -20.21 -42.46 -4.18
C TYR A 401 -20.25 -42.79 -2.70
N GLY A 402 -21.02 -42.03 -1.92
CA GLY A 402 -21.14 -42.31 -0.50
C GLY A 402 -21.77 -43.66 -0.22
N LEU A 403 -22.85 -43.98 -0.93
CA LEU A 403 -23.53 -45.26 -0.71
C LEU A 403 -22.62 -46.43 -1.06
N LEU A 404 -21.83 -46.29 -2.13
CA LEU A 404 -20.92 -47.36 -2.52
C LEU A 404 -19.77 -47.48 -1.54
N LEU A 405 -19.30 -46.37 -0.98
CA LEU A 405 -18.32 -46.45 0.10
C LEU A 405 -18.86 -47.26 1.26
N ASN A 406 -20.08 -46.94 1.69
CA ASN A 406 -20.68 -47.66 2.81
C ASN A 406 -20.87 -49.13 2.48
N TYR A 407 -21.32 -49.42 1.25
CA TYR A 407 -21.55 -50.81 0.85
C TYR A 407 -20.24 -51.60 0.81
N ILE A 408 -19.18 -50.98 0.28
CA ILE A 408 -17.88 -51.64 0.24
C ILE A 408 -17.39 -51.93 1.65
N GLN A 409 -17.53 -50.95 2.56
CA GLN A 409 -17.15 -51.18 3.95
C GLN A 409 -18.04 -52.22 4.62
N SER A 410 -19.22 -52.49 4.08
CA SER A 410 -20.11 -53.51 4.63
C SER A 410 -20.02 -54.84 3.91
N THR A 411 -19.14 -54.97 2.91
CA THR A 411 -19.00 -56.22 2.16
C THR A 411 -17.56 -56.69 2.25
N PRO A 412 -17.28 -57.73 3.04
CA PRO A 412 -15.92 -58.28 3.07
C PRO A 412 -15.47 -58.82 1.72
N GLU A 413 -16.40 -59.34 0.91
CA GLU A 413 -16.05 -59.80 -0.43
C GLU A 413 -15.64 -58.65 -1.34
N LEU A 414 -16.08 -57.43 -1.05
CA LEU A 414 -15.84 -56.28 -1.89
C LEU A 414 -15.02 -55.19 -1.21
N ARG A 415 -14.48 -55.45 -0.03
CA ARG A 415 -13.88 -54.42 0.82
C ARG A 415 -12.64 -53.77 0.21
N ASN A 416 -11.75 -54.56 -0.38
CA ASN A 416 -10.48 -54.05 -0.87
C ASN A 416 -10.39 -53.96 -2.39
N VAL A 417 -11.28 -54.63 -3.12
CA VAL A 417 -11.19 -54.63 -4.58
C VAL A 417 -11.52 -53.27 -5.19
N LEU A 418 -12.55 -52.58 -4.69
CA LEU A 418 -13.01 -51.34 -5.29
C LEU A 418 -12.59 -50.14 -4.45
N THR A 419 -12.06 -49.12 -5.11
CA THR A 419 -11.73 -47.84 -4.48
C THR A 419 -12.48 -46.75 -5.21
N PRO A 420 -13.70 -46.42 -4.80
CA PRO A 420 -14.54 -45.52 -5.60
C PRO A 420 -14.13 -44.07 -5.50
N GLN A 421 -14.48 -43.32 -6.55
CA GLN A 421 -14.34 -41.88 -6.57
C GLN A 421 -15.37 -41.32 -7.55
N PHE A 422 -15.76 -40.07 -7.34
CA PHE A 422 -16.82 -39.46 -8.13
C PHE A 422 -16.37 -38.13 -8.70
N MET A 423 -16.87 -37.83 -9.89
CA MET A 423 -16.48 -36.62 -10.63
C MET A 423 -17.72 -35.96 -11.20
N VAL A 424 -17.74 -34.62 -11.12
CA VAL A 424 -18.83 -33.80 -11.65
C VAL A 424 -18.20 -32.73 -12.54
N GLY A 425 -18.99 -32.28 -13.52
CA GLY A 425 -18.50 -31.34 -14.51
C GLY A 425 -18.29 -29.95 -13.94
N ARG A 426 -18.44 -28.96 -14.85
CA ARG A 426 -18.12 -27.57 -14.50
C ARG A 426 -18.99 -27.03 -13.38
N ASN A 427 -20.26 -27.41 -13.33
CA ASN A 427 -21.09 -27.02 -12.20
C ASN A 427 -20.66 -27.81 -10.97
N ASN A 428 -19.50 -27.47 -10.41
CA ASN A 428 -18.90 -28.27 -9.37
C ASN A 428 -19.70 -28.23 -8.09
N ILE A 429 -19.63 -29.31 -7.33
CA ILE A 429 -20.26 -29.42 -6.02
C ILE A 429 -19.21 -29.82 -5.00
N SER A 430 -19.51 -29.58 -3.74
CA SER A 430 -18.55 -29.83 -2.67
C SER A 430 -18.27 -31.32 -2.54
N PRO A 431 -17.01 -31.76 -2.70
CA PRO A 431 -16.70 -33.19 -2.51
C PRO A 431 -16.61 -33.61 -1.06
N ASP A 432 -16.66 -32.67 -0.11
CA ASP A 432 -16.56 -33.01 1.30
C ASP A 432 -17.88 -33.52 1.83
N PHE A 433 -17.81 -34.21 2.97
CA PHE A 433 -18.98 -34.71 3.66
C PHE A 433 -19.13 -34.18 5.07
N GLU A 434 -18.04 -33.76 5.71
CA GLU A 434 -18.09 -33.35 7.12
C GLU A 434 -18.27 -31.85 7.28
N SER A 435 -17.32 -31.06 6.79
CA SER A 435 -17.33 -29.63 7.02
C SER A 435 -16.33 -28.96 6.08
N VAL A 436 -16.09 -27.67 6.31
CA VAL A 436 -15.17 -26.90 5.47
C VAL A 436 -13.74 -27.37 5.69
N LEU A 437 -12.98 -27.46 4.60
CA LEU A 437 -11.57 -27.82 4.62
C LEU A 437 -11.35 -29.16 5.30
N GLU A 438 -11.98 -30.19 4.74
CA GLU A 438 -11.81 -31.54 5.26
C GLU A 438 -10.36 -32.01 5.12
N ARG A 439 -9.76 -31.76 3.96
CA ARG A 439 -8.35 -32.07 3.73
C ARG A 439 -7.92 -31.40 2.44
N LYS A 440 -6.74 -30.78 2.47
CA LYS A 440 -6.19 -30.17 1.26
C LYS A 440 -5.58 -31.25 0.37
N TRP A 441 -5.82 -31.13 -0.94
CA TRP A 441 -5.44 -32.18 -1.87
C TRP A 441 -4.86 -31.55 -3.12
N GLN A 442 -4.09 -32.34 -3.86
CA GLN A 442 -3.40 -31.85 -5.04
C GLN A 442 -3.72 -32.61 -6.32
N LYS A 443 -4.33 -33.79 -6.23
CA LYS A 443 -4.65 -34.59 -7.40
C LYS A 443 -6.15 -34.58 -7.65
N SER A 444 -6.52 -34.40 -8.92
CA SER A 444 -7.92 -34.46 -9.30
C SER A 444 -8.42 -35.90 -9.25
N ALA A 445 -9.75 -36.04 -9.20
CA ALA A 445 -10.34 -37.38 -9.15
C ALA A 445 -10.01 -38.16 -10.42
N ILE A 446 -10.03 -37.50 -11.57
CA ILE A 446 -9.68 -38.17 -12.81
C ILE A 446 -8.21 -38.60 -12.78
N GLN A 447 -7.35 -37.78 -12.17
CA GLN A 447 -5.95 -38.17 -12.04
C GLN A 447 -5.78 -39.32 -11.06
N GLN A 448 -6.59 -39.35 -10.00
CA GLN A 448 -6.58 -40.50 -9.10
C GLN A 448 -6.99 -41.77 -9.82
N PHE A 449 -7.99 -41.68 -10.69
CA PHE A 449 -8.36 -42.83 -11.51
C PHE A 449 -7.24 -43.22 -12.46
N ARG A 450 -6.57 -42.24 -13.05
CA ARG A 450 -5.49 -42.53 -14.00
C ARG A 450 -4.32 -43.22 -13.31
N ASP A 451 -3.94 -42.74 -12.12
CA ASP A 451 -2.80 -43.30 -11.41
C ASP A 451 -3.06 -44.68 -10.84
N GLY A 452 -4.30 -45.15 -10.86
CA GLY A 452 -4.62 -46.43 -10.27
C GLY A 452 -4.97 -46.40 -8.81
N ASN A 453 -4.93 -45.23 -8.17
CA ASN A 453 -5.38 -45.12 -6.79
C ASN A 453 -6.87 -45.43 -6.69
N ALA A 454 -7.66 -44.96 -7.65
CA ALA A 454 -9.07 -45.28 -7.73
C ALA A 454 -9.33 -46.18 -8.94
N ASN A 455 -10.26 -47.12 -8.76
CA ASN A 455 -10.60 -48.05 -9.82
C ASN A 455 -12.05 -47.97 -10.28
N LEU A 456 -12.97 -47.53 -9.43
CA LEU A 456 -14.37 -47.35 -9.82
C LEU A 456 -14.68 -45.86 -9.82
N MET A 457 -15.18 -45.37 -10.95
CA MET A 457 -15.51 -43.96 -11.11
C MET A 457 -17.00 -43.80 -11.36
N ILE A 458 -17.63 -42.89 -10.62
CA ILE A 458 -19.02 -42.50 -10.83
C ILE A 458 -19.02 -41.07 -11.35
N CYS A 459 -19.63 -40.85 -12.51
CA CYS A 459 -19.53 -39.56 -13.15
C CYS A 459 -20.79 -39.27 -13.95
N SER A 460 -20.99 -37.99 -14.24
CA SER A 460 -22.04 -37.55 -15.14
C SER A 460 -21.51 -37.56 -16.57
N SER A 461 -22.24 -36.91 -17.48
CA SER A 461 -21.87 -36.90 -18.89
C SER A 461 -20.59 -36.11 -19.15
N VAL A 462 -19.97 -35.59 -18.09
CA VAL A 462 -18.74 -34.82 -18.25
C VAL A 462 -17.62 -35.69 -18.82
N LEU A 463 -17.49 -36.92 -18.33
CA LEU A 463 -16.42 -37.82 -18.75
C LEU A 463 -16.70 -38.47 -20.09
N GLU A 464 -17.89 -38.25 -20.67
CA GLU A 464 -18.25 -38.91 -21.92
C GLU A 464 -17.38 -38.41 -23.08
N GLU A 465 -17.11 -37.12 -23.12
CA GLU A 465 -16.45 -36.51 -24.27
C GLU A 465 -15.02 -36.09 -23.94
N GLY A 466 -14.10 -36.38 -24.87
CA GLY A 466 -12.80 -35.75 -24.88
C GLY A 466 -11.80 -36.20 -23.84
N ILE A 467 -12.22 -36.25 -22.57
CA ILE A 467 -11.30 -36.51 -21.48
C ILE A 467 -10.67 -37.89 -21.65
N ASP A 468 -9.35 -37.94 -21.50
CA ASP A 468 -8.61 -39.18 -21.74
C ASP A 468 -8.69 -40.07 -20.50
N VAL A 469 -9.19 -41.29 -20.70
CA VAL A 469 -9.29 -42.28 -19.64
C VAL A 469 -8.69 -43.57 -20.15
N GLN A 470 -8.31 -44.46 -19.22
CA GLN A 470 -7.83 -45.77 -19.62
C GLN A 470 -8.97 -46.60 -20.20
N ALA A 471 -8.60 -47.61 -20.99
CA ALA A 471 -9.60 -48.48 -21.59
C ALA A 471 -10.30 -49.29 -20.49
N CYS A 472 -11.53 -48.90 -20.16
CA CYS A 472 -12.22 -49.51 -19.04
C CYS A 472 -12.81 -50.85 -19.43
N ASN A 473 -12.69 -51.82 -18.52
CA ASN A 473 -13.22 -53.16 -18.75
C ASN A 473 -14.69 -53.29 -18.42
N HIS A 474 -15.26 -52.35 -17.67
CA HIS A 474 -16.67 -52.38 -17.32
C HIS A 474 -17.25 -50.97 -17.39
N VAL A 475 -18.46 -50.87 -17.92
CA VAL A 475 -19.19 -49.61 -17.96
C VAL A 475 -20.62 -49.88 -17.53
N PHE A 476 -21.12 -49.08 -16.59
CA PHE A 476 -22.48 -49.23 -16.08
C PHE A 476 -23.25 -47.95 -16.33
N ILE A 477 -24.51 -48.10 -16.75
CA ILE A 477 -25.42 -46.97 -16.96
C ILE A 477 -26.58 -47.15 -15.98
N LEU A 478 -26.76 -46.18 -15.10
CA LEU A 478 -27.80 -46.30 -14.07
C LEU A 478 -29.12 -45.71 -14.52
N ASP A 479 -29.15 -44.42 -14.82
CA ASP A 479 -30.34 -43.82 -15.39
C ASP A 479 -30.46 -44.18 -16.86
N PRO A 480 -31.67 -44.20 -17.41
CA PRO A 480 -31.84 -44.62 -18.81
C PRO A 480 -31.09 -43.70 -19.77
N VAL A 481 -30.62 -44.28 -20.87
CA VAL A 481 -29.89 -43.52 -21.86
C VAL A 481 -30.81 -42.52 -22.53
N LYS A 482 -30.37 -41.25 -22.58
CA LYS A 482 -31.19 -40.18 -23.10
C LYS A 482 -30.87 -39.81 -24.55
N THR A 483 -29.60 -39.83 -24.94
CA THR A 483 -29.21 -39.40 -26.27
C THR A 483 -28.39 -40.48 -26.96
N PHE A 484 -28.40 -40.42 -28.29
CA PHE A 484 -27.64 -41.36 -29.10
C PHE A 484 -26.14 -41.19 -28.88
N ASN A 485 -25.67 -39.95 -28.82
CA ASN A 485 -24.25 -39.70 -28.63
C ASN A 485 -23.78 -40.21 -27.27
N MET A 486 -24.60 -40.04 -26.23
CA MET A 486 -24.23 -40.55 -24.92
C MET A 486 -24.06 -42.06 -24.95
N TYR A 487 -24.98 -42.77 -25.61
CA TYR A 487 -24.87 -44.22 -25.71
C TYR A 487 -23.60 -44.62 -26.46
N VAL A 488 -23.34 -43.95 -27.59
CA VAL A 488 -22.18 -44.34 -28.40
C VAL A 488 -20.89 -44.10 -27.64
N GLN A 489 -20.77 -42.94 -26.99
CA GLN A 489 -19.54 -42.64 -26.26
C GLN A 489 -19.39 -43.51 -25.01
N SER A 490 -20.49 -43.83 -24.33
CA SER A 490 -20.40 -44.71 -23.18
C SER A 490 -19.96 -46.11 -23.59
N LYS A 491 -20.47 -46.61 -24.71
CA LYS A 491 -20.01 -47.91 -25.19
C LYS A 491 -18.58 -47.83 -25.70
N GLY A 492 -18.17 -46.65 -26.18
CA GLY A 492 -16.79 -46.48 -26.59
C GLY A 492 -15.82 -46.43 -25.43
N ARG A 493 -16.29 -46.02 -24.25
CA ARG A 493 -15.43 -46.01 -23.07
C ARG A 493 -14.97 -47.42 -22.72
N ALA A 494 -15.83 -48.42 -22.87
CA ALA A 494 -15.45 -49.82 -22.71
C ALA A 494 -14.66 -50.29 -23.93
N ARG A 495 -13.39 -49.90 -23.96
CA ARG A 495 -12.55 -50.07 -25.14
C ARG A 495 -11.69 -51.32 -25.10
N THR A 496 -11.27 -51.77 -23.91
CA THR A 496 -10.36 -52.89 -23.81
C THR A 496 -11.04 -54.19 -24.26
N THR A 497 -10.22 -55.23 -24.42
CA THR A 497 -10.70 -56.52 -24.90
C THR A 497 -11.72 -57.11 -23.93
N GLU A 498 -12.73 -57.79 -24.49
CA GLU A 498 -13.82 -58.43 -23.75
C GLU A 498 -14.37 -57.55 -22.63
N ALA A 499 -14.42 -56.24 -22.87
CA ALA A 499 -14.97 -55.32 -21.88
C ALA A 499 -16.48 -55.49 -21.78
N LYS A 500 -17.02 -55.12 -20.63
CA LYS A 500 -18.44 -55.29 -20.34
C LYS A 500 -19.14 -53.94 -20.35
N PHE A 501 -20.24 -53.85 -21.10
CA PHE A 501 -21.09 -52.67 -21.10
C PHE A 501 -22.46 -53.07 -20.54
N VAL A 502 -22.86 -52.41 -19.46
CA VAL A 502 -24.09 -52.75 -18.73
C VAL A 502 -24.97 -51.52 -18.66
N LEU A 503 -26.26 -51.71 -18.90
CA LEU A 503 -27.25 -50.65 -18.76
C LEU A 503 -28.43 -51.16 -17.94
N PHE A 504 -29.06 -50.25 -17.21
CA PHE A 504 -30.12 -50.58 -16.28
C PHE A 504 -31.45 -50.00 -16.74
N THR A 505 -32.52 -50.76 -16.56
CA THR A 505 -33.85 -50.33 -16.95
C THR A 505 -34.89 -51.05 -16.10
N ALA A 506 -36.09 -50.49 -16.08
CA ALA A 506 -37.20 -51.10 -15.36
C ALA A 506 -37.83 -52.21 -16.20
N ASP A 507 -38.60 -53.07 -15.53
CA ASP A 507 -39.25 -54.17 -16.23
C ASP A 507 -40.26 -53.66 -17.24
N LYS A 508 -41.02 -52.62 -16.89
CA LYS A 508 -41.99 -52.04 -17.81
C LYS A 508 -41.34 -51.17 -18.88
N GLU A 509 -40.03 -50.94 -18.79
CA GLU A 509 -39.30 -50.07 -19.72
C GLU A 509 -38.43 -50.84 -20.69
N ARG A 510 -38.41 -52.17 -20.60
CA ARG A 510 -37.48 -52.98 -21.40
C ARG A 510 -37.72 -52.81 -22.89
N GLU A 511 -38.99 -52.88 -23.32
CA GLU A 511 -39.27 -52.83 -24.75
C GLU A 511 -38.95 -51.47 -25.35
N LYS A 512 -39.30 -50.38 -24.66
CA LYS A 512 -38.97 -49.05 -25.17
C LYS A 512 -37.46 -48.84 -25.22
N THR A 513 -36.76 -49.30 -24.19
CA THR A 513 -35.30 -49.17 -24.17
C THR A 513 -34.67 -49.96 -25.30
N ILE A 514 -35.15 -51.17 -25.55
CA ILE A 514 -34.59 -51.98 -26.63
C ILE A 514 -34.91 -51.36 -27.99
N GLN A 515 -36.09 -50.75 -28.12
CA GLN A 515 -36.43 -50.05 -29.35
C GLN A 515 -35.49 -48.87 -29.58
N GLN A 516 -35.22 -48.09 -28.52
CA GLN A 516 -34.31 -46.97 -28.65
C GLN A 516 -32.90 -47.43 -28.98
N ILE A 517 -32.46 -48.52 -28.35
CA ILE A 517 -31.11 -49.05 -28.62
C ILE A 517 -31.00 -49.52 -30.06
N TYR A 518 -32.03 -50.21 -30.56
CA TYR A 518 -32.00 -50.68 -31.93
C TYR A 518 -32.06 -49.52 -32.92
N GLN A 519 -32.79 -48.45 -32.58
CA GLN A 519 -32.77 -47.25 -33.41
C GLN A 519 -31.39 -46.63 -33.45
N TYR A 520 -30.71 -46.59 -32.30
CA TYR A 520 -29.34 -46.09 -32.26
C TYR A 520 -28.42 -46.95 -33.11
N ARG A 521 -28.59 -48.28 -33.05
CA ARG A 521 -27.80 -49.18 -33.87
C ARG A 521 -28.06 -48.95 -35.35
N LYS A 522 -29.32 -48.75 -35.72
CA LYS A 522 -29.69 -48.50 -37.11
C LYS A 522 -29.05 -47.21 -37.60
N ALA A 523 -29.08 -46.16 -36.78
CA ALA A 523 -28.45 -44.89 -37.16
C ALA A 523 -26.94 -45.05 -37.29
N HIS A 524 -26.33 -45.79 -36.37
CA HIS A 524 -24.89 -46.02 -36.43
C HIS A 524 -24.51 -46.75 -37.72
N ASN A 525 -25.31 -47.75 -38.11
CA ASN A 525 -25.06 -48.45 -39.36
C ASN A 525 -25.31 -47.55 -40.57
N ASP A 526 -26.33 -46.68 -40.48
CA ASP A 526 -26.64 -45.78 -41.58
C ASP A 526 -25.53 -44.77 -41.80
N ILE A 527 -24.79 -44.42 -40.74
CA ILE A 527 -23.62 -43.57 -40.92
C ILE A 527 -22.64 -44.23 -41.90
N ALA A 528 -22.32 -45.50 -41.66
CA ALA A 528 -21.42 -46.22 -42.55
C ALA A 528 -22.05 -46.41 -43.93
N GLU A 529 -23.37 -46.60 -43.98
CA GLU A 529 -24.04 -46.75 -45.26
C GLU A 529 -23.88 -45.48 -46.11
N TYR A 530 -24.12 -44.32 -45.51
CA TYR A 530 -23.91 -43.06 -46.22
C TYR A 530 -22.46 -42.88 -46.63
N LEU A 531 -21.53 -43.20 -45.73
CA LEU A 531 -20.12 -43.02 -46.07
C LEU A 531 -19.69 -43.91 -47.23
N LYS A 532 -20.16 -45.17 -47.24
CA LYS A 532 -19.76 -46.08 -48.30
C LYS A 532 -20.56 -45.88 -49.58
N ASP A 533 -21.68 -45.16 -49.52
CA ASP A 533 -22.52 -44.98 -50.69
C ASP A 533 -22.32 -43.65 -51.39
N ARG A 534 -21.80 -42.64 -50.69
CA ARG A 534 -21.66 -41.32 -51.28
C ARG A 534 -20.62 -41.32 -52.39
N VAL A 535 -20.85 -40.52 -53.42
CA VAL A 535 -19.91 -40.40 -54.53
C VAL A 535 -18.78 -39.47 -54.12
N LEU A 536 -17.60 -39.69 -54.71
CA LEU A 536 -16.42 -38.92 -54.34
C LEU A 536 -16.48 -37.51 -54.93
N GLU A 537 -16.26 -36.51 -54.08
CA GLU A 537 -16.11 -35.13 -54.51
C GLU A 537 -14.94 -34.52 -53.74
N LYS A 538 -14.38 -33.46 -54.30
CA LYS A 538 -13.12 -32.92 -53.77
C LYS A 538 -13.29 -32.39 -52.34
N THR A 539 -14.06 -31.29 -52.16
CA THR A 539 -14.15 -30.65 -50.86
C THR A 539 -15.56 -30.17 -50.55
N GLU A 540 -16.59 -30.86 -51.06
CA GLU A 540 -17.97 -30.39 -51.00
C GLU A 540 -17.99 -28.99 -51.62
N PRO A 541 -17.87 -28.90 -52.95
CA PRO A 541 -17.64 -27.60 -53.59
C PRO A 541 -18.91 -26.80 -53.85
N GLU A 542 -20.03 -27.21 -53.27
CA GLU A 542 -21.30 -26.51 -53.47
C GLU A 542 -21.30 -25.23 -52.61
N LEU A 543 -20.55 -24.25 -53.10
CA LEU A 543 -20.44 -22.97 -52.40
C LEU A 543 -21.81 -22.30 -52.26
N TYR A 544 -22.67 -22.45 -53.27
CA TYR A 544 -24.02 -21.92 -53.17
C TYR A 544 -24.75 -22.51 -51.97
N GLU A 545 -24.55 -23.80 -51.71
CA GLU A 545 -25.16 -24.42 -50.54
C GLU A 545 -24.61 -23.82 -49.25
N ILE A 546 -23.30 -23.55 -49.21
CA ILE A 546 -22.71 -22.95 -48.01
C ILE A 546 -23.31 -21.57 -47.75
N LYS A 547 -23.42 -20.75 -48.80
CA LYS A 547 -24.00 -19.43 -48.63
C LYS A 547 -25.47 -19.51 -48.22
N GLY A 548 -26.23 -20.42 -48.84
CA GLY A 548 -27.62 -20.58 -48.47
C GLY A 548 -27.81 -21.06 -47.05
N HIS A 549 -26.89 -21.90 -46.56
CA HIS A 549 -26.98 -22.40 -45.20
C HIS A 549 -26.58 -21.32 -44.19
N PHE A 550 -25.59 -20.50 -44.54
CA PHE A 550 -25.12 -19.48 -43.60
C PHE A 550 -25.92 -18.19 -43.66
N GLN A 551 -26.74 -18.00 -44.70
CA GLN A 551 -27.45 -16.73 -44.85
C GLN A 551 -28.67 -16.63 -43.93
N ASP A 552 -29.10 -17.72 -43.31
CA ASP A 552 -30.25 -17.65 -42.42
C ASP A 552 -29.97 -16.75 -41.21
N ASP A 553 -28.75 -16.77 -40.70
CA ASP A 553 -28.38 -15.92 -39.57
C ASP A 553 -28.28 -14.47 -40.01
N ILE A 554 -28.36 -13.57 -39.03
CA ILE A 554 -28.24 -12.15 -39.32
C ILE A 554 -26.85 -11.84 -39.86
N ASP A 555 -26.81 -11.01 -40.89
CA ASP A 555 -25.54 -10.65 -41.52
C ASP A 555 -24.65 -9.92 -40.53
N PRO A 556 -23.42 -10.38 -40.29
CA PRO A 556 -22.54 -9.67 -39.38
C PRO A 556 -22.05 -8.36 -39.98
N PHE A 557 -21.51 -7.50 -39.11
CA PHE A 557 -21.01 -6.19 -39.50
C PHE A 557 -19.50 -6.16 -39.34
N THR A 558 -18.83 -5.52 -40.31
CA THR A 558 -17.40 -5.30 -40.24
C THR A 558 -17.11 -3.81 -40.36
N ASN A 559 -16.30 -3.30 -39.44
CA ASN A 559 -15.99 -1.88 -39.36
C ASN A 559 -14.62 -1.61 -39.99
N GLU A 560 -14.14 -0.38 -39.79
CA GLU A 560 -12.81 -0.01 -40.24
C GLU A 560 -11.76 -0.87 -39.55
N ASN A 561 -10.63 -1.07 -40.22
CA ASN A 561 -9.51 -1.91 -39.76
C ASN A 561 -9.86 -3.40 -39.87
N GLY A 562 -11.11 -3.72 -40.21
CA GLY A 562 -11.48 -5.10 -40.50
C GLY A 562 -12.03 -5.90 -39.35
N ALA A 563 -12.26 -5.29 -38.19
CA ALA A 563 -12.86 -6.02 -37.08
C ALA A 563 -14.33 -6.34 -37.38
N VAL A 564 -14.79 -7.47 -36.85
CA VAL A 564 -16.12 -7.98 -37.15
C VAL A 564 -16.82 -8.33 -35.83
N LEU A 565 -18.11 -7.98 -35.75
CA LEU A 565 -18.96 -8.31 -34.62
C LEU A 565 -20.05 -9.27 -35.10
N LEU A 566 -19.95 -10.54 -34.69
CA LEU A 566 -20.99 -11.50 -35.05
C LEU A 566 -22.26 -11.24 -34.25
N PRO A 567 -23.43 -11.41 -34.86
CA PRO A 567 -24.68 -11.16 -34.12
C PRO A 567 -24.87 -12.05 -32.91
N ASN A 568 -24.36 -13.28 -32.95
CA ASN A 568 -24.54 -14.20 -31.81
C ASN A 568 -23.62 -13.86 -30.64
N ASN A 569 -22.58 -13.05 -30.86
CA ASN A 569 -21.74 -12.58 -29.77
C ASN A 569 -22.26 -11.29 -29.16
N ALA A 570 -23.32 -10.72 -29.74
CA ALA A 570 -23.78 -9.40 -29.32
C ALA A 570 -24.31 -9.39 -27.90
N LEU A 571 -25.05 -10.43 -27.50
CA LEU A 571 -25.57 -10.48 -26.14
C LEU A 571 -24.43 -10.52 -25.12
N ALA A 572 -23.41 -11.35 -25.40
CA ALA A 572 -22.25 -11.43 -24.51
C ALA A 572 -21.52 -10.09 -24.45
N ILE A 573 -21.35 -9.44 -25.60
CA ILE A 573 -20.66 -8.14 -25.62
C ILE A 573 -21.46 -7.11 -24.82
N LEU A 574 -22.79 -7.11 -25.00
CA LEU A 574 -23.63 -6.14 -24.31
C LEU A 574 -23.58 -6.34 -22.80
N HIS A 575 -23.64 -7.60 -22.35
CA HIS A 575 -23.59 -7.85 -20.91
C HIS A 575 -22.21 -7.54 -20.35
N ARG A 576 -21.15 -7.83 -21.11
CA ARG A 576 -19.80 -7.45 -20.68
C ARG A 576 -19.68 -5.95 -20.52
N TYR A 577 -20.22 -5.19 -21.47
CA TYR A 577 -20.18 -3.73 -21.38
C TYR A 577 -21.00 -3.23 -20.19
N CYS A 578 -22.20 -3.79 -20.01
CA CYS A 578 -23.04 -3.38 -18.88
C CYS A 578 -22.42 -3.73 -17.54
N GLN A 579 -21.53 -4.72 -17.48
CA GLN A 579 -20.81 -4.99 -16.25
C GLN A 579 -19.88 -3.84 -15.88
N THR A 580 -19.37 -3.11 -16.86
CA THR A 580 -18.35 -2.09 -16.59
C THR A 580 -18.94 -0.83 -15.96
N ILE A 581 -20.18 -0.48 -16.30
CA ILE A 581 -20.75 0.80 -15.88
C ILE A 581 -20.90 0.83 -14.36
N PRO A 582 -20.56 1.95 -13.71
CA PRO A 582 -20.69 2.03 -12.26
C PRO A 582 -22.16 2.03 -11.82
N THR A 583 -22.38 1.54 -10.60
CA THR A 583 -23.72 1.47 -10.03
C THR A 583 -23.59 1.23 -8.53
N ASP A 584 -24.73 1.32 -7.85
CA ASP A 584 -24.77 1.01 -6.43
C ASP A 584 -24.64 -0.49 -6.20
N ALA A 585 -24.48 -0.87 -4.93
CA ALA A 585 -24.23 -2.27 -4.60
C ALA A 585 -25.41 -3.17 -4.92
N PHE A 586 -26.61 -2.62 -5.06
CA PHE A 586 -27.78 -3.43 -5.39
C PHE A 586 -28.22 -3.25 -6.83
N GLY A 587 -28.24 -2.01 -7.32
CA GLY A 587 -28.77 -1.67 -8.62
C GLY A 587 -28.30 -2.55 -9.76
N PHE A 588 -29.25 -3.24 -10.41
CA PHE A 588 -28.92 -4.12 -11.53
C PHE A 588 -28.56 -3.29 -12.75
N VAL A 589 -27.54 -3.75 -13.48
CA VAL A 589 -27.10 -3.04 -14.69
C VAL A 589 -27.33 -3.86 -15.96
N ILE A 590 -27.81 -5.08 -15.84
CA ILE A 590 -28.10 -5.87 -17.05
C ILE A 590 -29.25 -5.22 -17.79
N PRO A 591 -29.30 -5.28 -19.12
CA PRO A 591 -30.40 -4.66 -19.86
C PRO A 591 -31.73 -5.29 -19.50
N TRP A 592 -32.77 -4.45 -19.40
CA TRP A 592 -34.12 -4.91 -19.11
C TRP A 592 -34.86 -5.07 -20.43
N PHE A 593 -34.79 -6.29 -20.98
CA PHE A 593 -35.46 -6.58 -22.23
C PHE A 593 -36.97 -6.51 -22.05
N HIS A 594 -37.67 -6.07 -23.10
CA HIS A 594 -39.12 -5.92 -23.05
C HIS A 594 -39.71 -6.30 -24.41
N VAL A 595 -40.50 -7.37 -24.43
CA VAL A 595 -41.16 -7.78 -25.67
C VAL A 595 -42.36 -6.89 -25.93
N LEU A 596 -42.45 -6.37 -27.15
CA LEU A 596 -43.52 -5.45 -27.52
C LEU A 596 -44.81 -6.20 -27.73
N GLN A 597 -45.91 -5.62 -27.28
CA GLN A 597 -47.22 -6.22 -27.46
C GLN A 597 -47.70 -6.05 -28.89
N GLU A 598 -48.87 -6.64 -29.18
CA GLU A 598 -49.41 -6.60 -30.53
C GLU A 598 -49.71 -5.17 -30.97
N ASP A 599 -50.26 -4.35 -30.08
CA ASP A 599 -50.55 -2.96 -30.41
C ASP A 599 -49.30 -2.11 -30.50
N GLU A 600 -48.17 -2.58 -29.98
CA GLU A 600 -46.94 -1.81 -30.04
C GLU A 600 -46.12 -2.15 -31.28
N ARG A 601 -46.21 -3.39 -31.74
CA ARG A 601 -45.44 -3.81 -32.92
C ARG A 601 -45.87 -3.03 -34.17
N ASP A 602 -47.18 -2.87 -34.35
CA ASP A 602 -47.72 -2.15 -35.50
C ASP A 602 -47.72 -0.65 -35.30
N ARG A 603 -47.33 -0.17 -34.12
CA ARG A 603 -47.14 1.26 -33.89
C ARG A 603 -45.70 1.68 -34.14
N ILE A 604 -44.74 0.95 -33.55
CA ILE A 604 -43.34 1.26 -33.80
C ILE A 604 -42.96 0.87 -35.22
N PHE A 605 -43.44 -0.26 -35.70
CA PHE A 605 -43.20 -0.75 -37.05
C PHE A 605 -44.51 -0.72 -37.84
N GLY A 606 -44.46 -1.25 -39.06
CA GLY A 606 -45.64 -1.36 -39.87
C GLY A 606 -46.47 -2.58 -39.51
N VAL A 607 -47.40 -2.90 -40.40
CA VAL A 607 -48.27 -4.06 -40.19
C VAL A 607 -47.55 -5.38 -40.43
N SER A 608 -46.33 -5.33 -40.97
CA SER A 608 -45.58 -6.57 -41.22
C SER A 608 -45.24 -7.30 -39.93
N ALA A 609 -45.13 -6.59 -38.82
CA ALA A 609 -44.78 -7.17 -37.54
C ALA A 609 -45.99 -7.73 -36.79
N LYS A 610 -47.09 -8.01 -37.49
CA LYS A 610 -48.27 -8.57 -36.84
C LYS A 610 -47.98 -9.97 -36.30
N GLY A 611 -47.22 -10.76 -37.05
CA GLY A 611 -46.89 -12.11 -36.62
C GLY A 611 -45.52 -12.23 -35.99
N LYS A 612 -44.52 -11.63 -36.63
CA LYS A 612 -43.16 -11.69 -36.11
C LYS A 612 -43.03 -10.86 -34.83
N HIS A 613 -42.13 -11.32 -33.95
CA HIS A 613 -41.98 -10.68 -32.66
C HIS A 613 -40.91 -9.59 -32.71
N VAL A 614 -41.10 -8.57 -31.87
CA VAL A 614 -40.18 -7.46 -31.75
C VAL A 614 -39.94 -7.20 -30.27
N ILE A 615 -38.67 -7.04 -29.89
CA ILE A 615 -38.29 -6.83 -28.51
C ILE A 615 -37.51 -5.53 -28.41
N SER A 616 -37.67 -4.85 -27.28
CA SER A 616 -37.07 -3.54 -27.04
C SER A 616 -36.12 -3.61 -25.86
N ILE A 617 -35.08 -2.79 -25.92
CA ILE A 617 -34.04 -2.75 -24.90
C ILE A 617 -34.22 -1.50 -24.05
N ASN A 618 -34.37 -1.68 -22.74
CA ASN A 618 -34.41 -0.57 -21.80
C ASN A 618 -33.25 -0.73 -20.83
N MET A 619 -32.55 0.37 -20.59
CA MET A 619 -31.27 0.36 -19.91
C MET A 619 -31.29 1.42 -18.81
N PRO A 620 -30.61 1.16 -17.69
CA PRO A 620 -30.62 2.13 -16.58
C PRO A 620 -29.86 3.41 -16.91
N VAL A 621 -30.12 4.44 -16.11
CA VAL A 621 -29.61 5.79 -16.38
C VAL A 621 -28.10 5.87 -16.34
N ASN A 622 -27.43 4.95 -15.64
CA ASN A 622 -25.97 4.99 -15.54
C ASN A 622 -25.30 4.71 -16.88
N CYS A 623 -26.00 4.09 -17.82
CA CYS A 623 -25.40 3.77 -19.12
C CYS A 623 -25.84 4.77 -20.18
N MET A 624 -25.13 4.76 -21.30
CA MET A 624 -25.35 5.73 -22.37
C MET A 624 -26.61 5.47 -23.17
N LEU A 625 -27.03 4.22 -23.32
CA LEU A 625 -28.17 3.88 -24.18
C LEU A 625 -29.47 4.31 -23.51
N ARG A 626 -29.67 5.64 -23.48
CA ARG A 626 -30.90 6.18 -22.91
C ARG A 626 -32.06 6.07 -23.88
N ASP A 627 -31.78 6.10 -25.18
CA ASP A 627 -32.83 5.94 -26.18
C ASP A 627 -33.11 4.46 -26.40
N THR A 628 -34.39 4.09 -26.36
CA THR A 628 -34.78 2.70 -26.51
C THR A 628 -34.48 2.21 -27.93
N ILE A 629 -34.15 0.92 -28.03
CA ILE A 629 -33.80 0.30 -29.29
C ILE A 629 -34.73 -0.89 -29.51
N TYR A 630 -35.32 -0.96 -30.71
CA TYR A 630 -36.27 -2.01 -31.06
C TYR A 630 -35.63 -2.96 -32.05
N SER A 631 -35.82 -4.27 -31.81
CA SER A 631 -35.23 -5.28 -32.67
C SER A 631 -36.01 -5.40 -33.98
N ASP A 632 -35.39 -6.05 -34.95
CA ASP A 632 -36.05 -6.37 -36.20
C ASP A 632 -37.14 -7.41 -35.96
N PRO A 633 -38.18 -7.45 -36.80
CA PRO A 633 -39.21 -8.48 -36.66
C PRO A 633 -38.67 -9.84 -37.02
N MET A 634 -38.61 -10.74 -36.03
CA MET A 634 -38.11 -12.09 -36.22
C MET A 634 -39.16 -13.09 -35.75
N ASP A 635 -39.08 -14.31 -36.28
CA ASP A 635 -40.09 -15.32 -36.02
C ASP A 635 -39.99 -15.90 -34.61
N ASN A 636 -38.85 -15.75 -33.94
CA ASN A 636 -38.67 -16.28 -32.60
C ASN A 636 -38.02 -15.22 -31.72
N VAL A 637 -38.34 -15.26 -30.42
CA VAL A 637 -37.84 -14.26 -29.50
C VAL A 637 -36.33 -14.35 -29.31
N LYS A 638 -35.74 -15.52 -29.53
CA LYS A 638 -34.29 -15.65 -29.37
C LYS A 638 -33.55 -14.86 -30.44
N THR A 639 -33.96 -15.03 -31.70
CA THR A 639 -33.36 -14.24 -32.78
C THR A 639 -33.68 -12.76 -32.62
N ALA A 640 -34.86 -12.43 -32.09
CA ALA A 640 -35.19 -11.04 -31.82
C ALA A 640 -34.24 -10.44 -30.79
N LYS A 641 -33.96 -11.19 -29.72
CA LYS A 641 -33.01 -10.73 -28.71
C LYS A 641 -31.62 -10.56 -29.31
N ILE A 642 -31.21 -11.51 -30.16
CA ILE A 642 -29.89 -11.43 -30.79
C ILE A 642 -29.80 -10.17 -31.66
N SER A 643 -30.84 -9.91 -32.45
CA SER A 643 -30.85 -8.73 -33.31
C SER A 643 -30.85 -7.44 -32.49
N ALA A 644 -31.63 -7.40 -31.42
CA ALA A 644 -31.66 -6.22 -30.57
C ALA A 644 -30.29 -5.95 -29.95
N ALA A 645 -29.64 -7.01 -29.46
CA ALA A 645 -28.30 -6.85 -28.91
C ALA A 645 -27.30 -6.41 -29.97
N PHE A 646 -27.43 -6.94 -31.19
CA PHE A 646 -26.51 -6.55 -32.27
C PHE A 646 -26.66 -5.07 -32.61
N LYS A 647 -27.91 -4.61 -32.71
CA LYS A 647 -28.12 -3.19 -33.03
C LYS A 647 -27.70 -2.30 -31.87
N ALA A 648 -27.91 -2.73 -30.63
CA ALA A 648 -27.44 -1.96 -29.49
C ALA A 648 -25.93 -1.86 -29.47
N CYS A 649 -25.24 -2.96 -29.77
CA CYS A 649 -23.79 -2.93 -29.85
C CYS A 649 -23.31 -2.03 -30.98
N LYS A 650 -24.01 -2.05 -32.11
CA LYS A 650 -23.67 -1.15 -33.21
C LYS A 650 -23.82 0.31 -32.78
N VAL A 651 -24.91 0.63 -32.08
CA VAL A 651 -25.13 2.01 -31.62
C VAL A 651 -24.04 2.40 -30.63
N LEU A 652 -23.69 1.50 -29.71
CA LEU A 652 -22.64 1.80 -28.74
C LEU A 652 -21.29 2.01 -29.42
N TYR A 653 -20.98 1.21 -30.45
CA TYR A 653 -19.75 1.42 -31.19
C TYR A 653 -19.78 2.76 -31.93
N SER A 654 -20.95 3.15 -32.43
CA SER A 654 -21.08 4.47 -33.05
C SER A 654 -20.83 5.57 -32.04
N LEU A 655 -21.30 5.39 -30.81
CA LEU A 655 -21.07 6.38 -29.76
C LEU A 655 -19.63 6.36 -29.25
N GLY A 656 -18.82 5.39 -29.67
CA GLY A 656 -17.44 5.34 -29.27
C GLY A 656 -17.17 4.64 -27.95
N GLU A 657 -18.19 4.08 -27.31
CA GLU A 657 -17.97 3.34 -26.07
C GLU A 657 -17.20 2.05 -26.33
N LEU A 658 -17.65 1.26 -27.31
CA LEU A 658 -16.87 0.13 -27.79
C LEU A 658 -15.71 0.65 -28.65
N ASN A 659 -14.52 0.10 -28.40
CA ASN A 659 -13.32 0.58 -29.06
C ASN A 659 -13.24 0.03 -30.48
N GLU A 660 -12.07 0.18 -31.10
CA GLU A 660 -11.87 -0.32 -32.45
C GLU A 660 -12.02 -1.83 -32.53
N ARG A 661 -11.69 -2.53 -31.43
CA ARG A 661 -11.78 -3.99 -31.37
C ARG A 661 -13.04 -4.47 -30.66
N PHE A 662 -14.06 -3.61 -30.52
CA PHE A 662 -15.35 -3.98 -29.92
C PHE A 662 -15.19 -4.51 -28.49
N VAL A 663 -14.31 -3.89 -27.71
CA VAL A 663 -14.20 -4.19 -26.29
C VAL A 663 -14.31 -2.88 -25.53
N PRO A 664 -15.09 -2.83 -24.44
CA PRO A 664 -15.32 -1.55 -23.76
C PRO A 664 -14.04 -0.95 -23.19
N LYS A 665 -14.01 0.37 -23.11
CA LYS A 665 -12.87 1.10 -22.57
C LYS A 665 -12.76 0.89 -21.06
N THR A 666 -11.72 1.48 -20.47
CA THR A 666 -11.40 1.26 -19.07
C THR A 666 -11.11 2.59 -18.37
N LEU A 667 -11.09 2.52 -17.04
CA LEU A 667 -10.76 3.69 -16.24
C LEU A 667 -9.29 4.06 -16.37
N LYS A 668 -8.99 5.35 -16.22
CA LYS A 668 -7.63 5.83 -16.37
C LYS A 668 -6.95 6.05 -15.02
N GLU A 669 -7.50 6.92 -14.19
CA GLU A 669 -6.85 7.30 -12.94
C GLU A 669 -7.89 7.89 -11.99
N ARG A 670 -7.59 7.84 -10.70
CA ARG A 670 -8.50 8.31 -9.66
C ARG A 670 -7.89 9.40 -8.78
N VAL A 671 -6.63 9.24 -8.37
CA VAL A 671 -6.03 10.17 -7.42
C VAL A 671 -5.69 11.52 -8.05
N ALA A 672 -5.68 11.63 -9.38
CA ALA A 672 -5.28 12.87 -10.03
C ALA A 672 -6.20 14.04 -9.65
N SER A 673 -7.42 13.74 -9.19
CA SER A 673 -8.34 14.81 -8.78
C SER A 673 -7.76 15.64 -7.65
N ILE A 674 -6.83 15.09 -6.89
CA ILE A 674 -6.18 15.83 -5.81
C ILE A 674 -4.85 16.42 -6.26
N ALA A 675 -4.09 15.68 -7.06
CA ALA A 675 -2.85 16.23 -7.60
C ALA A 675 -3.12 17.46 -8.44
N ASP A 676 -4.36 17.63 -8.94
CA ASP A 676 -4.72 18.83 -9.67
C ASP A 676 -4.76 20.07 -8.78
N VAL A 677 -5.09 19.94 -7.50
CA VAL A 677 -5.42 21.12 -6.69
C VAL A 677 -4.49 21.29 -5.50
N HIS A 678 -4.18 20.21 -4.79
CA HIS A 678 -3.38 20.35 -3.57
C HIS A 678 -1.92 20.65 -3.87
N PHE A 679 -1.39 20.16 -5.00
CA PHE A 679 0.02 20.28 -5.31
C PHE A 679 0.28 21.28 -6.43
N GLU A 680 -0.48 22.39 -6.46
CA GLU A 680 -0.28 23.40 -7.48
C GLU A 680 1.06 24.12 -7.31
N HIS A 681 1.44 24.38 -6.07
CA HIS A 681 2.65 25.17 -5.80
C HIS A 681 3.93 24.45 -6.19
N TRP A 682 3.88 23.16 -6.49
CA TRP A 682 5.07 22.45 -6.92
C TRP A 682 5.58 22.97 -8.25
N ASN A 683 4.66 23.36 -9.15
CA ASN A 683 5.04 23.67 -10.52
C ASN A 683 5.96 24.89 -10.60
N LYS A 684 5.68 25.92 -9.81
CA LYS A 684 6.45 27.16 -9.92
C LYS A 684 7.89 27.01 -9.46
N TYR A 685 8.20 25.96 -8.71
CA TYR A 685 9.57 25.68 -8.29
C TYR A 685 10.26 24.62 -9.14
N GLY A 686 9.73 24.33 -10.32
CA GLY A 686 10.37 23.38 -11.21
C GLY A 686 10.20 21.93 -10.83
N ASP A 687 9.09 21.59 -10.17
CA ASP A 687 8.84 20.21 -9.79
C ASP A 687 7.37 19.88 -10.05
N SER A 688 7.09 18.58 -10.16
CA SER A 688 5.73 18.10 -10.34
C SER A 688 5.62 16.70 -9.76
N VAL A 689 4.40 16.33 -9.37
CA VAL A 689 4.19 15.03 -8.75
C VAL A 689 4.27 13.90 -9.76
N THR A 690 4.01 14.18 -11.04
CA THR A 690 4.03 13.14 -12.07
C THR A 690 5.45 12.73 -12.47
N ALA A 691 6.42 13.63 -12.35
CA ALA A 691 7.79 13.33 -12.76
C ALA A 691 8.51 12.52 -11.68
N THR A 692 9.61 11.89 -12.09
CA THR A 692 10.44 11.11 -11.16
C THR A 692 11.35 12.06 -10.39
N VAL A 693 10.89 12.41 -9.19
CA VAL A 693 11.62 13.37 -8.35
C VAL A 693 12.91 12.77 -7.83
N ASN A 694 12.91 11.48 -7.50
CA ASN A 694 14.05 10.85 -6.84
C ASN A 694 15.16 10.46 -7.82
N LYS A 695 15.18 11.03 -9.02
CA LYS A 695 16.25 10.74 -9.97
C LYS A 695 17.59 11.20 -9.43
N ALA A 696 18.45 10.22 -9.09
CA ALA A 696 19.79 10.49 -8.55
C ALA A 696 19.77 11.37 -7.31
N ASP A 697 18.68 11.31 -6.54
CA ASP A 697 18.50 12.14 -5.35
C ASP A 697 18.73 13.62 -5.66
N LYS A 698 17.86 14.15 -6.52
CA LYS A 698 18.04 15.49 -7.05
C LYS A 698 17.86 16.56 -5.99
N SER A 699 18.83 17.46 -5.90
CA SER A 699 18.74 18.70 -5.13
C SER A 699 18.25 18.50 -3.70
N LYS A 700 19.01 17.78 -2.88
CA LYS A 700 18.67 17.68 -1.46
C LYS A 700 18.95 18.97 -0.71
N ASP A 701 19.64 19.94 -1.31
CA ASP A 701 19.96 21.20 -0.67
C ASP A 701 19.60 22.34 -1.62
N ARG A 702 19.25 23.48 -1.04
CA ARG A 702 18.79 24.63 -1.83
C ARG A 702 19.43 25.90 -1.28
N THR A 703 19.53 26.91 -2.14
CA THR A 703 20.13 28.19 -1.76
C THR A 703 19.05 29.22 -1.47
N TYR A 704 19.23 29.95 -0.37
CA TYR A 704 18.26 30.95 0.07
C TYR A 704 18.95 32.25 0.39
N LYS A 705 18.24 33.36 0.20
CA LYS A 705 18.77 34.69 0.51
C LYS A 705 18.31 35.10 1.90
N THR A 706 19.26 35.29 2.82
CA THR A 706 18.92 35.71 4.16
C THR A 706 18.48 37.16 4.19
N GLU A 707 17.57 37.48 5.11
CA GLU A 707 17.04 38.82 5.23
C GLU A 707 16.92 39.20 6.70
N CYS A 708 17.46 40.36 7.05
CA CYS A 708 17.40 40.85 8.41
C CYS A 708 15.96 41.22 8.77
N PRO A 709 15.62 41.21 10.06
CA PRO A 709 14.24 41.49 10.45
C PRO A 709 13.85 42.93 10.15
N LEU A 710 12.53 43.19 10.24
CA LEU A 710 12.02 44.53 9.98
C LEU A 710 12.66 45.56 10.91
N GLU A 711 12.91 45.17 12.17
CA GLU A 711 13.51 46.09 13.13
C GLU A 711 14.94 46.45 12.75
N PHE A 712 15.71 45.48 12.25
CA PHE A 712 17.11 45.72 11.88
C PHE A 712 17.27 46.34 10.50
N TYR A 713 16.19 46.54 9.75
CA TYR A 713 16.27 47.14 8.43
C TYR A 713 15.96 48.62 8.50
N ASP A 714 16.85 49.43 7.93
CA ASP A 714 16.68 50.88 7.87
C ASP A 714 16.50 51.47 9.27
N ALA A 715 17.28 50.96 10.22
CA ALA A 715 17.25 51.45 11.60
C ALA A 715 18.40 52.41 11.91
N LEU A 716 19.24 52.73 10.93
CA LEU A 716 20.39 53.59 11.17
C LEU A 716 19.92 54.99 11.56
N PRO A 717 20.45 55.56 12.64
CA PRO A 717 20.05 56.91 13.03
C PRO A 717 20.59 57.96 12.05
N ARG A 718 19.87 59.07 11.95
CA ARG A 718 20.29 60.22 11.17
C ARG A 718 20.18 61.47 12.03
N VAL A 719 20.70 62.58 11.51
CA VAL A 719 20.77 63.82 12.27
C VAL A 719 19.36 64.35 12.49
N GLY A 720 19.05 64.66 13.76
CA GLY A 720 17.78 65.25 14.12
C GLY A 720 16.64 64.28 14.36
N GLU A 721 16.81 63.02 13.99
CA GLU A 721 15.74 62.04 14.15
C GLU A 721 15.72 61.49 15.58
N ILE A 722 14.52 61.15 16.05
CA ILE A 722 14.39 60.51 17.36
C ILE A 722 14.95 59.10 17.28
N CYS A 723 15.77 58.73 18.26
CA CYS A 723 16.44 57.43 18.26
C CYS A 723 16.20 56.74 19.58
N TYR A 724 16.29 55.41 19.54
CA TYR A 724 16.08 54.57 20.71
C TYR A 724 17.36 53.79 21.00
N ALA A 725 17.75 53.77 22.27
CA ALA A 725 18.91 53.01 22.73
C ALA A 725 18.45 52.01 23.78
N TYR A 726 18.65 50.73 23.51
CA TYR A 726 18.27 49.66 24.43
C TYR A 726 19.53 49.17 25.14
N GLU A 727 19.58 49.39 26.46
CA GLU A 727 20.72 48.93 27.23
C GLU A 727 20.69 47.42 27.38
N ILE A 728 21.86 46.79 27.22
CA ILE A 728 21.99 45.35 27.30
C ILE A 728 22.60 45.00 28.64
N PHE A 729 21.90 44.17 29.40
CA PHE A 729 22.32 43.79 30.75
C PHE A 729 22.91 42.39 30.72
N LEU A 730 24.11 42.25 31.28
CA LEU A 730 24.75 40.95 31.45
C LEU A 730 24.81 40.64 32.94
N GLU A 731 24.09 39.58 33.35
CA GLU A 731 24.00 39.18 34.75
C GLU A 731 24.64 37.80 34.91
N PRO A 732 25.86 37.73 35.42
CA PRO A 732 26.52 36.42 35.55
C PRO A 732 25.88 35.59 36.65
N GLN A 733 25.55 34.34 36.31
CA GLN A 733 24.95 33.43 37.27
C GLN A 733 25.98 32.58 38.00
N PHE A 734 27.25 32.66 37.63
CA PHE A 734 28.26 31.84 38.28
C PHE A 734 28.70 32.45 39.62
N GLU A 735 29.44 31.66 40.39
CA GLU A 735 29.87 32.08 41.71
C GLU A 735 31.12 32.94 41.63
N SER A 736 31.38 33.70 42.70
CA SER A 736 32.52 34.60 42.74
C SER A 736 33.79 33.89 43.23
N CYS A 737 34.20 32.85 42.52
CA CYS A 737 35.43 32.15 42.86
C CYS A 737 36.64 32.98 42.45
N GLU A 738 37.82 32.50 42.86
CA GLU A 738 39.06 33.15 42.44
C GLU A 738 39.20 33.12 40.93
N TYR A 739 38.84 32.00 40.31
CA TYR A 739 38.85 31.89 38.86
C TYR A 739 37.82 32.81 38.21
N THR A 740 36.78 33.19 38.94
CA THR A 740 35.69 33.97 38.38
C THR A 740 35.47 35.33 39.04
N GLU A 741 36.43 35.82 39.82
CA GLU A 741 36.22 37.08 40.54
C GLU A 741 36.14 38.26 39.58
N HIS A 742 37.10 38.37 38.66
CA HIS A 742 37.11 39.51 37.74
C HIS A 742 35.90 39.48 36.81
N MET A 743 35.54 38.28 36.34
CA MET A 743 34.39 38.13 35.47
C MET A 743 33.11 38.60 36.17
N TYR A 744 32.88 38.09 37.38
CA TYR A 744 31.69 38.42 38.13
C TYR A 744 31.64 39.91 38.49
N LEU A 745 32.79 40.47 38.85
CA LEU A 745 32.83 41.88 39.24
C LEU A 745 32.59 42.80 38.05
N ASN A 746 33.26 42.53 36.93
CA ASN A 746 33.17 43.41 35.78
C ASN A 746 31.90 43.24 34.97
N LEU A 747 31.19 42.12 35.11
CA LEU A 747 29.95 41.98 34.36
C LEU A 747 28.82 42.80 34.95
N GLN A 748 28.80 42.98 36.27
CA GLN A 748 27.73 43.72 36.92
C GLN A 748 28.04 45.22 37.05
N THR A 749 29.11 45.70 36.44
CA THR A 749 29.40 47.12 36.49
C THR A 749 28.31 47.90 35.76
N PRO A 750 27.96 49.11 36.22
CA PRO A 750 26.89 49.87 35.57
C PRO A 750 27.29 50.44 34.22
N ARG A 751 28.55 50.34 33.82
CA ARG A 751 29.00 50.88 32.53
C ARG A 751 28.63 49.91 31.41
N ASN A 752 27.32 49.69 31.28
CA ASN A 752 26.79 48.86 30.22
C ASN A 752 26.78 49.61 28.89
N TYR A 753 26.67 48.87 27.80
CA TYR A 753 26.52 49.45 26.48
C TYR A 753 25.07 49.28 26.02
N ALA A 754 24.76 49.87 24.86
CA ALA A 754 23.41 49.83 24.32
C ALA A 754 23.47 49.80 22.81
N ILE A 755 22.37 49.38 22.20
CA ILE A 755 22.26 49.29 20.75
C ILE A 755 21.39 50.44 20.25
N LEU A 756 21.84 51.10 19.19
CA LEU A 756 21.15 52.24 18.61
C LEU A 756 20.37 51.81 17.37
N LEU A 757 19.07 52.10 17.36
CA LEU A 757 18.22 51.82 16.22
C LEU A 757 17.22 52.95 16.03
N ARG A 758 16.85 53.19 14.78
CA ARG A 758 15.74 54.10 14.51
C ARG A 758 14.41 53.42 14.79
N ASN A 759 14.35 52.10 14.61
CA ASN A 759 13.14 51.35 14.86
C ASN A 759 13.02 51.00 16.34
N LYS A 760 11.80 50.64 16.75
CA LYS A 760 11.50 50.34 18.14
C LYS A 760 11.46 48.82 18.31
N LEU A 761 12.37 48.29 19.13
CA LEU A 761 12.44 46.85 19.35
C LEU A 761 11.31 46.41 20.28
N PRO A 762 10.78 45.21 20.08
CA PRO A 762 9.86 44.62 21.05
C PRO A 762 10.61 44.04 22.23
N ARG A 763 9.86 43.66 23.25
CA ARG A 763 10.46 43.03 24.42
C ARG A 763 11.11 41.71 24.04
N LEU A 764 12.25 41.41 24.65
CA LEU A 764 13.02 40.21 24.36
C LEU A 764 13.29 39.45 25.64
N ALA A 765 13.14 38.12 25.57
CA ALA A 765 13.29 37.29 26.75
C ALA A 765 14.76 37.19 27.17
N GLU A 766 14.99 37.04 28.47
CA GLU A 766 16.33 36.78 28.96
C GLU A 766 16.88 35.50 28.35
N MET A 767 18.15 35.54 27.95
CA MET A 767 18.73 34.45 27.19
C MET A 767 20.05 34.04 27.83
N PRO A 768 20.44 32.77 27.70
CA PRO A 768 21.67 32.32 28.34
C PRO A 768 22.89 32.42 27.42
N LEU A 769 24.03 32.68 28.05
CA LEU A 769 25.34 32.62 27.39
C LEU A 769 26.29 31.88 28.31
N PHE A 770 27.12 31.02 27.73
CA PHE A 770 27.95 30.09 28.50
C PHE A 770 29.42 30.42 28.28
N SER A 771 30.00 31.14 29.23
CA SER A 771 31.42 31.41 29.24
C SER A 771 32.17 30.30 29.98
N ASN A 772 33.49 30.38 29.97
CA ASN A 772 34.29 29.38 30.68
C ASN A 772 34.02 29.44 32.17
N GLN A 773 33.69 30.62 32.68
CA GLN A 773 33.49 30.77 34.11
C GLN A 773 32.09 30.35 34.56
N GLY A 774 31.18 30.12 33.62
CA GLY A 774 29.81 29.75 33.95
C GLY A 774 28.84 30.30 32.92
N LYS A 775 27.59 30.44 33.33
CA LYS A 775 26.55 30.91 32.43
C LYS A 775 26.17 32.35 32.72
N LEU A 776 25.69 33.04 31.70
CA LEU A 776 25.26 34.43 31.79
C LEU A 776 23.80 34.55 31.43
N HIS A 777 23.09 35.43 32.13
CA HIS A 777 21.71 35.76 31.77
C HIS A 777 21.69 37.17 31.15
N VAL A 778 21.78 37.23 29.84
CA VAL A 778 21.79 38.50 29.12
C VAL A 778 20.36 38.91 28.80
N ARG A 779 20.00 40.12 29.19
CA ARG A 779 18.67 40.66 28.91
C ARG A 779 18.79 42.05 28.32
N VAL A 780 17.81 42.42 27.51
CA VAL A 780 17.76 43.71 26.86
C VAL A 780 16.64 44.53 27.50
N ALA A 781 16.94 45.79 27.80
CA ALA A 781 15.98 46.66 28.48
C ALA A 781 14.71 46.82 27.65
N ASN A 782 13.56 46.66 28.32
CA ASN A 782 12.28 46.79 27.63
C ASN A 782 11.94 48.22 27.28
N ALA A 783 12.51 49.20 27.99
CA ALA A 783 12.24 50.61 27.76
C ALA A 783 13.52 51.25 27.23
N PRO A 784 13.50 51.80 26.02
CA PRO A 784 14.72 52.37 25.45
C PRO A 784 15.00 53.76 25.99
N LEU A 785 16.21 54.24 25.69
CA LEU A 785 16.60 55.60 26.06
C LEU A 785 16.39 56.52 24.87
N GLU A 786 15.57 57.54 25.04
CA GLU A 786 15.27 58.46 23.96
C GLU A 786 16.43 59.42 23.76
N VAL A 787 17.07 59.35 22.59
CA VAL A 787 18.20 60.21 22.25
C VAL A 787 17.96 60.81 20.88
N ILE A 788 18.54 61.99 20.66
CA ILE A 788 18.47 62.69 19.40
C ILE A 788 19.88 63.05 18.96
N ILE A 789 20.23 62.71 17.72
CA ILE A 789 21.54 63.02 17.16
C ILE A 789 21.42 64.42 16.55
N GLN A 790 21.71 65.43 17.34
CA GLN A 790 21.52 66.81 16.91
C GLN A 790 22.54 67.25 15.87
N ASN A 791 23.71 66.61 15.82
CA ASN A 791 24.79 67.04 14.95
C ASN A 791 25.32 65.87 14.16
N SER A 792 25.91 66.17 12.99
CA SER A 792 26.47 65.12 12.14
C SER A 792 27.74 64.53 12.74
N GLU A 793 28.51 65.34 13.47
CA GLU A 793 29.74 64.83 14.06
C GLU A 793 29.45 63.81 15.16
N GLN A 794 28.32 63.93 15.84
CA GLN A 794 27.92 62.89 16.79
C GLN A 794 27.69 61.58 16.07
N LEU A 795 27.01 61.63 14.93
CA LEU A 795 26.78 60.42 14.15
C LEU A 795 28.10 59.83 13.65
N GLU A 796 29.02 60.69 13.24
CA GLU A 796 30.33 60.21 12.81
C GLU A 796 31.08 59.55 13.95
N LEU A 797 31.01 60.14 15.16
CA LEU A 797 31.63 59.54 16.32
C LEU A 797 31.05 58.16 16.61
N LEU A 798 29.72 58.06 16.55
CA LEU A 798 29.07 56.77 16.77
C LEU A 798 29.51 55.75 15.75
N HIS A 799 29.57 56.15 14.48
CA HIS A 799 29.96 55.22 13.42
C HIS A 799 31.41 54.77 13.57
N GLN A 800 32.31 55.71 13.90
CA GLN A 800 33.71 55.33 14.02
C GLN A 800 33.94 54.45 15.24
N PHE A 801 33.23 54.71 16.33
CA PHE A 801 33.33 53.82 17.50
C PHE A 801 32.80 52.44 17.17
N HIS A 802 31.67 52.37 16.45
CA HIS A 802 31.10 51.10 16.06
C HIS A 802 32.06 50.29 15.20
N GLY A 803 32.70 50.95 14.23
CA GLY A 803 33.68 50.26 13.40
C GLY A 803 34.90 49.85 14.20
N MET A 804 35.36 50.74 15.10
CA MET A 804 36.57 50.46 15.87
C MET A 804 36.38 49.26 16.77
N VAL A 805 35.20 49.11 17.36
CA VAL A 805 34.93 47.94 18.21
C VAL A 805 35.22 46.66 17.44
N PHE A 806 34.51 46.44 16.34
CA PHE A 806 34.65 45.20 15.59
C PHE A 806 36.03 45.07 14.93
N ARG A 807 36.69 46.18 14.63
CA ARG A 807 37.97 46.10 13.92
C ARG A 807 39.12 45.79 14.89
N ASP A 808 39.24 46.57 15.96
CA ASP A 808 40.40 46.42 16.85
C ASP A 808 40.07 45.54 18.06
N ILE A 809 38.91 45.73 18.68
CA ILE A 809 38.60 45.06 19.94
C ILE A 809 38.32 43.58 19.68
N LEU A 810 37.31 43.30 18.87
CA LEU A 810 36.90 41.93 18.62
C LEU A 810 37.67 41.26 17.48
N LYS A 811 38.44 42.04 16.71
CA LYS A 811 39.27 41.51 15.63
C LYS A 811 38.47 40.73 14.60
N ILE A 812 37.19 41.07 14.43
CA ILE A 812 36.39 40.45 13.39
C ILE A 812 36.82 40.94 12.02
N TRP A 813 37.42 42.13 11.96
CA TRP A 813 37.73 42.79 10.70
C TRP A 813 38.59 41.94 9.79
N HIS A 814 38.24 41.93 8.50
CA HIS A 814 39.03 41.39 7.42
C HIS A 814 39.44 42.50 6.46
N PRO A 815 40.54 42.35 5.74
CA PRO A 815 41.02 43.44 4.89
C PRO A 815 40.01 43.91 3.85
N PHE A 816 39.17 43.01 3.33
CA PHE A 816 38.22 43.39 2.29
C PHE A 816 36.89 43.89 2.83
N PHE A 817 36.81 44.20 4.12
CA PHE A 817 35.58 44.75 4.68
C PHE A 817 35.48 46.24 4.37
N VAL A 818 34.23 46.73 4.34
CA VAL A 818 33.95 48.14 4.09
C VAL A 818 32.91 48.62 5.10
N LEU A 819 33.26 49.64 5.86
CA LEU A 819 32.26 50.29 6.71
C LEU A 819 31.32 51.11 5.85
N ASP A 820 30.02 51.00 6.10
CA ASP A 820 29.05 51.67 5.24
C ASP A 820 27.91 52.21 6.08
N ARG A 821 27.27 53.25 5.55
CA ARG A 821 26.06 53.81 6.14
C ARG A 821 24.87 53.78 5.19
N ARG A 822 25.05 53.36 3.94
CA ARG A 822 23.96 53.34 2.97
C ARG A 822 23.32 51.96 2.81
N SER A 823 24.04 50.89 3.15
CA SER A 823 23.43 49.57 3.15
C SER A 823 22.41 49.49 4.29
N LYS A 824 21.21 49.02 3.98
CA LYS A 824 20.11 49.09 4.94
C LYS A 824 19.91 47.79 5.72
N GLU A 825 20.64 46.73 5.41
CA GLU A 825 20.54 45.51 6.20
C GLU A 825 21.43 45.62 7.43
N ASN A 826 20.86 45.31 8.59
CA ASN A 826 21.55 45.42 9.88
C ASN A 826 22.11 46.82 10.10
N SER A 827 21.43 47.83 9.55
CA SER A 827 21.88 49.21 9.67
C SER A 827 21.54 49.74 11.07
N TYR A 828 22.44 49.44 12.01
CA TYR A 828 22.28 49.83 13.39
C TYR A 828 23.65 49.87 14.08
N LEU A 829 23.68 50.51 15.24
CA LEU A 829 24.92 50.79 15.95
C LEU A 829 24.80 50.37 17.41
N VAL A 830 25.95 50.09 18.02
CA VAL A 830 26.04 49.83 19.45
C VAL A 830 26.94 50.89 20.08
N VAL A 831 26.43 51.53 21.13
CA VAL A 831 27.13 52.66 21.75
C VAL A 831 27.33 52.39 23.23
N PRO A 832 28.38 52.92 23.84
CA PRO A 832 28.56 52.76 25.29
C PRO A 832 27.72 53.76 26.07
N LEU A 833 27.34 53.37 27.28
CA LEU A 833 26.54 54.22 28.15
C LEU A 833 27.31 54.50 29.44
N ILE A 834 26.97 55.63 30.07
CA ILE A 834 27.56 56.03 31.34
C ILE A 834 26.51 56.77 32.14
N LEU A 835 26.65 56.73 33.47
CA LEU A 835 25.68 57.37 34.34
C LEU A 835 25.74 58.89 34.17
N GLY A 836 24.59 59.51 33.96
CA GLY A 836 24.50 60.95 33.82
C GLY A 836 23.86 61.61 35.01
N ALA A 837 22.62 62.10 34.82
CA ALA A 837 21.87 62.74 35.91
C ALA A 837 21.15 61.65 36.69
N GLY A 838 21.91 60.99 37.56
CA GLY A 838 21.33 59.89 38.33
C GLY A 838 21.09 58.68 37.45
N GLU A 839 19.83 58.26 37.38
CA GLU A 839 19.46 57.11 36.57
C GLU A 839 19.41 57.42 35.08
N GLN A 840 19.49 58.69 34.70
CA GLN A 840 19.47 59.08 33.28
C GLN A 840 20.83 58.81 32.67
N LYS A 841 21.02 57.57 32.22
CA LYS A 841 22.26 57.21 31.54
C LYS A 841 22.38 57.96 30.23
N CYS A 842 23.63 58.25 29.85
CA CYS A 842 23.90 59.03 28.65
C CYS A 842 25.07 58.41 27.91
N PHE A 843 25.20 58.80 26.63
CA PHE A 843 26.28 58.27 25.81
C PHE A 843 27.62 58.66 26.37
N ASP A 844 28.56 57.71 26.35
CA ASP A 844 29.92 57.95 26.84
C ASP A 844 30.71 58.71 25.77
N TRP A 845 30.35 59.99 25.63
CA TRP A 845 30.94 60.83 24.59
C TRP A 845 32.45 60.95 24.78
N GLU A 846 32.91 61.02 26.03
CA GLU A 846 34.34 61.11 26.29
C GLU A 846 35.08 59.90 25.76
N LEU A 847 34.49 58.71 25.86
CA LEU A 847 35.15 57.49 25.40
C LEU A 847 35.26 57.47 23.88
N MET A 848 34.17 57.78 23.19
CA MET A 848 34.20 57.75 21.73
C MET A 848 35.05 58.87 21.14
N THR A 849 35.08 60.05 21.77
CA THR A 849 35.93 61.12 21.27
C THR A 849 37.40 60.75 21.34
N ASN A 850 37.82 60.07 22.42
CA ASN A 850 39.21 59.67 22.55
C ASN A 850 39.52 58.45 21.69
N PHE A 851 38.67 57.44 21.75
CA PHE A 851 38.92 56.16 21.08
C PHE A 851 38.24 56.08 19.72
N ARG A 852 38.59 57.00 18.82
CA ARG A 852 38.27 56.82 17.42
C ARG A 852 38.98 55.61 16.85
N ARG A 853 40.16 55.29 17.38
CA ARG A 853 40.94 54.13 16.98
C ARG A 853 41.76 53.69 18.19
N LEU A 854 41.84 52.38 18.39
CA LEU A 854 42.64 51.87 19.50
C LEU A 854 44.12 52.16 19.24
N PRO A 855 44.80 52.82 20.18
CA PRO A 855 46.21 53.15 19.97
C PRO A 855 47.06 51.90 19.81
N GLN A 856 48.06 52.01 18.93
CA GLN A 856 48.94 50.89 18.65
C GLN A 856 49.81 50.56 19.84
N SER A 857 50.02 49.27 20.08
CA SER A 857 50.96 48.83 21.11
C SER A 857 52.37 48.88 20.56
N HIS A 858 53.15 49.85 21.04
CA HIS A 858 54.50 50.06 20.52
C HIS A 858 55.47 50.19 21.68
N GLY A 859 56.74 49.92 21.40
CA GLY A 859 57.75 49.86 22.42
C GLY A 859 58.29 51.22 22.83
N SER A 860 59.18 51.18 23.83
CA SER A 860 59.84 52.37 24.35
C SER A 860 61.11 51.95 25.05
N ASN A 861 62.25 52.45 24.59
CA ASN A 861 63.53 52.07 25.14
C ASN A 861 63.70 52.63 26.55
N VAL A 862 64.86 52.31 27.16
CA VAL A 862 65.13 52.74 28.53
C VAL A 862 65.25 54.26 28.59
N GLN A 863 66.04 54.84 27.68
CA GLN A 863 66.18 56.29 27.65
C GLN A 863 64.85 56.97 27.30
N GLN A 864 64.09 56.38 26.37
CA GLN A 864 62.78 56.92 26.03
C GLN A 864 61.84 56.86 27.23
N ARG A 865 61.90 55.77 28.01
CA ARG A 865 61.10 55.68 29.21
C ARG A 865 61.52 56.72 30.24
N GLU A 866 62.82 57.00 30.34
CA GLU A 866 63.29 58.08 31.20
C GLU A 866 62.76 59.44 30.75
N GLN A 867 62.75 59.69 29.43
CA GLN A 867 62.16 60.94 28.94
C GLN A 867 60.66 60.99 29.17
N GLN A 868 59.97 59.86 29.03
CA GLN A 868 58.55 59.82 29.30
C GLN A 868 58.29 59.89 30.80
N PRO A 869 57.11 60.37 31.22
CA PRO A 869 56.80 60.45 32.65
C PRO A 869 56.60 59.08 33.26
N ALA A 870 56.77 59.03 34.58
CA ALA A 870 56.57 57.79 35.32
C ALA A 870 55.08 57.44 35.32
N PRO A 871 54.73 56.15 35.41
CA PRO A 871 53.33 55.77 35.29
C PRO A 871 52.54 55.86 36.60
N ARG A 872 51.47 56.65 36.54
CA ARG A 872 50.72 57.01 37.74
C ARG A 872 50.10 55.78 38.40
N PRO A 873 50.21 55.63 39.72
CA PRO A 873 49.67 54.44 40.37
C PRO A 873 48.16 54.29 40.24
N GLU A 874 47.42 55.39 40.15
CA GLU A 874 45.96 55.35 40.14
C GLU A 874 45.38 55.37 38.74
N ASP A 875 46.21 55.19 37.71
CA ASP A 875 45.76 55.23 36.33
C ASP A 875 45.68 53.84 35.70
N PHE A 876 45.73 52.78 36.49
CA PHE A 876 45.78 51.42 35.95
C PHE A 876 44.63 50.52 36.37
N GLU A 877 43.94 50.80 37.47
CA GLU A 877 42.88 49.92 37.93
C GLU A 877 41.74 49.88 36.91
N GLY A 878 41.25 48.67 36.63
CA GLY A 878 40.15 48.50 35.69
C GLY A 878 40.46 48.84 34.26
N LYS A 879 41.74 48.98 33.90
CA LYS A 879 42.09 49.37 32.55
C LYS A 879 42.77 48.23 31.81
N ILE A 880 42.64 48.25 30.49
CA ILE A 880 43.20 47.22 29.62
C ILE A 880 44.66 47.54 29.34
N VAL A 881 45.52 46.53 29.47
CA VAL A 881 46.94 46.68 29.19
C VAL A 881 47.37 45.52 28.30
N THR A 882 48.55 45.67 27.69
CA THR A 882 49.12 44.62 26.86
C THR A 882 50.63 44.59 27.03
N GLN A 883 51.21 43.42 26.80
CA GLN A 883 52.66 43.24 26.91
C GLN A 883 53.30 43.59 25.56
N TRP A 884 53.83 44.80 25.45
CA TRP A 884 54.41 45.22 24.18
C TRP A 884 55.80 44.64 23.94
N TYR A 885 56.39 43.98 24.93
CA TYR A 885 57.69 43.35 24.74
C TYR A 885 57.57 41.87 24.41
N ALA A 886 56.48 41.21 24.81
CA ALA A 886 56.28 39.80 24.55
C ALA A 886 55.75 39.58 23.15
N ASN A 887 55.90 38.34 22.66
CA ASN A 887 55.42 38.01 21.32
C ASN A 887 53.91 38.17 21.22
N TYR A 888 53.16 37.74 22.23
CA TYR A 888 51.70 37.83 22.21
C TYR A 888 51.30 39.27 22.51
N ASP A 889 50.57 39.86 21.56
CA ASP A 889 50.11 41.24 21.68
C ASP A 889 48.66 41.34 22.13
N LYS A 890 48.06 40.25 22.58
CA LYS A 890 46.64 40.27 22.94
C LYS A 890 46.42 41.17 24.15
N PRO A 891 45.28 41.86 24.23
CA PRO A 891 44.99 42.68 25.41
C PRO A 891 44.64 41.82 26.62
N MET A 892 44.79 42.42 27.79
CA MET A 892 44.59 41.70 29.03
C MET A 892 44.28 42.71 30.13
N LEU A 893 43.41 42.30 31.06
CA LEU A 893 42.75 43.21 31.97
C LEU A 893 43.46 43.30 33.31
N VAL A 894 43.52 44.51 33.86
CA VAL A 894 44.01 44.75 35.21
C VAL A 894 42.92 44.36 36.21
N THR A 895 43.19 43.34 37.02
CA THR A 895 42.23 42.91 38.03
C THR A 895 42.58 43.37 39.43
N LYS A 896 43.84 43.75 39.67
CA LYS A 896 44.26 44.18 41.00
C LYS A 896 45.47 45.09 40.86
N VAL A 897 45.58 46.06 41.76
CA VAL A 897 46.67 47.01 41.78
C VAL A 897 47.46 46.85 43.07
N HIS A 898 48.74 47.18 43.02
CA HIS A 898 49.62 47.03 44.17
C HIS A 898 50.55 48.22 44.29
N ARG A 899 50.62 48.78 45.50
CA ARG A 899 51.65 49.75 45.84
C ARG A 899 52.65 49.22 46.85
N GLU A 900 52.24 48.29 47.73
CA GLU A 900 53.20 47.63 48.59
C GLU A 900 54.17 46.77 47.79
N LEU A 901 53.67 46.13 46.73
CA LEU A 901 54.52 45.36 45.84
C LEU A 901 55.33 46.30 44.96
N THR A 902 56.43 45.76 44.42
CA THR A 902 57.46 46.57 43.79
C THR A 902 58.22 45.68 42.82
N PRO A 903 58.78 46.25 41.73
CA PRO A 903 59.62 45.43 40.84
C PRO A 903 60.72 44.68 41.58
N LEU A 904 61.27 45.25 42.64
CA LEU A 904 62.05 44.47 43.60
C LEU A 904 61.09 43.64 44.45
N SER A 905 60.48 42.63 43.84
CA SER A 905 59.37 41.93 44.45
C SER A 905 59.83 40.86 45.43
N TYR A 906 58.90 40.41 46.26
CA TYR A 906 59.15 39.26 47.12
C TYR A 906 59.22 38.00 46.27
N MET A 907 60.24 37.19 46.53
CA MET A 907 60.50 36.01 45.71
C MET A 907 59.40 34.98 45.88
N GLU A 908 59.04 34.31 44.79
CA GLU A 908 57.93 33.37 44.76
C GLU A 908 58.46 31.95 44.54
N LYS A 909 57.51 31.01 44.44
CA LYS A 909 57.87 29.60 44.29
C LYS A 909 58.62 29.32 42.99
N ASN A 910 58.18 29.94 41.89
CA ASN A 910 58.89 29.82 40.62
C ASN A 910 59.75 31.03 40.32
N GLN A 911 59.49 32.16 40.97
CA GLN A 911 60.36 33.33 40.90
C GLN A 911 61.41 33.33 42.00
N GLN A 912 61.81 32.15 42.47
CA GLN A 912 62.75 32.07 43.59
C GLN A 912 64.10 32.65 43.21
N ASP A 913 64.78 33.22 44.20
CA ASP A 913 66.11 33.82 44.08
C ASP A 913 66.14 35.04 43.18
N LYS A 914 64.99 35.47 42.66
CA LYS A 914 64.92 36.61 41.75
C LYS A 914 63.69 37.46 42.07
N THR A 915 63.84 38.78 41.92
CA THR A 915 62.67 39.63 41.82
C THR A 915 62.12 39.56 40.39
N TYR A 916 60.87 40.01 40.22
CA TYR A 916 60.30 40.07 38.88
C TYR A 916 61.14 40.92 37.94
N TYR A 917 61.72 41.99 38.48
CA TYR A 917 62.68 42.84 37.76
C TYR A 917 63.76 41.99 37.07
N GLU A 918 64.57 41.30 37.87
CA GLU A 918 65.63 40.45 37.34
C GLU A 918 65.06 39.32 36.49
N PHE A 919 63.82 38.91 36.76
CA PHE A 919 63.20 37.86 35.96
C PHE A 919 62.92 38.34 34.53
N THR A 920 62.42 39.56 34.38
CA THR A 920 62.25 40.11 33.03
C THR A 920 63.59 40.30 32.35
N MET A 921 64.62 40.75 33.07
CA MET A 921 65.95 40.79 32.45
C MET A 921 66.44 39.42 32.01
N SER A 922 66.16 38.38 32.80
CA SER A 922 66.57 37.03 32.44
C SER A 922 65.81 36.51 31.23
N LYS A 923 64.52 36.86 31.12
CA LYS A 923 63.68 36.27 30.07
C LYS A 923 63.76 37.06 28.77
N TYR A 924 63.55 38.38 28.83
CA TYR A 924 63.47 39.23 27.64
C TYR A 924 64.34 40.45 27.80
N GLY A 925 65.61 40.25 28.18
CA GLY A 925 66.52 41.37 28.36
C GLY A 925 66.73 42.21 27.12
N ASN A 926 66.47 41.63 25.94
CA ASN A 926 66.62 42.37 24.69
C ASN A 926 65.66 43.56 24.60
N ARG A 927 64.49 43.45 25.21
CA ARG A 927 63.52 44.54 25.23
C ARG A 927 63.59 45.35 26.51
N ILE A 928 63.65 44.69 27.67
CA ILE A 928 63.69 45.37 28.94
C ILE A 928 65.15 45.57 29.31
N GLY A 929 65.72 46.70 28.88
CA GLY A 929 67.08 47.02 29.27
C GLY A 929 67.21 47.35 30.75
N ASP A 930 66.20 48.04 31.29
CA ASP A 930 66.22 48.50 32.66
C ASP A 930 64.80 48.90 33.05
N VAL A 931 64.61 49.19 34.33
CA VAL A 931 63.33 49.64 34.87
C VAL A 931 63.53 51.03 35.46
N VAL A 932 62.70 51.98 35.01
CA VAL A 932 62.92 53.38 35.36
C VAL A 932 62.15 53.76 36.63
N HIS A 933 61.04 53.08 36.91
CA HIS A 933 60.23 53.36 38.09
C HIS A 933 60.24 52.15 39.01
N LYS A 934 61.44 51.65 39.28
CA LYS A 934 61.62 50.47 40.12
C LYS A 934 60.98 50.61 41.51
N ASP A 935 60.48 51.79 41.86
CA ASP A 935 60.23 52.09 43.27
C ASP A 935 58.94 51.50 43.83
N LYS A 936 57.79 51.90 43.30
CA LYS A 936 56.58 51.78 44.12
C LYS A 936 55.29 51.42 43.38
N PHE A 937 55.34 50.90 42.16
CA PHE A 937 54.09 50.62 41.45
C PHE A 937 54.09 49.20 40.91
N MET A 938 52.96 48.52 41.08
CA MET A 938 52.79 47.14 40.66
C MET A 938 51.31 46.90 40.35
N ILE A 939 51.04 45.92 39.50
CA ILE A 939 49.68 45.59 39.09
C ILE A 939 49.54 44.08 38.93
N GLU A 940 48.30 43.62 39.09
CA GLU A 940 47.92 42.23 38.87
C GLU A 940 46.91 42.18 37.73
N VAL A 941 47.17 41.33 36.74
CA VAL A 941 46.50 41.39 35.45
C VAL A 941 46.01 40.01 35.04
N ARG A 942 44.81 39.96 34.47
CA ARG A 942 44.20 38.74 33.98
C ARG A 942 44.07 38.79 32.47
N ASP A 943 44.35 37.68 31.80
CA ASP A 943 44.13 37.59 30.37
C ASP A 943 42.64 37.47 30.05
N LEU A 944 42.26 37.86 28.84
CA LEU A 944 40.90 37.74 28.36
C LEU A 944 40.83 36.70 27.25
N THR A 945 39.74 35.95 27.23
CA THR A 945 39.60 34.83 26.31
C THR A 945 39.35 35.32 24.88
N GLU A 946 39.81 34.52 23.92
CA GLU A 946 39.56 34.80 22.51
C GLU A 946 38.21 34.25 22.05
N GLN A 947 37.51 33.50 22.90
CA GLN A 947 36.27 32.86 22.49
C GLN A 947 35.18 33.90 22.23
N LEU A 948 34.42 33.66 21.17
CA LEU A 948 33.29 34.52 20.80
C LEU A 948 31.98 33.74 20.71
N THR A 949 32.02 32.49 20.29
CA THR A 949 30.82 31.65 20.21
C THR A 949 30.55 31.06 21.59
N PHE A 950 29.71 31.75 22.35
CA PHE A 950 29.41 31.38 23.72
C PHE A 950 28.15 30.52 23.84
N TYR A 951 27.83 29.73 22.82
CA TYR A 951 26.62 28.92 22.86
C TYR A 951 26.87 27.52 23.42
N VAL A 952 28.11 27.05 23.38
CA VAL A 952 28.42 25.69 23.81
C VAL A 952 28.18 25.60 25.31
N HIS A 953 27.27 24.70 25.72
CA HIS A 953 26.88 24.61 27.12
C HIS A 953 27.98 23.96 27.97
N ASN A 954 28.63 22.93 27.44
CA ASN A 954 29.55 22.13 28.24
C ASN A 954 30.91 22.77 28.44
N ARG A 955 31.20 23.89 27.77
CA ARG A 955 32.52 24.50 27.91
C ARG A 955 32.72 25.10 29.30
N GLY A 956 31.62 25.37 30.01
CA GLY A 956 31.71 26.07 31.29
C GLY A 956 31.98 25.18 32.49
N LYS A 957 32.31 23.91 32.28
CA LYS A 957 32.51 22.99 33.39
C LYS A 957 33.67 23.44 34.26
N PHE A 958 33.54 23.23 35.57
CA PHE A 958 34.47 23.75 36.56
C PHE A 958 35.35 22.66 37.16
N ASN A 959 34.99 21.38 36.97
CA ASN A 959 35.71 20.29 37.62
C ASN A 959 37.19 20.31 37.28
N ALA A 960 37.52 20.45 35.98
CA ALA A 960 38.93 20.54 35.59
C ALA A 960 39.52 21.88 36.00
N LYS A 961 38.72 22.94 35.97
CA LYS A 961 39.24 24.28 36.27
C LYS A 961 39.30 24.52 37.77
N SER A 962 38.88 23.56 38.59
CA SER A 962 39.00 23.71 40.03
C SER A 962 40.45 23.80 40.47
N LYS A 963 41.37 23.25 39.69
CA LYS A 963 42.79 23.33 40.00
C LYS A 963 43.26 24.78 39.92
N ALA A 964 44.18 25.15 40.82
CA ALA A 964 44.60 26.54 40.93
C ALA A 964 45.32 27.00 39.68
N LYS A 965 45.12 28.29 39.35
CA LYS A 965 45.80 28.93 38.24
C LYS A 965 46.72 30.02 38.79
N MET A 966 47.97 30.02 38.33
CA MET A 966 48.97 30.93 38.89
C MET A 966 48.69 32.37 38.47
N LYS A 967 49.04 33.31 39.34
CA LYS A 967 48.86 34.72 39.03
C LYS A 967 49.89 35.20 38.02
N VAL A 968 49.60 36.34 37.41
CA VAL A 968 50.51 36.98 36.46
C VAL A 968 50.68 38.42 36.94
N ILE A 969 51.72 38.66 37.72
CA ILE A 969 52.03 40.00 38.23
C ILE A 969 52.98 40.67 37.27
N LEU A 970 52.67 41.92 36.90
CA LEU A 970 53.38 42.59 35.82
C LEU A 970 53.86 43.96 36.26
N ILE A 971 55.07 44.31 35.86
CA ILE A 971 55.62 45.64 36.11
C ILE A 971 54.90 46.64 35.19
N PRO A 972 54.38 47.73 35.74
CA PRO A 972 53.48 48.58 34.95
C PRO A 972 54.16 49.35 33.84
N GLU A 973 55.37 49.84 34.04
CA GLU A 973 56.01 50.68 33.04
C GLU A 973 56.37 49.92 31.76
N LEU A 974 56.40 48.59 31.81
CA LEU A 974 56.75 47.79 30.65
C LEU A 974 55.54 47.35 29.82
N CYS A 975 54.34 47.71 30.23
CA CYS A 975 53.13 47.35 29.50
C CYS A 975 52.38 48.63 29.14
N PHE A 976 51.95 48.73 27.89
CA PHE A 976 51.18 49.88 27.44
C PHE A 976 49.77 49.82 28.03
N ASN A 977 49.29 50.93 28.56
CA ASN A 977 47.98 50.98 29.21
C ASN A 977 46.97 51.59 28.24
N PHE A 978 45.94 50.83 27.90
CA PHE A 978 44.80 51.37 27.18
C PHE A 978 43.85 52.03 28.18
N ASN A 979 43.49 53.28 27.92
CA ASN A 979 42.57 53.97 28.80
C ASN A 979 41.14 53.46 28.66
N PHE A 980 40.91 52.47 27.80
CA PHE A 980 39.59 51.87 27.67
C PHE A 980 39.22 51.16 28.97
N PRO A 981 38.02 51.37 29.50
CA PRO A 981 37.61 50.65 30.72
C PRO A 981 37.53 49.15 30.45
N GLY A 982 38.23 48.38 31.28
CA GLY A 982 38.27 46.94 31.09
C GLY A 982 36.92 46.28 31.29
N ASP A 983 36.09 46.83 32.18
CA ASP A 983 34.76 46.27 32.39
C ASP A 983 33.89 46.39 31.16
N LEU A 984 34.08 47.45 30.35
CA LEU A 984 33.31 47.56 29.11
C LEU A 984 33.87 46.63 28.04
N TRP A 985 35.19 46.42 28.05
CA TRP A 985 35.78 45.46 27.12
C TRP A 985 35.29 44.05 27.40
N LEU A 986 35.20 43.69 28.68
CA LEU A 986 34.71 42.36 29.04
C LEU A 986 33.28 42.14 28.59
N LYS A 987 32.45 43.19 28.57
CA LYS A 987 31.10 43.07 28.04
C LYS A 987 31.10 43.04 26.51
N LEU A 988 31.98 43.82 25.88
CA LEU A 988 32.09 43.80 24.43
C LEU A 988 32.57 42.44 23.92
N ILE A 989 33.24 41.67 24.77
CA ILE A 989 33.69 40.34 24.37
C ILE A 989 32.50 39.47 23.98
N PHE A 990 31.39 39.57 24.71
CA PHE A 990 30.21 38.75 24.43
C PHE A 990 29.36 39.29 23.30
N LEU A 991 29.69 40.48 22.79
CA LEU A 991 28.78 41.21 21.89
C LEU A 991 28.35 40.44 20.65
N PRO A 992 29.25 39.79 19.88
CA PRO A 992 28.77 39.11 18.66
C PRO A 992 27.73 38.03 18.94
N SER A 993 27.88 37.28 20.03
CA SER A 993 26.91 36.24 20.34
C SER A 993 25.55 36.84 20.69
N ILE A 994 25.52 37.91 21.49
CA ILE A 994 24.26 38.56 21.81
C ILE A 994 23.62 39.13 20.55
N LEU A 995 24.43 39.71 19.66
CA LEU A 995 23.89 40.29 18.44
C LEU A 995 23.27 39.21 17.55
N ASN A 996 23.96 38.09 17.39
CA ASN A 996 23.43 37.00 16.56
C ASN A 996 22.19 36.39 17.19
N ARG A 997 22.15 36.28 18.51
CA ARG A 997 20.96 35.77 19.16
C ARG A 997 19.78 36.72 19.01
N MET A 998 20.03 38.03 19.11
CA MET A 998 18.97 39.02 18.97
C MET A 998 18.43 39.05 17.55
N TYR A 999 19.31 38.85 16.57
CA TYR A 999 18.90 38.69 15.18
C TYR A 999 17.75 37.68 15.05
N PHE A 1000 18.01 36.44 15.44
CA PHE A 1000 17.01 35.40 15.25
C PHE A 1000 15.90 35.50 16.29
N LEU A 1001 16.14 36.17 17.42
CA LEU A 1001 15.06 36.45 18.35
C LEU A 1001 14.05 37.40 17.74
N LEU A 1002 14.52 38.42 17.02
CA LEU A 1002 13.62 39.31 16.31
C LEU A 1002 12.90 38.59 15.19
N HIS A 1003 13.61 37.69 14.49
CA HIS A 1003 12.92 36.87 13.50
C HIS A 1003 11.80 36.05 14.13
N ALA A 1004 12.08 35.43 15.28
CA ALA A 1004 11.07 34.63 15.96
C ALA A 1004 9.91 35.49 16.46
N GLU A 1005 10.21 36.71 16.90
CA GLU A 1005 9.14 37.63 17.30
C GLU A 1005 8.25 37.99 16.13
N ALA A 1006 8.86 38.25 14.96
CA ALA A 1006 8.07 38.54 13.77
C ALA A 1006 7.17 37.36 13.41
N LEU A 1007 7.71 36.15 13.48
CA LEU A 1007 6.90 34.97 13.19
C LEU A 1007 5.79 34.79 14.22
N ARG A 1008 6.07 35.06 15.49
CA ARG A 1008 5.05 34.99 16.52
C ARG A 1008 3.92 35.96 16.23
N LYS A 1009 4.26 37.20 15.89
CA LYS A 1009 3.24 38.20 15.58
C LYS A 1009 2.44 37.79 14.35
N ARG A 1010 3.10 37.25 13.33
CA ARG A 1010 2.40 36.81 12.13
C ARG A 1010 1.39 35.71 12.45
N PHE A 1011 1.85 34.67 13.14
CA PHE A 1011 0.97 33.52 13.40
C PHE A 1011 -0.10 33.86 14.42
N ASN A 1012 0.14 34.87 15.25
CA ASN A 1012 -0.92 35.34 16.15
C ASN A 1012 -1.95 36.16 15.39
N THR A 1013 -1.49 36.98 14.44
CA THR A 1013 -2.41 37.79 13.65
C THR A 1013 -3.29 36.92 12.77
N TYR A 1014 -2.73 35.87 12.18
CA TYR A 1014 -3.54 35.00 11.32
C TYR A 1014 -4.66 34.32 12.11
N LEU A 1015 -4.33 33.81 13.30
CA LEU A 1015 -5.32 33.16 14.14
C LEU A 1015 -6.25 34.13 14.85
N ASN A 1016 -6.07 35.43 14.66
CA ASN A 1016 -6.80 36.46 15.40
C ASN A 1016 -6.59 36.24 16.90
N LEU A 1017 -5.36 35.90 17.28
CA LEU A 1017 -5.00 35.73 18.69
C LEU A 1017 -4.33 37.01 19.16
N HIS A 1018 -5.15 38.01 19.48
CA HIS A 1018 -4.69 39.29 20.02
C HIS A 1018 -5.22 39.53 21.43
N LEU A 1019 -5.20 38.49 22.26
CA LEU A 1019 -5.76 38.57 23.59
C LEU A 1019 -4.81 39.27 24.55
N LEU A 1020 -5.14 39.22 25.83
CA LEU A 1020 -4.36 39.89 26.86
C LEU A 1020 -2.88 39.52 26.88
N PRO A 1021 -2.47 38.24 26.78
CA PRO A 1021 -1.04 37.93 26.90
C PRO A 1021 -0.22 38.26 25.66
N PHE A 1022 -0.77 39.06 24.74
CA PHE A 1022 -0.07 39.36 23.49
C PHE A 1022 0.09 40.85 23.22
N ASN A 1023 -0.22 41.71 24.19
CA ASN A 1023 0.13 43.12 24.07
C ASN A 1023 0.94 43.55 25.28
N GLY A 1024 0.55 43.08 26.46
CA GLY A 1024 1.32 43.28 27.67
C GLY A 1024 2.17 42.08 27.96
N THR A 1025 2.62 41.40 26.90
CA THR A 1025 3.36 40.16 27.03
C THR A 1025 4.69 40.39 27.74
N ASP A 1026 5.07 39.46 28.60
CA ASP A 1026 6.38 39.46 29.26
C ASP A 1026 6.92 38.04 29.17
N TYR A 1027 7.95 37.86 28.34
CA TYR A 1027 8.38 36.52 27.97
C TYR A 1027 9.18 35.85 29.08
N MET A 1028 8.93 34.56 29.26
CA MET A 1028 9.71 33.78 30.19
C MET A 1028 11.14 33.64 29.66
N PRO A 1029 12.13 33.50 30.54
CA PRO A 1029 13.51 33.31 30.07
C PRO A 1029 13.61 32.06 29.21
N ARG A 1030 14.43 32.14 28.17
CA ARG A 1030 14.52 31.06 27.20
C ARG A 1030 15.24 29.87 27.83
N PRO A 1031 14.59 28.70 27.94
CA PRO A 1031 15.20 27.58 28.66
C PRO A 1031 16.21 26.83 27.81
N LEU A 1032 17.06 26.07 28.50
CA LEU A 1032 17.99 25.17 27.81
C LEU A 1032 17.24 23.93 27.33
N GLU A 1033 17.72 23.36 26.22
CA GLU A 1033 17.17 22.11 25.71
C GLU A 1033 17.94 20.97 26.38
N ILE A 1034 17.41 20.54 27.54
CA ILE A 1034 18.07 19.51 28.32
C ILE A 1034 18.08 18.16 27.61
N ASP A 1035 17.18 17.96 26.65
CA ASP A 1035 17.15 16.73 25.90
C ASP A 1035 17.95 16.80 24.60
N TYR A 1036 18.70 17.87 24.37
CA TYR A 1036 19.52 18.07 23.18
C TYR A 1036 20.77 17.18 23.17
N SER A 1037 20.98 16.47 24.29
CA SER A 1037 22.13 15.60 24.57
C SER A 1037 23.37 16.37 24.98
N LEU A 1038 23.21 17.63 25.39
CA LEU A 1038 24.27 18.40 26.04
C LEU A 1038 23.91 18.47 27.52
N LYS A 1039 24.60 17.67 28.33
CA LYS A 1039 24.23 17.42 29.72
C LYS A 1039 22.80 16.92 29.80
N GLY A 1168 -9.58 3.41 36.99
CA GLY A 1168 -9.89 4.32 38.08
C GLY A 1168 -9.94 5.79 37.66
N LYS A 1169 -8.76 6.38 37.45
CA LYS A 1169 -8.66 7.77 37.02
C LYS A 1169 -7.64 7.88 35.90
N VAL A 1170 -7.91 8.81 34.98
CA VAL A 1170 -7.01 9.12 33.89
C VAL A 1170 -6.78 10.62 33.84
N LYS A 1171 -5.53 11.03 33.85
CA LYS A 1171 -5.20 12.45 33.78
C LYS A 1171 -5.38 12.95 32.36
N PRO A 1172 -6.23 13.94 32.12
CA PRO A 1172 -6.47 14.40 30.75
C PRO A 1172 -5.20 14.93 30.10
N LEU A 1173 -5.06 14.67 28.81
CA LEU A 1173 -3.90 15.16 28.07
C LEU A 1173 -4.03 16.66 27.87
N LEU A 1174 -2.95 17.39 28.15
CA LEU A 1174 -3.04 18.85 28.22
C LEU A 1174 -3.30 19.47 26.86
N ILE A 1175 -2.76 18.86 25.80
CA ILE A 1175 -2.96 19.42 24.46
C ILE A 1175 -4.43 19.43 24.09
N LEU A 1176 -5.13 18.31 24.30
CA LEU A 1176 -6.55 18.26 24.02
C LEU A 1176 -7.32 19.17 24.97
N GLN A 1177 -6.90 19.24 26.22
CA GLN A 1177 -7.58 20.09 27.20
C GLN A 1177 -7.56 21.54 26.77
N LYS A 1178 -6.42 22.02 26.29
CA LYS A 1178 -6.36 23.39 25.78
C LYS A 1178 -6.96 23.51 24.38
N THR A 1179 -7.10 22.40 23.65
CA THR A 1179 -7.85 22.44 22.40
C THR A 1179 -9.32 22.74 22.66
N VAL A 1180 -9.90 22.13 23.69
CA VAL A 1180 -11.31 22.30 23.97
C VAL A 1180 -11.61 23.54 24.83
N SER A 1181 -10.79 23.84 25.82
CA SER A 1181 -11.04 24.92 26.76
C SER A 1181 -10.11 26.08 26.48
N LYS A 1182 -10.67 27.29 26.46
CA LYS A 1182 -9.85 28.49 26.19
C LYS A 1182 -9.01 28.89 27.38
N GLU A 1183 -9.46 28.58 28.60
CA GLU A 1183 -8.78 29.05 29.80
C GLU A 1183 -7.39 28.45 29.93
N HIS A 1184 -7.13 27.31 29.30
CA HIS A 1184 -5.84 26.64 29.39
C HIS A 1184 -4.89 27.03 28.27
N ILE A 1185 -5.31 27.91 27.35
CA ILE A 1185 -4.42 28.34 26.28
C ILE A 1185 -3.33 29.24 26.84
N THR A 1186 -2.08 28.92 26.48
CA THR A 1186 -0.93 29.70 26.93
C THR A 1186 -0.32 30.44 25.75
N PRO A 1187 0.28 31.62 25.97
CA PRO A 1187 0.87 32.36 24.86
C PRO A 1187 2.00 31.58 24.21
N ALA A 1188 2.10 31.72 22.88
CA ALA A 1188 3.16 31.07 22.12
C ALA A 1188 4.46 31.80 22.39
N GLU A 1189 5.32 31.22 23.21
CA GLU A 1189 6.49 31.92 23.70
C GLU A 1189 7.47 32.21 22.57
N GLN A 1190 8.13 33.36 22.68
CA GLN A 1190 9.12 33.77 21.69
C GLN A 1190 10.29 32.80 21.65
N GLY A 1191 10.71 32.31 22.82
CA GLY A 1191 11.78 31.32 22.85
C GLY A 1191 11.42 30.04 22.13
N GLU A 1192 10.15 29.62 22.21
CA GLU A 1192 9.73 28.43 21.48
C GLU A 1192 9.84 28.63 19.97
N PHE A 1193 9.45 29.81 19.47
CA PHE A 1193 9.61 30.09 18.05
C PHE A 1193 11.08 30.17 17.65
N LEU A 1194 11.93 30.74 18.52
CA LEU A 1194 13.36 30.75 18.22
C LEU A 1194 13.91 29.34 18.13
N ALA A 1195 13.48 28.46 19.04
CA ALA A 1195 13.90 27.07 18.98
C ALA A 1195 13.41 26.40 17.71
N ALA A 1196 12.15 26.64 17.35
CA ALA A 1196 11.60 26.07 16.13
C ALA A 1196 12.31 26.55 14.88
N ILE A 1197 12.87 27.77 14.91
CA ILE A 1197 13.62 28.27 13.77
C ILE A 1197 15.06 27.75 13.73
N THR A 1198 15.73 27.67 14.87
CA THR A 1198 17.14 27.28 14.94
C THR A 1198 17.26 25.79 14.62
N ALA A 1199 18.00 25.47 13.57
CA ALA A 1199 18.25 24.08 13.22
C ALA A 1199 19.25 23.46 14.18
N SER A 1200 19.29 22.12 14.18
CA SER A 1200 20.25 21.42 15.03
C SER A 1200 21.68 21.67 14.57
N SER A 1201 21.87 22.01 13.30
CA SER A 1201 23.21 22.29 12.80
C SER A 1201 23.76 23.61 13.31
N ALA A 1202 22.93 24.43 13.93
CA ALA A 1202 23.36 25.73 14.42
C ALA A 1202 24.28 25.63 15.64
N ALA A 1203 24.42 24.44 16.22
CA ALA A 1203 25.25 24.19 17.40
C ALA A 1203 24.86 25.03 18.60
N ASP A 1204 23.60 25.42 18.70
CA ASP A 1204 23.13 26.17 19.85
C ASP A 1204 22.72 25.23 20.97
N VAL A 1205 22.12 25.80 22.01
CA VAL A 1205 21.70 25.03 23.17
C VAL A 1205 20.23 24.65 23.03
N PHE A 1206 19.68 24.85 21.84
CA PHE A 1206 18.29 24.51 21.55
C PHE A 1206 18.14 24.30 20.06
N ASP A 1207 17.07 23.59 19.69
CA ASP A 1207 16.75 23.39 18.28
C ASP A 1207 15.29 22.99 18.15
N MET A 1208 14.92 22.65 16.92
CA MET A 1208 13.56 22.27 16.56
C MET A 1208 13.30 20.78 16.70
N GLU A 1209 14.32 19.98 16.96
CA GLU A 1209 14.19 18.53 16.80
C GLU A 1209 13.16 17.93 17.75
N ARG A 1210 12.92 18.54 18.90
CA ARG A 1210 11.88 18.03 19.78
C ARG A 1210 10.50 18.48 19.33
N LEU A 1211 10.36 19.73 18.89
CA LEU A 1211 9.07 20.21 18.39
C LEU A 1211 8.67 19.45 17.13
N GLU A 1212 9.65 18.95 16.39
CA GLU A 1212 9.38 18.30 15.11
C GLU A 1212 8.54 17.04 15.29
N ILE A 1213 8.77 16.30 16.37
CA ILE A 1213 8.03 15.05 16.58
C ILE A 1213 6.55 15.34 16.79
N LEU A 1214 6.24 16.29 17.68
CA LEU A 1214 4.85 16.64 17.91
C LEU A 1214 4.21 17.23 16.66
N GLY A 1215 4.97 18.07 15.93
CA GLY A 1215 4.44 18.63 14.71
C GLY A 1215 4.13 17.59 13.66
N ASN A 1216 5.02 16.61 13.51
CA ASN A 1216 4.82 15.54 12.54
C ASN A 1216 3.63 14.67 12.93
N SER A 1217 3.50 14.36 14.21
CA SER A 1217 2.36 13.55 14.66
C SER A 1217 1.05 14.28 14.40
N PHE A 1218 0.99 15.57 14.73
CA PHE A 1218 -0.23 16.33 14.46
C PHE A 1218 -0.49 16.43 12.96
N LEU A 1219 0.56 16.63 12.16
CA LEU A 1219 0.38 16.71 10.72
C LEU A 1219 -0.18 15.41 10.15
N LYS A 1220 0.33 14.27 10.64
CA LYS A 1220 -0.18 12.99 10.19
C LYS A 1220 -1.66 12.84 10.55
N LEU A 1221 -2.01 13.12 11.80
CA LEU A 1221 -3.41 12.98 12.21
C LEU A 1221 -4.32 13.91 11.41
N SER A 1222 -3.90 15.16 11.24
CA SER A 1222 -4.74 16.14 10.56
C SER A 1222 -4.90 15.81 9.08
N ALA A 1223 -3.81 15.40 8.43
CA ALA A 1223 -3.92 14.99 7.03
C ALA A 1223 -4.83 13.78 6.88
N THR A 1224 -4.70 12.79 7.76
CA THR A 1224 -5.58 11.62 7.70
C THR A 1224 -7.04 12.04 7.83
N LEU A 1225 -7.36 12.82 8.87
CA LEU A 1225 -8.75 13.21 9.10
C LEU A 1225 -9.28 14.07 7.95
N TYR A 1226 -8.46 15.00 7.46
CA TYR A 1226 -8.88 15.88 6.38
C TYR A 1226 -9.19 15.10 5.11
N LEU A 1227 -8.29 14.20 4.73
CA LEU A 1227 -8.50 13.39 3.52
C LEU A 1227 -9.70 12.47 3.69
N ALA A 1228 -9.83 11.84 4.87
CA ALA A 1228 -10.96 10.93 5.08
C ALA A 1228 -12.29 11.66 5.17
N SER A 1229 -12.29 12.95 5.52
CA SER A 1229 -13.53 13.70 5.59
C SER A 1229 -13.94 14.23 4.23
N LYS A 1230 -13.00 14.83 3.50
CA LYS A 1230 -13.34 15.43 2.23
C LYS A 1230 -13.62 14.36 1.17
N TYR A 1231 -12.97 13.20 1.29
CA TYR A 1231 -12.95 12.24 0.19
C TYR A 1231 -13.40 10.87 0.65
N SER A 1232 -14.56 10.82 1.31
CA SER A 1232 -15.09 9.59 1.88
C SER A 1232 -15.28 8.48 0.84
N ASP A 1233 -15.46 8.83 -0.43
CA ASP A 1233 -15.68 7.80 -1.45
C ASP A 1233 -14.43 6.98 -1.72
N TRP A 1234 -13.28 7.39 -1.21
CA TRP A 1234 -12.03 6.73 -1.53
C TRP A 1234 -11.75 5.60 -0.54
N ASN A 1235 -10.87 4.69 -0.94
CA ASN A 1235 -10.39 3.64 -0.08
C ASN A 1235 -9.11 4.09 0.62
N GLU A 1236 -8.66 3.30 1.60
CA GLU A 1236 -7.46 3.65 2.33
C GLU A 1236 -6.23 3.63 1.43
N GLY A 1237 -6.27 2.88 0.33
CA GLY A 1237 -5.13 2.87 -0.58
C GLY A 1237 -4.90 4.21 -1.24
N THR A 1238 -5.95 4.78 -1.83
CA THR A 1238 -5.80 6.09 -2.48
C THR A 1238 -5.58 7.20 -1.46
N LEU A 1239 -6.22 7.09 -0.28
CA LEU A 1239 -6.00 8.07 0.76
C LEU A 1239 -4.54 8.08 1.20
N THR A 1240 -3.97 6.89 1.40
CA THR A 1240 -2.55 6.81 1.75
C THR A 1240 -1.67 7.30 0.61
N GLU A 1241 -2.06 7.00 -0.63
CA GLU A 1241 -1.29 7.47 -1.78
C GLU A 1241 -1.23 8.99 -1.83
N VAL A 1242 -2.35 9.66 -1.55
CA VAL A 1242 -2.36 11.12 -1.53
C VAL A 1242 -1.61 11.65 -0.32
N LYS A 1243 -1.82 11.04 0.85
CA LYS A 1243 -1.22 11.54 2.09
C LYS A 1243 0.30 11.43 2.06
N SER A 1244 0.82 10.36 1.45
CA SER A 1244 2.27 10.19 1.36
C SER A 1244 2.90 11.35 0.60
N LYS A 1245 2.16 11.99 -0.29
CA LYS A 1245 2.69 13.16 -0.99
C LYS A 1245 2.36 14.44 -0.23
N LEU A 1246 1.20 14.48 0.42
CA LEU A 1246 0.78 15.71 1.11
C LEU A 1246 1.69 16.02 2.28
N VAL A 1247 2.10 15.01 3.05
CA VAL A 1247 2.96 15.22 4.21
C VAL A 1247 4.43 14.97 3.90
N SER A 1248 4.78 14.75 2.64
CA SER A 1248 6.17 14.50 2.29
C SER A 1248 7.01 15.74 2.53
N ASN A 1249 8.31 15.52 2.81
CA ASN A 1249 9.21 16.63 3.09
C ASN A 1249 9.37 17.55 1.88
N ARG A 1250 9.24 17.04 0.66
CA ARG A 1250 9.27 17.90 -0.51
C ARG A 1250 8.09 18.86 -0.52
N ASN A 1251 6.89 18.32 -0.25
CA ASN A 1251 5.70 19.17 -0.19
C ASN A 1251 5.82 20.19 0.92
N LEU A 1252 6.33 19.77 2.07
CA LEU A 1252 6.49 20.71 3.18
C LEU A 1252 7.52 21.78 2.85
N LEU A 1253 8.59 21.43 2.13
CA LEU A 1253 9.57 22.42 1.72
C LEU A 1253 8.95 23.46 0.80
N PHE A 1254 8.21 23.01 -0.21
CA PHE A 1254 7.57 23.97 -1.11
C PHE A 1254 6.55 24.81 -0.36
N CYS A 1255 5.79 24.19 0.55
CA CYS A 1255 4.80 24.90 1.33
C CYS A 1255 5.43 25.97 2.21
N LEU A 1256 6.57 25.67 2.83
CA LEU A 1256 7.22 26.66 3.68
C LEU A 1256 7.90 27.75 2.87
N ILE A 1257 8.44 27.41 1.69
CA ILE A 1257 8.96 28.45 0.80
C ILE A 1257 7.84 29.40 0.39
N ASP A 1258 6.63 28.87 0.18
CA ASP A 1258 5.49 29.73 -0.13
C ASP A 1258 5.22 30.76 0.95
N ALA A 1259 5.62 30.49 2.19
CA ALA A 1259 5.42 31.42 3.30
C ALA A 1259 6.59 32.38 3.49
N ASP A 1260 7.63 32.27 2.66
CA ASP A 1260 8.81 33.13 2.71
C ASP A 1260 9.53 33.04 4.05
N ILE A 1261 9.37 31.93 4.77
CA ILE A 1261 10.01 31.70 6.06
C ILE A 1261 11.47 31.28 5.91
N PRO A 1262 11.84 30.40 4.97
CA PRO A 1262 13.24 29.91 4.93
C PRO A 1262 14.30 31.00 4.87
N LYS A 1263 13.93 32.25 4.57
CA LYS A 1263 14.91 33.32 4.60
C LYS A 1263 15.32 33.69 6.03
N THR A 1264 14.55 33.24 7.03
CA THR A 1264 14.82 33.58 8.42
C THR A 1264 15.36 32.41 9.24
N LEU A 1265 15.73 31.30 8.60
CA LEU A 1265 16.19 30.14 9.34
C LEU A 1265 17.61 30.35 9.86
N ASN A 1266 17.89 29.77 11.03
CA ASN A 1266 19.22 29.79 11.61
C ASN A 1266 19.83 28.39 11.51
N THR A 1267 20.70 28.20 10.52
CA THR A 1267 21.36 26.91 10.33
C THR A 1267 22.87 27.07 10.45
N ILE A 1268 23.37 28.26 10.13
CA ILE A 1268 24.80 28.53 10.25
C ILE A 1268 25.17 28.53 11.73
N GLN A 1269 26.28 27.87 12.05
CA GLN A 1269 26.68 27.69 13.45
C GLN A 1269 27.38 28.91 14.03
N PHE A 1270 27.33 30.03 13.31
CA PHE A 1270 27.85 31.30 13.81
C PHE A 1270 29.33 31.24 14.18
N THR A 1271 30.20 31.12 13.18
CA THR A 1271 31.63 31.31 13.35
C THR A 1271 31.95 32.78 13.06
N PRO A 1272 32.09 33.61 14.10
CA PRO A 1272 32.19 35.06 13.89
C PRO A 1272 33.36 35.49 13.02
N ARG A 1273 34.58 35.08 13.40
CA ARG A 1273 35.78 35.60 12.76
C ARG A 1273 35.96 35.10 11.34
N TYR A 1274 35.16 34.13 10.89
CA TYR A 1274 35.34 33.56 9.56
C TYR A 1274 34.10 33.63 8.69
N THR A 1275 32.89 33.71 9.26
CA THR A 1275 31.67 33.71 8.47
C THR A 1275 30.70 34.84 8.79
N TRP A 1276 30.96 35.65 9.81
CA TRP A 1276 30.01 36.69 10.19
C TRP A 1276 30.35 38.00 9.51
N LEU A 1277 29.36 38.89 9.46
CA LEU A 1277 29.54 40.27 8.99
C LEU A 1277 28.97 41.20 10.05
N PRO A 1278 29.78 42.14 10.55
CA PRO A 1278 29.28 43.09 11.54
C PRO A 1278 28.11 43.89 10.99
N PRO A 1279 27.16 44.29 11.83
CA PRO A 1279 25.99 45.02 11.33
C PRO A 1279 26.33 46.29 10.59
N GLY A 1280 27.32 47.03 11.06
CA GLY A 1280 27.71 48.27 10.41
C GLY A 1280 28.71 48.12 9.27
N ILE A 1281 29.07 46.89 8.92
CA ILE A 1281 30.10 46.63 7.93
C ILE A 1281 29.51 45.84 6.78
N SER A 1282 29.81 46.28 5.56
CA SER A 1282 29.35 45.62 4.35
C SER A 1282 30.53 45.41 3.41
N LEU A 1283 30.27 44.76 2.29
CA LEU A 1283 31.28 44.56 1.27
C LEU A 1283 31.24 45.74 0.28
N PRO A 1284 32.18 45.81 -0.65
CA PRO A 1284 32.11 46.86 -1.68
C PRO A 1284 30.79 46.80 -2.42
N HIS A 1285 30.22 47.98 -2.67
CA HIS A 1285 28.87 48.06 -3.21
C HIS A 1285 28.81 47.59 -4.66
N ASN A 1286 29.94 47.66 -5.38
CA ASN A 1286 29.97 47.10 -6.72
C ASN A 1286 29.71 45.60 -6.70
N VAL A 1287 30.28 44.90 -5.71
CA VAL A 1287 30.07 43.46 -5.58
C VAL A 1287 28.59 43.17 -5.36
N LEU A 1288 27.96 43.90 -4.44
CA LEU A 1288 26.54 43.69 -4.15
C LEU A 1288 25.68 43.99 -5.37
N ALA A 1289 25.97 45.09 -6.06
CA ALA A 1289 25.17 45.48 -7.21
C ALA A 1289 25.26 44.46 -8.34
N LEU A 1290 26.49 44.02 -8.66
CA LEU A 1290 26.63 43.06 -9.76
C LEU A 1290 26.18 41.66 -9.34
N TRP A 1291 26.18 41.36 -8.04
CA TRP A 1291 25.64 40.09 -7.59
C TRP A 1291 24.12 40.07 -7.74
N ARG A 1292 23.45 41.16 -7.34
CA ARG A 1292 22.00 41.19 -7.38
C ARG A 1292 21.47 41.37 -8.80
N GLU A 1293 22.12 42.21 -9.61
CA GLU A 1293 21.55 42.64 -10.88
C GLU A 1293 21.92 41.74 -12.05
N ASN A 1294 22.93 40.87 -11.92
CA ASN A 1294 23.38 40.05 -13.03
C ASN A 1294 22.91 38.61 -12.84
N PRO A 1295 22.09 38.07 -13.74
CA PRO A 1295 21.71 36.66 -13.62
C PRO A 1295 22.90 35.71 -13.69
N GLU A 1296 23.93 36.04 -14.47
CA GLU A 1296 25.13 35.22 -14.51
C GLU A 1296 25.92 35.30 -13.20
N PHE A 1297 25.79 36.40 -12.46
CA PHE A 1297 26.45 36.55 -11.17
C PHE A 1297 25.49 36.36 -9.99
N ALA A 1298 24.36 35.69 -10.21
CA ALA A 1298 23.36 35.55 -9.15
C ALA A 1298 23.87 34.75 -7.96
N LYS A 1299 24.61 33.67 -8.21
CA LYS A 1299 25.14 32.87 -7.11
C LYS A 1299 26.55 32.33 -7.41
N ILE A 1300 27.24 32.85 -8.42
CA ILE A 1300 28.44 32.20 -8.94
C ILE A 1300 29.66 33.11 -8.83
N ILE A 1301 29.74 33.94 -7.78
CA ILE A 1301 30.91 34.78 -7.59
C ILE A 1301 32.00 34.00 -6.87
N GLY A 1302 33.24 34.15 -7.34
CA GLY A 1302 34.37 33.41 -6.82
C GLY A 1302 34.64 33.68 -5.35
N PRO A 1303 34.80 32.60 -4.57
CA PRO A 1303 35.03 32.75 -3.12
C PRO A 1303 36.37 33.37 -2.76
N HIS A 1304 37.45 32.76 -3.24
CA HIS A 1304 38.78 33.22 -2.86
C HIS A 1304 39.15 34.53 -3.54
N ASN A 1305 38.54 34.83 -4.68
CA ASN A 1305 38.76 36.13 -5.31
C ASN A 1305 38.22 37.26 -4.44
N LEU A 1306 37.07 37.05 -3.81
CA LEU A 1306 36.53 38.05 -2.90
C LEU A 1306 37.27 38.04 -1.57
N ARG A 1307 37.70 36.87 -1.11
CA ARG A 1307 38.39 36.79 0.18
C ARG A 1307 39.84 37.23 0.11
N ASP A 1308 40.39 37.41 -1.09
CA ASP A 1308 41.77 37.89 -1.22
C ASP A 1308 41.88 39.40 -1.39
N LEU A 1309 40.75 40.10 -1.43
CA LEU A 1309 40.78 41.55 -1.63
C LEU A 1309 41.30 42.26 -0.39
N ALA A 1310 41.93 43.41 -0.61
CA ALA A 1310 42.43 44.25 0.48
C ALA A 1310 42.28 45.71 0.07
N LEU A 1311 41.71 46.51 0.97
CA LEU A 1311 41.42 47.92 0.69
C LEU A 1311 42.02 48.81 1.76
N GLY A 1312 42.23 50.07 1.40
CA GLY A 1312 42.82 51.03 2.31
C GLY A 1312 41.83 51.49 3.38
N ASP A 1313 42.34 52.37 4.25
CA ASP A 1313 41.52 52.86 5.36
C ASP A 1313 40.34 53.67 4.86
N GLU A 1314 40.60 54.80 4.19
CA GLU A 1314 39.52 55.64 3.70
C GLU A 1314 38.74 54.96 2.59
N GLU A 1315 39.37 54.02 1.86
CA GLU A 1315 38.64 53.26 0.86
C GLU A 1315 37.60 52.35 1.50
N SER A 1316 37.88 51.83 2.70
CA SER A 1316 36.96 50.95 3.38
C SER A 1316 35.99 51.73 4.26
N LEU A 1317 36.33 52.98 4.60
CA LEU A 1317 35.50 53.74 5.52
C LEU A 1317 34.32 54.41 4.84
N VAL A 1318 34.57 55.26 3.85
CA VAL A 1318 33.51 56.09 3.28
C VAL A 1318 33.42 55.93 1.77
N LYS A 1319 34.50 55.44 1.15
CA LYS A 1319 34.53 55.33 -0.31
C LYS A 1319 33.49 54.34 -0.83
N GLY A 1320 33.35 53.19 -0.17
CA GLY A 1320 32.39 52.20 -0.60
C GLY A 1320 32.85 51.40 -1.80
N ASN A 1321 33.01 52.07 -2.94
CA ASN A 1321 33.47 51.42 -4.15
C ASN A 1321 34.94 51.05 -4.01
N CYS A 1322 35.27 49.79 -4.28
CA CYS A 1322 36.63 49.31 -4.15
C CYS A 1322 37.50 49.81 -5.32
N SER A 1323 38.80 49.66 -5.16
CA SER A 1323 39.73 50.07 -6.21
C SER A 1323 39.59 49.17 -7.43
N ASP A 1324 40.03 49.67 -8.58
CA ASP A 1324 39.90 48.92 -9.82
C ASP A 1324 40.70 47.62 -9.79
N ILE A 1325 41.80 47.58 -9.05
CA ILE A 1325 42.62 46.38 -9.00
C ILE A 1325 41.85 45.24 -8.35
N ASN A 1326 41.30 45.47 -7.16
CA ASN A 1326 40.52 44.43 -6.48
C ASN A 1326 39.22 44.17 -7.21
N TYR A 1327 38.63 45.21 -7.79
CA TYR A 1327 37.41 45.04 -8.58
C TYR A 1327 37.63 44.05 -9.71
N ASN A 1328 38.71 44.25 -10.48
CA ASN A 1328 39.04 43.29 -11.54
C ASN A 1328 39.45 41.94 -10.96
N ARG A 1329 40.10 41.94 -9.80
CA ARG A 1329 40.52 40.69 -9.18
C ARG A 1329 39.34 39.77 -8.89
N PHE A 1330 38.23 40.33 -8.43
CA PHE A 1330 37.06 39.47 -8.18
C PHE A 1330 36.14 39.37 -9.39
N VAL A 1331 36.16 40.37 -10.28
CA VAL A 1331 35.36 40.29 -11.51
C VAL A 1331 35.89 39.21 -12.43
N GLU A 1332 37.20 38.93 -12.40
CA GLU A 1332 37.72 37.82 -13.18
C GLU A 1332 37.11 36.50 -12.74
N GLY A 1333 36.95 36.29 -11.43
CA GLY A 1333 36.26 35.10 -10.97
C GLY A 1333 34.79 35.11 -11.33
N CYS A 1334 34.15 36.27 -11.21
CA CYS A 1334 32.75 36.39 -11.63
C CYS A 1334 32.58 35.95 -13.08
N ARG A 1335 33.45 36.43 -13.97
CA ARG A 1335 33.35 36.08 -15.38
C ARG A 1335 33.66 34.60 -15.61
N ALA A 1336 34.76 34.11 -15.00
CA ALA A 1336 35.18 32.74 -15.25
C ALA A 1336 34.21 31.71 -14.67
N ASN A 1337 33.40 32.09 -13.69
CA ASN A 1337 32.47 31.14 -13.09
C ASN A 1337 31.03 31.32 -13.52
N GLY A 1338 30.53 32.56 -13.58
CA GLY A 1338 29.16 32.78 -13.99
C GLY A 1338 28.97 32.83 -15.49
N GLN A 1339 29.76 33.66 -16.17
CA GLN A 1339 29.69 33.78 -17.63
C GLN A 1339 30.51 32.71 -18.32
N SER A 1340 30.24 31.45 -17.96
CA SER A 1340 30.97 30.31 -18.50
C SER A 1340 30.09 29.06 -18.35
N PHE A 1341 30.69 27.90 -18.54
CA PHE A 1341 29.95 26.64 -18.42
C PHE A 1341 29.55 26.34 -16.99
N TYR A 1342 30.15 27.01 -16.01
CA TYR A 1342 29.82 26.79 -14.61
C TYR A 1342 28.50 27.44 -14.19
N ALA A 1343 27.69 27.92 -15.14
CA ALA A 1343 26.42 28.53 -14.79
C ALA A 1343 25.50 27.50 -14.14
N GLY A 1344 24.78 27.94 -13.11
CA GLY A 1344 23.91 27.08 -12.35
C GLY A 1344 24.53 26.51 -11.09
N ALA A 1345 25.86 26.57 -10.98
CA ALA A 1345 26.55 26.10 -9.78
C ALA A 1345 26.63 27.23 -8.75
N ASP A 1346 27.02 26.86 -7.53
CA ASP A 1346 27.16 27.81 -6.44
C ASP A 1346 28.64 27.91 -6.07
N PHE A 1347 29.17 29.14 -6.07
CA PHE A 1347 30.55 29.40 -5.69
C PHE A 1347 30.64 30.31 -4.48
N SER A 1348 29.63 30.33 -3.62
CA SER A 1348 29.57 31.27 -2.51
C SER A 1348 30.23 30.71 -1.24
N SER A 1349 31.17 29.79 -1.41
CA SER A 1349 31.83 29.17 -0.26
C SER A 1349 32.60 30.20 0.55
N GLU A 1350 32.19 30.37 1.81
CA GLU A 1350 32.83 31.28 2.76
C GLU A 1350 32.66 32.75 2.38
N VAL A 1351 31.98 33.02 1.27
CA VAL A 1351 31.61 34.39 0.92
C VAL A 1351 30.09 34.49 0.93
N ASN A 1352 29.45 33.63 1.71
CA ASN A 1352 28.00 33.66 1.84
C ASN A 1352 27.51 34.97 2.43
N PHE A 1353 28.33 35.61 3.27
CA PHE A 1353 27.88 36.80 3.99
C PHE A 1353 27.77 38.02 3.09
N CYS A 1354 28.27 37.93 1.85
CA CYS A 1354 28.27 39.10 0.97
C CYS A 1354 26.85 39.58 0.69
N VAL A 1355 26.05 38.74 0.04
CA VAL A 1355 24.65 39.07 -0.25
C VAL A 1355 23.71 38.25 0.63
N GLY A 1356 24.22 37.56 1.64
CA GLY A 1356 23.39 36.77 2.52
C GLY A 1356 22.86 35.49 1.91
N LEU A 1357 23.66 34.81 1.10
CA LEU A 1357 23.28 33.49 0.63
C LEU A 1357 23.54 32.44 1.70
N VAL A 1358 22.79 31.34 1.64
CA VAL A 1358 22.97 30.23 2.57
C VAL A 1358 22.37 28.98 1.94
N THR A 1359 23.00 27.84 2.21
CA THR A 1359 22.53 26.56 1.72
C THR A 1359 21.96 25.76 2.89
N ILE A 1360 20.69 25.40 2.79
CA ILE A 1360 19.95 24.76 3.87
C ILE A 1360 19.43 23.42 3.36
N PRO A 1361 19.63 22.32 4.07
CA PRO A 1361 19.09 21.03 3.63
C PRO A 1361 17.57 21.07 3.60
N ASN A 1362 17.01 20.30 2.65
CA ASN A 1362 15.56 20.28 2.48
C ASN A 1362 14.85 19.77 3.72
N LYS A 1363 15.40 18.72 4.33
CA LYS A 1363 14.78 18.18 5.54
C LYS A 1363 14.76 19.21 6.66
N VAL A 1364 15.72 20.12 6.68
CA VAL A 1364 15.72 21.18 7.69
C VAL A 1364 14.49 22.08 7.52
N ILE A 1365 14.17 22.44 6.28
CA ILE A 1365 12.99 23.27 6.03
C ILE A 1365 11.72 22.51 6.37
N ALA A 1366 11.65 21.23 5.97
CA ALA A 1366 10.47 20.44 6.29
C ALA A 1366 10.27 20.33 7.80
N ASP A 1367 11.35 20.07 8.54
CA ASP A 1367 11.28 20.01 9.99
C ASP A 1367 10.98 21.37 10.59
N THR A 1368 11.39 22.47 9.94
CA THR A 1368 11.00 23.79 10.42
C THR A 1368 9.49 23.97 10.34
N LEU A 1369 8.89 23.57 9.22
CA LEU A 1369 7.44 23.64 9.11
C LEU A 1369 6.77 22.77 10.15
N GLU A 1370 7.25 21.54 10.32
CA GLU A 1370 6.69 20.64 11.32
C GLU A 1370 6.86 21.21 12.73
N ALA A 1371 7.98 21.88 13.00
CA ALA A 1371 8.23 22.42 14.33
C ALA A 1371 7.35 23.62 14.61
N LEU A 1372 7.11 24.46 13.60
CA LEU A 1372 6.15 25.55 13.76
C LEU A 1372 4.76 25.00 14.06
N LEU A 1373 4.36 23.96 13.33
CA LEU A 1373 3.09 23.30 13.62
C LEU A 1373 3.06 22.77 15.06
N GLY A 1374 4.17 22.18 15.51
CA GLY A 1374 4.21 21.63 16.86
C GLY A 1374 4.13 22.70 17.93
N VAL A 1375 4.81 23.83 17.70
CA VAL A 1375 4.74 24.94 18.64
C VAL A 1375 3.31 25.45 18.75
N ILE A 1376 2.65 25.66 17.60
CA ILE A 1376 1.28 26.15 17.63
C ILE A 1376 0.36 25.13 18.29
N VAL A 1377 0.60 23.83 18.04
CA VAL A 1377 -0.15 22.79 18.75
C VAL A 1377 0.00 22.97 20.25
N LYS A 1378 1.24 22.86 20.74
CA LYS A 1378 1.50 22.88 22.18
C LYS A 1378 0.95 24.14 22.84
N ASN A 1379 0.89 25.24 22.12
CA ASN A 1379 0.45 26.49 22.73
C ASN A 1379 -1.05 26.76 22.60
N TYR A 1380 -1.69 26.36 21.51
CA TYR A 1380 -3.06 26.77 21.23
C TYR A 1380 -4.01 25.62 20.94
N GLY A 1381 -3.64 24.38 21.20
CA GLY A 1381 -4.54 23.27 20.92
C GLY A 1381 -4.39 22.76 19.49
N LEU A 1382 -5.42 22.03 19.05
CA LEU A 1382 -5.34 21.38 17.74
C LEU A 1382 -6.04 22.18 16.66
N GLN A 1383 -7.14 22.85 16.99
CA GLN A 1383 -7.89 23.59 15.98
C GLN A 1383 -7.08 24.75 15.42
N HIS A 1384 -6.34 25.44 16.29
CA HIS A 1384 -5.51 26.55 15.83
C HIS A 1384 -4.39 26.06 14.92
N ALA A 1385 -3.84 24.88 15.19
CA ALA A 1385 -2.84 24.32 14.30
C ALA A 1385 -3.45 23.85 12.99
N PHE A 1386 -4.70 23.40 13.01
CA PHE A 1386 -5.40 23.11 11.77
C PHE A 1386 -5.58 24.38 10.94
N LYS A 1387 -5.90 25.49 11.61
CA LYS A 1387 -5.96 26.77 10.92
C LYS A 1387 -4.60 27.19 10.40
N MET A 1388 -3.53 26.86 11.12
CA MET A 1388 -2.17 27.07 10.60
C MET A 1388 -1.92 26.27 9.34
N LEU A 1389 -2.38 25.02 9.32
CA LEU A 1389 -2.29 24.22 8.10
C LEU A 1389 -3.04 24.88 6.96
N GLU A 1390 -4.21 25.45 7.25
CA GLU A 1390 -4.94 26.22 6.24
C GLU A 1390 -4.12 27.42 5.76
N TYR A 1391 -3.44 28.11 6.69
CA TYR A 1391 -2.58 29.22 6.32
C TYR A 1391 -1.46 28.76 5.40
N PHE A 1392 -0.86 27.62 5.71
CA PHE A 1392 0.19 27.06 4.87
C PHE A 1392 -0.35 26.41 3.61
N LYS A 1393 -1.64 26.56 3.32
CA LYS A 1393 -2.30 26.01 2.12
C LYS A 1393 -2.00 24.52 1.94
N ILE A 1394 -1.67 23.84 3.03
CA ILE A 1394 -1.60 22.38 3.01
C ILE A 1394 -3.00 21.80 2.88
N CYS A 1395 -3.95 22.33 3.65
CA CYS A 1395 -5.35 21.91 3.58
C CYS A 1395 -6.10 22.92 2.71
N ARG A 1396 -6.29 22.57 1.44
CA ARG A 1396 -6.95 23.45 0.50
C ARG A 1396 -8.41 23.65 0.85
N ALA A 1397 -8.89 24.88 0.68
CA ALA A 1397 -10.27 25.20 1.02
C ALA A 1397 -11.23 24.74 -0.09
N ASP A 1398 -12.52 24.84 0.19
CA ASP A 1398 -13.56 24.41 -0.73
C ASP A 1398 -14.56 25.54 -0.94
N ILE A 1399 -15.51 25.31 -1.85
CA ILE A 1399 -16.41 26.37 -2.28
C ILE A 1399 -17.55 26.55 -1.29
N ASP A 1400 -18.16 25.45 -0.84
CA ASP A 1400 -19.30 25.55 0.09
C ASP A 1400 -18.87 26.22 1.40
N LYS A 1401 -17.99 25.57 2.15
CA LYS A 1401 -17.31 26.15 3.29
C LYS A 1401 -15.81 26.06 3.03
N PRO A 1402 -15.03 27.06 3.44
CA PRO A 1402 -13.58 26.99 3.25
C PRO A 1402 -13.00 25.76 3.92
N LEU A 1403 -13.13 25.70 5.24
CA LEU A 1403 -12.73 24.54 6.03
C LEU A 1403 -13.43 24.63 7.38
N THR A 1404 -13.92 23.48 7.85
CA THR A 1404 -14.58 23.43 9.15
C THR A 1404 -13.56 23.15 10.25
N GLN A 1405 -14.04 23.15 11.49
CA GLN A 1405 -13.19 22.84 12.63
C GLN A 1405 -12.65 21.42 12.52
N LEU A 1406 -11.41 21.22 12.99
CA LEU A 1406 -10.82 19.89 12.96
C LEU A 1406 -11.64 18.91 13.79
N LEU A 1407 -11.99 19.31 15.01
CA LEU A 1407 -13.03 18.58 15.74
C LEU A 1407 -14.38 18.88 15.11
N ASN A 1408 -15.32 17.95 15.31
CA ASN A 1408 -16.64 17.95 14.67
C ASN A 1408 -16.57 18.07 13.16
N LEU A 1409 -15.39 17.85 12.57
CA LEU A 1409 -15.27 17.80 11.12
C LEU A 1409 -16.10 16.65 10.57
N GLU A 1410 -16.86 16.93 9.52
CA GLU A 1410 -17.81 15.96 8.99
C GLU A 1410 -17.09 14.89 8.20
N LEU A 1411 -16.89 13.73 8.81
CA LEU A 1411 -16.32 12.58 8.14
C LEU A 1411 -17.19 11.37 8.44
N GLY A 1412 -17.44 10.56 7.42
CA GLY A 1412 -18.27 9.39 7.58
C GLY A 1412 -18.98 9.06 6.28
N GLY A 1413 -19.98 8.19 6.40
CA GLY A 1413 -20.77 7.80 5.25
C GLY A 1413 -20.85 6.31 5.06
N LYS A 1414 -20.89 5.88 3.80
CA LYS A 1414 -21.09 4.46 3.49
C LYS A 1414 -19.83 3.63 3.72
N LYS A 1415 -18.66 4.25 3.80
CA LYS A 1415 -17.41 3.51 3.88
C LYS A 1415 -16.79 3.51 5.28
N MET A 1416 -17.10 4.52 6.12
CA MET A 1416 -16.66 4.52 7.50
C MET A 1416 -17.74 4.06 8.47
N ARG A 1417 -18.90 3.63 7.98
CA ARG A 1417 -20.01 3.26 8.84
C ARG A 1417 -20.83 2.17 8.17
N ALA A 1418 -21.41 1.30 8.99
CA ALA A 1418 -22.31 0.27 8.47
C ALA A 1418 -23.66 0.89 8.14
N ASN A 1419 -24.18 0.57 6.96
CA ASN A 1419 -25.45 1.09 6.48
C ASN A 1419 -26.64 0.27 6.95
N VAL A 1420 -26.40 -0.81 7.70
CA VAL A 1420 -27.49 -1.70 8.09
C VAL A 1420 -28.42 -1.00 9.08
N ASN A 1421 -29.66 -1.48 9.14
CA ASN A 1421 -30.65 -0.93 10.03
C ASN A 1421 -30.48 -1.47 11.44
N THR A 1422 -31.27 -0.91 12.36
CA THR A 1422 -31.14 -1.30 13.78
C THR A 1422 -31.64 -2.71 14.03
N THR A 1423 -32.33 -3.31 13.06
CA THR A 1423 -32.88 -4.65 13.23
C THR A 1423 -31.85 -5.75 13.02
N GLU A 1424 -30.65 -5.43 12.53
CA GLU A 1424 -29.62 -6.43 12.31
C GLU A 1424 -28.30 -6.12 13.01
N ILE A 1425 -28.18 -4.95 13.66
CA ILE A 1425 -26.98 -4.65 14.42
C ILE A 1425 -26.84 -5.64 15.58
N ASP A 1426 -27.96 -6.04 16.16
CA ASP A 1426 -27.95 -7.09 17.18
C ASP A 1426 -27.90 -8.49 16.56
N GLY A 1427 -28.23 -8.62 15.28
CA GLY A 1427 -28.09 -9.91 14.60
C GLY A 1427 -26.65 -10.23 14.31
N PHE A 1428 -25.86 -9.21 13.99
CA PHE A 1428 -24.43 -9.38 13.78
C PHE A 1428 -23.65 -9.36 15.09
N LEU A 1429 -23.98 -8.44 15.99
CA LEU A 1429 -23.33 -8.35 17.29
C LEU A 1429 -24.13 -9.19 18.27
N ILE A 1430 -23.67 -10.42 18.51
CA ILE A 1430 -24.42 -11.34 19.37
C ILE A 1430 -24.36 -10.90 20.83
N ASN A 1431 -23.21 -10.45 21.29
CA ASN A 1431 -23.00 -10.12 22.70
C ASN A 1431 -22.30 -8.77 22.82
N HIS A 1432 -22.84 -7.77 22.11
CA HIS A 1432 -22.22 -6.44 22.12
C HIS A 1432 -22.14 -5.85 23.51
N TYR A 1433 -22.97 -6.33 24.44
CA TYR A 1433 -22.94 -5.80 25.80
C TYR A 1433 -21.61 -6.07 26.49
N TYR A 1434 -21.06 -7.28 26.30
CA TYR A 1434 -19.83 -7.66 26.96
C TYR A 1434 -18.58 -7.16 26.24
N LEU A 1435 -18.72 -6.59 25.04
CA LEU A 1435 -17.63 -5.82 24.46
C LEU A 1435 -17.74 -4.36 24.88
N GLU A 1436 -18.97 -3.86 25.01
CA GLU A 1436 -19.19 -2.51 25.51
C GLU A 1436 -18.65 -2.35 26.92
N LYS A 1437 -18.94 -3.32 27.79
CA LYS A 1437 -18.40 -3.30 29.15
C LYS A 1437 -16.90 -3.47 29.16
N ASN A 1438 -16.38 -4.39 28.34
CA ASN A 1438 -14.96 -4.72 28.39
C ASN A 1438 -14.10 -3.57 27.89
N LEU A 1439 -14.48 -2.97 26.76
CA LEU A 1439 -13.69 -1.88 26.21
C LEU A 1439 -13.75 -0.64 27.08
N GLY A 1440 -14.76 -0.54 27.93
CA GLY A 1440 -14.91 0.62 28.80
C GLY A 1440 -15.63 1.79 28.17
N TYR A 1441 -16.09 1.67 26.93
CA TYR A 1441 -16.81 2.73 26.26
C TYR A 1441 -18.18 2.22 25.83
N THR A 1442 -19.19 3.07 25.93
CA THR A 1442 -20.55 2.73 25.57
C THR A 1442 -20.89 3.36 24.23
N PHE A 1443 -21.25 2.53 23.26
CA PHE A 1443 -21.60 3.02 21.93
C PHE A 1443 -23.05 3.45 21.88
N LYS A 1444 -23.29 4.62 21.27
CA LYS A 1444 -24.64 5.05 20.96
C LYS A 1444 -24.99 4.83 19.49
N ASP A 1445 -23.99 4.61 18.65
CA ASP A 1445 -24.18 4.28 17.23
C ASP A 1445 -23.39 3.00 16.97
N ARG A 1446 -24.08 1.86 17.03
CA ARG A 1446 -23.42 0.57 16.91
C ARG A 1446 -22.89 0.31 15.50
N ARG A 1447 -23.31 1.12 14.53
CA ARG A 1447 -22.87 0.92 13.15
C ARG A 1447 -21.37 1.05 13.00
N TYR A 1448 -20.74 2.02 13.68
CA TYR A 1448 -19.29 2.15 13.62
C TYR A 1448 -18.61 0.91 14.20
N LEU A 1449 -19.13 0.39 15.31
CA LEU A 1449 -18.56 -0.81 15.92
C LEU A 1449 -18.68 -2.00 14.98
N LEU A 1450 -19.81 -2.12 14.30
CA LEU A 1450 -20.01 -3.26 13.40
C LEU A 1450 -18.97 -3.26 12.28
N GLN A 1451 -18.67 -2.10 11.72
CA GLN A 1451 -17.65 -2.05 10.68
C GLN A 1451 -16.26 -2.20 11.25
N ALA A 1452 -16.03 -1.72 12.47
CA ALA A 1452 -14.73 -1.90 13.11
C ALA A 1452 -14.42 -3.38 13.32
N LEU A 1453 -15.44 -4.16 13.68
CA LEU A 1453 -15.23 -5.58 13.92
C LEU A 1453 -15.23 -6.41 12.64
N THR A 1454 -15.60 -5.83 11.51
CA THR A 1454 -15.79 -6.59 10.27
C THR A 1454 -14.46 -6.77 9.56
N HIS A 1455 -13.93 -7.99 9.61
CA HIS A 1455 -12.73 -8.32 8.85
C HIS A 1455 -13.05 -8.35 7.36
N PRO A 1456 -12.09 -7.98 6.50
CA PRO A 1456 -12.38 -7.95 5.06
C PRO A 1456 -12.76 -9.30 4.47
N SER A 1457 -12.38 -10.41 5.10
CA SER A 1457 -12.76 -11.73 4.59
C SER A 1457 -14.21 -12.05 4.86
N TYR A 1458 -14.89 -11.27 5.69
CA TYR A 1458 -16.28 -11.54 6.00
C TYR A 1458 -17.14 -11.35 4.75
N PRO A 1459 -18.21 -12.13 4.58
CA PRO A 1459 -19.03 -12.00 3.36
C PRO A 1459 -19.67 -10.63 3.19
N THR A 1460 -20.03 -9.95 4.29
CA THR A 1460 -20.69 -8.65 4.17
C THR A 1460 -19.73 -7.56 3.71
N ASN A 1461 -18.44 -7.86 3.61
CA ASN A 1461 -17.47 -6.86 3.14
C ASN A 1461 -17.78 -6.38 1.74
N ARG A 1462 -18.36 -7.24 0.89
CA ARG A 1462 -18.64 -6.86 -0.48
C ARG A 1462 -19.78 -5.86 -0.60
N ILE A 1463 -20.52 -5.60 0.48
CA ILE A 1463 -21.61 -4.62 0.43
C ILE A 1463 -21.50 -3.53 1.48
N THR A 1464 -20.85 -3.75 2.62
CA THR A 1464 -20.89 -2.78 3.71
C THR A 1464 -19.45 -2.60 4.24
N GLY A 1465 -18.51 -2.44 3.30
CA GLY A 1465 -17.12 -2.15 3.60
C GLY A 1465 -16.50 -3.13 4.58
N SER A 1466 -15.44 -2.67 5.25
CA SER A 1466 -14.70 -3.50 6.20
C SER A 1466 -13.98 -2.56 7.16
N TYR A 1467 -13.21 -3.14 8.08
CA TYR A 1467 -12.47 -2.32 9.03
C TYR A 1467 -11.25 -1.67 8.39
N GLN A 1468 -10.91 -2.01 7.15
CA GLN A 1468 -9.63 -1.57 6.59
C GLN A 1468 -9.56 -0.07 6.47
N GLU A 1469 -10.65 0.58 6.07
CA GLU A 1469 -10.61 2.03 5.93
C GLU A 1469 -10.59 2.71 7.30
N LEU A 1470 -11.40 2.23 8.24
CA LEU A 1470 -11.45 2.79 9.59
C LEU A 1470 -10.14 2.61 10.34
N GLU A 1471 -9.39 1.55 10.02
CA GLU A 1471 -8.09 1.31 10.66
C GLU A 1471 -7.10 2.42 10.32
N PHE A 1472 -7.23 3.02 9.13
CA PHE A 1472 -6.37 4.14 8.76
C PHE A 1472 -6.54 5.30 9.75
N ILE A 1473 -7.79 5.72 9.95
CA ILE A 1473 -8.08 6.80 10.89
C ILE A 1473 -7.68 6.41 12.31
N GLY A 1474 -7.96 5.16 12.68
CA GLY A 1474 -7.60 4.70 14.02
C GLY A 1474 -6.10 4.72 14.26
N ASN A 1475 -5.31 4.27 13.29
CA ASN A 1475 -3.86 4.32 13.42
C ASN A 1475 -3.38 5.75 13.57
N ALA A 1476 -3.91 6.66 12.74
CA ALA A 1476 -3.49 8.05 12.86
C ALA A 1476 -3.81 8.62 14.23
N ILE A 1477 -5.04 8.39 14.72
CA ILE A 1477 -5.45 8.95 16.01
C ILE A 1477 -4.62 8.37 17.13
N LEU A 1478 -4.47 7.05 17.16
CA LEU A 1478 -3.74 6.39 18.23
C LEU A 1478 -2.28 6.84 18.24
N ASP A 1479 -1.67 6.91 17.06
CA ASP A 1479 -0.28 7.35 16.98
C ASP A 1479 -0.13 8.77 17.50
N PHE A 1480 -1.02 9.68 17.08
CA PHE A 1480 -0.89 11.06 17.55
C PHE A 1480 -1.09 11.16 19.05
N LEU A 1481 -2.10 10.47 19.59
CA LEU A 1481 -2.36 10.56 21.02
C LEU A 1481 -1.21 9.98 21.83
N ILE A 1482 -0.67 8.84 21.41
CA ILE A 1482 0.46 8.24 22.11
C ILE A 1482 1.67 9.16 22.06
N SER A 1483 1.93 9.72 20.88
CA SER A 1483 3.07 10.62 20.72
C SER A 1483 2.91 11.86 21.60
N ALA A 1484 1.70 12.44 21.63
CA ALA A 1484 1.47 13.62 22.46
C ALA A 1484 1.63 13.30 23.93
N TYR A 1485 1.14 12.14 24.37
CA TYR A 1485 1.28 11.77 25.78
C TYR A 1485 2.74 11.60 26.16
N ILE A 1486 3.49 10.83 25.38
CA ILE A 1486 4.90 10.59 25.71
C ILE A 1486 5.71 11.86 25.55
N PHE A 1487 5.25 12.78 24.70
CA PHE A 1487 5.93 14.06 24.53
C PHE A 1487 5.72 14.94 25.77
N GLU A 1488 4.48 15.05 26.23
CA GLU A 1488 4.18 15.96 27.32
C GLU A 1488 4.65 15.41 28.66
N ASN A 1489 4.65 14.09 28.84
CA ASN A 1489 5.09 13.53 30.11
C ASN A 1489 6.61 13.46 30.20
N ASN A 1490 7.25 12.81 29.22
CA ASN A 1490 8.70 12.60 29.23
C ASN A 1490 9.39 13.79 28.58
N THR A 1491 9.54 14.84 29.38
CA THR A 1491 10.02 16.13 28.84
C THR A 1491 11.52 16.15 28.61
N LYS A 1492 12.28 15.17 29.11
CA LYS A 1492 13.73 15.18 29.00
C LYS A 1492 14.25 14.17 27.98
N MET A 1493 13.39 13.62 27.14
CA MET A 1493 13.77 12.56 26.21
C MET A 1493 13.85 13.09 24.79
N ASN A 1494 14.96 12.82 24.12
CA ASN A 1494 15.20 13.32 22.78
C ASN A 1494 14.30 12.58 21.78
N PRO A 1495 14.15 13.13 20.57
CA PRO A 1495 13.19 12.53 19.61
C PRO A 1495 13.46 11.07 19.28
N GLY A 1496 14.71 10.64 19.22
CA GLY A 1496 15.01 9.25 18.90
C GLY A 1496 14.45 8.26 19.89
N ALA A 1497 14.71 8.49 21.18
CA ALA A 1497 14.14 7.61 22.20
C ALA A 1497 12.63 7.79 22.27
N LEU A 1498 12.14 8.98 21.99
CA LEU A 1498 10.69 9.22 21.99
C LEU A 1498 10.00 8.36 20.94
N THR A 1499 10.52 8.33 19.71
CA THR A 1499 9.92 7.48 18.69
C THR A 1499 10.21 6.00 18.91
N ASP A 1500 11.32 5.65 19.55
CA ASP A 1500 11.50 4.25 19.94
C ASP A 1500 10.41 3.82 20.90
N LEU A 1501 10.10 4.66 21.89
CA LEU A 1501 9.02 4.37 22.82
C LEU A 1501 7.67 4.30 22.10
N ARG A 1502 7.42 5.23 21.18
CA ARG A 1502 6.16 5.22 20.45
C ARG A 1502 6.03 3.96 19.60
N SER A 1503 7.11 3.58 18.92
CA SER A 1503 7.08 2.39 18.08
C SER A 1503 6.86 1.14 18.92
N ALA A 1504 7.47 1.08 20.10
CA ALA A 1504 7.22 -0.04 21.00
C ALA A 1504 5.77 -0.05 21.48
N LEU A 1505 5.18 1.13 21.66
CA LEU A 1505 3.81 1.21 22.16
C LEU A 1505 2.77 0.87 21.10
N VAL A 1506 2.98 1.27 19.85
CA VAL A 1506 2.01 1.08 18.79
C VAL A 1506 2.44 0.01 17.79
N ASN A 1507 3.37 -0.86 18.18
CA ASN A 1507 3.73 -2.01 17.35
C ASN A 1507 2.50 -2.87 17.08
N ASN A 1508 2.50 -3.56 15.95
CA ASN A 1508 1.40 -4.48 15.67
C ASN A 1508 1.36 -5.60 16.69
N THR A 1509 2.52 -6.10 17.11
CA THR A 1509 2.58 -7.18 18.09
C THR A 1509 1.96 -6.74 19.42
N THR A 1510 2.34 -5.57 19.91
CA THR A 1510 1.79 -5.12 21.18
C THR A 1510 0.32 -4.74 21.05
N LEU A 1511 -0.11 -4.23 19.89
CA LEU A 1511 -1.54 -3.99 19.70
C LEU A 1511 -2.31 -5.29 19.76
N ALA A 1512 -1.77 -6.35 19.17
CA ALA A 1512 -2.40 -7.67 19.30
C ALA A 1512 -2.41 -8.14 20.75
N CYS A 1513 -1.33 -7.87 21.49
CA CYS A 1513 -1.26 -8.27 22.89
C CYS A 1513 -2.33 -7.57 23.72
N ILE A 1514 -2.52 -6.26 23.51
CA ILE A 1514 -3.60 -5.56 24.20
C ILE A 1514 -4.96 -6.06 23.74
N CYS A 1515 -5.10 -6.38 22.46
CA CYS A 1515 -6.39 -6.87 21.96
C CYS A 1515 -6.77 -8.18 22.63
N VAL A 1516 -5.82 -9.10 22.75
CA VAL A 1516 -6.12 -10.37 23.42
C VAL A 1516 -6.23 -10.17 24.93
N ARG A 1517 -5.51 -9.19 25.49
CA ARG A 1517 -5.56 -8.96 26.93
C ARG A 1517 -6.95 -8.54 27.37
N HIS A 1518 -7.66 -7.79 26.52
CA HIS A 1518 -9.04 -7.41 26.77
C HIS A 1518 -10.04 -8.36 26.12
N ARG A 1519 -9.55 -9.44 25.52
CA ARG A 1519 -10.42 -10.47 24.91
C ARG A 1519 -11.34 -9.87 23.85
N LEU A 1520 -10.82 -8.89 23.09
CA LEU A 1520 -11.61 -8.30 22.01
C LEU A 1520 -11.67 -9.21 20.80
N HIS A 1521 -10.72 -10.14 20.67
CA HIS A 1521 -10.64 -10.99 19.49
C HIS A 1521 -11.87 -11.89 19.34
N PHE A 1522 -12.57 -12.14 20.44
CA PHE A 1522 -13.74 -13.02 20.37
C PHE A 1522 -14.85 -12.43 19.50
N PHE A 1523 -14.88 -11.10 19.36
CA PHE A 1523 -15.97 -10.43 18.67
C PHE A 1523 -15.69 -10.11 17.22
N ILE A 1524 -14.54 -10.55 16.67
CA ILE A 1524 -14.23 -10.27 15.28
C ILE A 1524 -15.16 -11.05 14.37
N LEU A 1525 -15.79 -10.33 13.44
CA LEU A 1525 -16.66 -10.95 12.43
C LEU A 1525 -15.79 -11.33 11.25
N ALA A 1526 -15.22 -12.53 11.28
CA ALA A 1526 -14.35 -13.01 10.22
C ALA A 1526 -14.68 -14.45 9.89
N GLU A 1527 -14.44 -14.83 8.64
CA GLU A 1527 -14.53 -16.23 8.22
C GLU A 1527 -13.32 -16.54 7.36
N ASN A 1528 -12.32 -17.19 7.96
CA ASN A 1528 -11.10 -17.58 7.27
C ASN A 1528 -10.36 -18.61 8.12
N ALA A 1529 -10.07 -19.76 7.53
CA ALA A 1529 -9.48 -20.86 8.30
C ALA A 1529 -8.09 -20.50 8.79
N LYS A 1530 -7.21 -20.05 7.89
CA LYS A 1530 -5.83 -19.81 8.26
C LYS A 1530 -5.66 -18.52 9.06
N LEU A 1531 -6.71 -17.71 9.18
CA LEU A 1531 -6.67 -16.59 10.11
C LEU A 1531 -7.18 -17.00 11.48
N SER A 1532 -8.27 -17.77 11.52
CA SER A 1532 -8.84 -18.21 12.79
C SER A 1532 -7.89 -19.14 13.54
N GLU A 1533 -7.22 -20.05 12.83
CA GLU A 1533 -6.29 -20.95 13.51
C GLU A 1533 -5.12 -20.18 14.11
N ILE A 1534 -4.61 -19.18 13.37
CA ILE A 1534 -3.52 -18.36 13.89
C ILE A 1534 -3.98 -17.57 15.10
N ILE A 1535 -5.18 -17.01 15.05
CA ILE A 1535 -5.69 -16.24 16.18
C ILE A 1535 -5.81 -17.13 17.41
N SER A 1536 -6.35 -18.33 17.23
CA SER A 1536 -6.51 -19.26 18.36
C SER A 1536 -5.16 -19.67 18.93
N LYS A 1537 -4.19 -20.00 18.07
CA LYS A 1537 -2.87 -20.38 18.55
C LYS A 1537 -2.21 -19.25 19.30
N PHE A 1538 -2.30 -18.03 18.77
CA PHE A 1538 -1.68 -16.88 19.41
C PHE A 1538 -2.32 -16.57 20.76
N VAL A 1539 -3.65 -16.66 20.83
CA VAL A 1539 -4.31 -16.38 22.10
C VAL A 1539 -3.99 -17.46 23.12
N ASN A 1540 -3.86 -18.71 22.68
CA ASN A 1540 -3.43 -19.77 23.59
C ASN A 1540 -2.03 -19.51 24.12
N PHE A 1541 -1.12 -19.09 23.23
CA PHE A 1541 0.24 -18.77 23.66
C PHE A 1541 0.24 -17.61 24.65
N GLN A 1542 -0.54 -16.57 24.38
CA GLN A 1542 -0.58 -15.41 25.25
C GLN A 1542 -1.18 -15.75 26.61
N GLU A 1543 -2.20 -16.61 26.63
CA GLU A 1543 -2.73 -17.09 27.90
C GLU A 1543 -1.67 -17.88 28.66
N SER A 1544 -0.92 -18.72 27.95
CA SER A 1544 0.19 -19.44 28.58
C SER A 1544 1.25 -18.48 29.09
N GLN A 1545 1.55 -17.42 28.34
CA GLN A 1545 2.47 -16.39 28.80
C GLN A 1545 1.87 -15.50 29.87
N GLY A 1546 0.57 -15.60 30.14
CA GLY A 1546 -0.07 -14.76 31.14
C GLY A 1546 -0.13 -13.29 30.77
N HIS A 1547 -0.40 -12.98 29.50
CA HIS A 1547 -0.53 -11.63 28.97
C HIS A 1547 0.75 -10.82 29.08
N ARG A 1548 1.86 -11.46 29.45
CA ARG A 1548 3.15 -10.76 29.49
C ARG A 1548 3.75 -10.69 28.10
N VAL A 1549 4.04 -9.48 27.64
CA VAL A 1549 4.68 -9.27 26.35
C VAL A 1549 6.14 -9.67 26.44
N THR A 1550 6.62 -10.42 25.45
CA THR A 1550 8.00 -10.89 25.45
C THR A 1550 8.93 -9.82 24.90
N ASN A 1551 8.89 -8.62 25.49
CA ASN A 1551 9.74 -7.52 25.05
C ASN A 1551 10.31 -6.77 26.26
N MET A 1601 8.88 -16.40 23.79
CA MET A 1601 8.21 -17.13 22.72
C MET A 1601 9.04 -18.36 22.33
N SER A 1602 8.37 -19.43 21.95
CA SER A 1602 9.04 -20.66 21.55
C SER A 1602 8.32 -21.28 20.36
N THR A 1603 9.10 -21.98 19.52
CA THR A 1603 8.59 -22.78 18.41
C THR A 1603 7.81 -21.91 17.42
N ASN A 1604 8.33 -20.71 17.16
CA ASN A 1604 7.94 -19.89 16.02
C ASN A 1604 6.43 -19.60 16.02
N VAL A 1605 5.99 -18.86 17.03
CA VAL A 1605 4.60 -18.44 17.11
C VAL A 1605 4.40 -17.25 16.18
N ASP A 1606 3.30 -17.27 15.42
CA ASP A 1606 3.02 -16.26 14.42
C ASP A 1606 1.96 -15.28 14.92
N VAL A 1607 2.22 -13.99 14.73
CA VAL A 1607 1.34 -12.94 15.21
C VAL A 1607 0.19 -12.71 14.22
N PRO A 1608 -1.06 -12.76 14.68
CA PRO A 1608 -2.20 -12.48 13.80
C PRO A 1608 -2.37 -10.99 13.55
N LYS A 1609 -1.69 -10.49 12.51
CA LYS A 1609 -1.65 -9.05 12.22
C LYS A 1609 -3.04 -8.42 12.23
N ALA A 1610 -4.09 -9.22 12.00
CA ALA A 1610 -5.44 -8.67 11.95
C ALA A 1610 -5.87 -8.08 13.29
N LEU A 1611 -5.36 -8.60 14.40
CA LEU A 1611 -5.80 -8.13 15.71
C LEU A 1611 -5.42 -6.67 15.94
N GLY A 1612 -4.20 -6.28 15.58
CA GLY A 1612 -3.79 -4.89 15.74
C GLY A 1612 -4.63 -3.94 14.90
N ASP A 1613 -4.91 -4.33 13.65
CA ASP A 1613 -5.77 -3.53 12.80
C ASP A 1613 -7.18 -3.43 13.37
N VAL A 1614 -7.70 -4.51 13.96
CA VAL A 1614 -9.00 -4.47 14.58
C VAL A 1614 -9.00 -3.50 15.75
N LEU A 1615 -7.95 -3.51 16.57
CA LEU A 1615 -7.88 -2.59 17.70
C LEU A 1615 -7.81 -1.14 17.23
N GLU A 1616 -7.02 -0.89 16.17
CA GLU A 1616 -6.93 0.46 15.63
C GLU A 1616 -8.29 0.94 15.11
N ALA A 1617 -8.98 0.08 14.35
CA ALA A 1617 -10.29 0.43 13.85
C ALA A 1617 -11.29 0.63 14.98
N LEU A 1618 -11.16 -0.13 16.06
CA LEU A 1618 -12.02 0.06 17.22
C LEU A 1618 -11.77 1.40 17.88
N ILE A 1619 -10.52 1.82 17.97
CA ILE A 1619 -10.21 3.16 18.48
C ILE A 1619 -10.85 4.22 17.59
N ALA A 1620 -10.73 4.04 16.28
CA ALA A 1620 -11.35 4.99 15.35
C ALA A 1620 -12.86 5.05 15.54
N ALA A 1621 -13.50 3.89 15.71
CA ALA A 1621 -14.93 3.86 15.92
C ALA A 1621 -15.31 4.57 17.22
N VAL A 1622 -14.55 4.33 18.29
CA VAL A 1622 -14.81 5.01 19.56
C VAL A 1622 -14.70 6.51 19.40
N TYR A 1623 -13.72 6.98 18.62
CA TYR A 1623 -13.63 8.41 18.36
C TYR A 1623 -14.84 8.93 17.58
N LEU A 1624 -15.16 8.24 16.47
CA LEU A 1624 -16.22 8.74 15.60
C LEU A 1624 -17.58 8.73 16.28
N ASP A 1625 -17.79 7.81 17.23
CA ASP A 1625 -19.06 7.78 17.93
C ASP A 1625 -19.28 9.03 18.78
N CYS A 1626 -18.25 9.51 19.48
CA CYS A 1626 -18.38 10.66 20.35
C CYS A 1626 -17.83 11.95 19.77
N ARG A 1627 -16.98 11.88 18.74
CA ARG A 1627 -16.37 13.06 18.13
C ARG A 1627 -15.62 13.91 19.16
N ASP A 1628 -15.10 13.27 20.20
CA ASP A 1628 -14.33 13.93 21.24
C ASP A 1628 -13.02 13.18 21.43
N LEU A 1629 -11.90 13.88 21.33
CA LEU A 1629 -10.61 13.23 21.50
C LEU A 1629 -10.30 12.96 22.96
N GLN A 1630 -10.98 13.66 23.88
CA GLN A 1630 -10.73 13.44 25.30
C GLN A 1630 -11.26 12.08 25.75
N ARG A 1631 -12.48 11.74 25.33
CA ARG A 1631 -13.03 10.43 25.66
C ARG A 1631 -12.24 9.32 24.97
N THR A 1632 -11.81 9.57 23.74
CA THR A 1632 -10.95 8.60 23.04
C THR A 1632 -9.66 8.38 23.80
N TRP A 1633 -9.05 9.46 24.31
CA TRP A 1633 -7.82 9.29 25.08
C TRP A 1633 -8.09 8.57 26.39
N GLU A 1634 -9.22 8.82 27.03
CA GLU A 1634 -9.55 8.08 28.25
C GLU A 1634 -9.64 6.59 27.97
N VAL A 1635 -10.30 6.21 26.88
CA VAL A 1635 -10.40 4.80 26.52
C VAL A 1635 -9.02 4.23 26.21
N ILE A 1636 -8.22 4.96 25.44
CA ILE A 1636 -6.89 4.48 25.05
C ILE A 1636 -6.02 4.29 26.29
N PHE A 1637 -6.10 5.21 27.25
CA PHE A 1637 -5.31 5.08 28.46
C PHE A 1637 -5.80 3.91 29.30
N ASN A 1638 -7.12 3.76 29.45
CA ASN A 1638 -7.63 2.63 30.21
C ASN A 1638 -7.24 1.30 29.59
N LEU A 1639 -6.95 1.31 28.28
CA LEU A 1639 -6.45 0.09 27.65
C LEU A 1639 -4.95 -0.07 27.83
N PHE A 1640 -4.20 1.03 27.72
CA PHE A 1640 -2.74 0.96 27.63
C PHE A 1640 -2.00 1.21 28.94
N GLU A 1641 -2.71 1.42 30.06
CA GLU A 1641 -2.08 1.85 31.30
C GLU A 1641 -0.89 0.99 31.73
N PRO A 1642 -1.06 -0.34 31.93
CA PRO A 1642 0.13 -1.14 32.28
C PRO A 1642 1.19 -1.10 31.20
N GLU A 1643 0.78 -1.11 29.94
CA GLU A 1643 1.74 -1.03 28.84
C GLU A 1643 2.50 0.29 28.88
N LEU A 1644 1.78 1.39 29.08
CA LEU A 1644 2.43 2.70 29.14
C LEU A 1644 3.42 2.76 30.30
N GLN A 1645 3.01 2.31 31.48
CA GLN A 1645 3.90 2.35 32.63
C GLN A 1645 5.16 1.52 32.38
N GLU A 1646 4.98 0.28 31.93
CA GLU A 1646 6.12 -0.62 31.76
C GLU A 1646 7.08 -0.10 30.70
N PHE A 1647 6.56 0.41 29.58
CA PHE A 1647 7.43 0.86 28.51
C PHE A 1647 8.07 2.22 28.82
N THR A 1648 7.41 3.07 29.61
CA THR A 1648 8.07 4.27 30.08
C THR A 1648 9.19 3.96 31.07
N ARG A 1649 9.03 2.91 31.87
CA ARG A 1649 10.11 2.52 32.76
C ARG A 1649 11.34 2.09 31.98
N LYS A 1650 11.15 1.35 30.89
CA LYS A 1650 12.26 0.89 30.05
C LYS A 1650 11.72 0.60 28.65
N VAL A 1651 12.35 1.18 27.64
CA VAL A 1651 11.90 1.04 26.26
C VAL A 1651 12.41 -0.27 25.66
N PRO A 1652 11.52 -1.13 25.16
CA PRO A 1652 11.95 -2.39 24.53
C PRO A 1652 12.37 -2.24 23.09
N ILE A 1653 13.64 -1.88 22.84
CA ILE A 1653 14.14 -1.80 21.48
C ILE A 1653 13.90 -3.11 20.75
N ASN A 1654 13.61 -3.01 19.45
CA ASN A 1654 13.23 -4.19 18.67
C ASN A 1654 14.35 -5.21 18.63
N HIS A 1655 13.97 -6.49 18.58
CA HIS A 1655 14.94 -7.58 18.70
C HIS A 1655 15.96 -7.56 17.56
N ILE A 1656 15.49 -7.33 16.33
CA ILE A 1656 16.42 -7.20 15.20
C ILE A 1656 17.32 -5.98 15.41
N ARG A 1657 16.71 -4.87 15.83
CA ARG A 1657 17.49 -3.67 16.11
C ARG A 1657 18.48 -3.93 17.24
N GLN A 1658 18.04 -4.62 18.30
CA GLN A 1658 18.91 -4.89 19.43
C GLN A 1658 20.09 -5.75 19.02
N LEU A 1659 19.84 -6.75 18.17
CA LEU A 1659 20.92 -7.62 17.72
C LEU A 1659 21.90 -6.86 16.84
N VAL A 1660 21.38 -6.04 15.93
CA VAL A 1660 22.27 -5.31 15.01
C VAL A 1660 23.12 -4.31 15.78
N GLU A 1661 22.51 -3.60 16.72
CA GLU A 1661 23.22 -2.55 17.45
C GLU A 1661 24.23 -3.11 18.45
N HIS A 1662 24.21 -4.42 18.69
CA HIS A 1662 25.16 -5.04 19.61
C HIS A 1662 26.59 -4.79 19.15
N LYS A 1663 27.41 -4.25 20.05
CA LYS A 1663 28.74 -3.79 19.65
C LYS A 1663 29.72 -4.94 19.43
N HIS A 1664 29.37 -6.11 19.94
CA HIS A 1664 30.24 -7.28 19.79
C HIS A 1664 29.69 -8.27 18.77
N ALA A 1665 28.37 -8.32 18.63
CA ALA A 1665 27.77 -9.29 17.72
C ALA A 1665 27.27 -8.66 16.43
N LYS A 1666 27.56 -9.30 15.31
CA LYS A 1666 27.11 -8.80 14.02
C LYS A 1666 26.07 -9.75 13.46
N PRO A 1667 24.80 -9.34 13.48
CA PRO A 1667 23.71 -10.23 13.01
C PRO A 1667 23.99 -10.91 11.68
N VAL A 1668 24.26 -10.13 10.63
CA VAL A 1668 24.46 -10.71 9.30
C VAL A 1668 23.42 -11.78 9.01
N PHE A 1669 22.20 -11.35 8.69
CA PHE A 1669 21.13 -12.30 8.40
C PHE A 1669 21.23 -12.83 6.97
N SER A 1670 20.12 -13.36 6.45
CA SER A 1670 20.13 -13.90 5.10
C SER A 1670 18.74 -13.80 4.45
N SER A 1671 18.67 -14.03 3.15
CA SER A 1671 17.38 -13.99 2.45
C SER A 1671 17.15 -15.31 1.73
N PRO A 1672 16.97 -16.40 2.50
CA PRO A 1672 16.82 -17.72 1.89
C PRO A 1672 15.44 -17.96 1.28
N ILE A 1673 15.10 -19.22 1.04
CA ILE A 1673 13.82 -19.54 0.41
C ILE A 1673 12.76 -19.95 1.41
N VAL A 1674 11.59 -20.33 0.91
CA VAL A 1674 10.48 -20.69 1.80
C VAL A 1674 10.41 -22.18 2.05
N GLU A 1675 11.06 -22.99 1.21
CA GLU A 1675 10.99 -24.44 1.35
C GLU A 1675 9.65 -24.85 1.94
N GLY A 1676 8.56 -24.50 1.27
CA GLY A 1676 7.24 -24.82 1.78
C GLY A 1676 6.68 -23.65 2.58
N GLU A 1677 5.80 -23.94 3.52
CA GLU A 1677 5.22 -22.89 4.35
C GLU A 1677 6.30 -22.22 5.19
N THR A 1678 7.03 -23.01 5.96
CA THR A 1678 8.04 -22.43 6.84
C THR A 1678 9.21 -21.85 6.08
N VAL A 1679 9.11 -20.59 5.69
CA VAL A 1679 10.21 -19.93 5.01
C VAL A 1679 11.34 -19.72 6.01
N MET A 1680 12.56 -20.00 5.57
CA MET A 1680 13.72 -20.08 6.45
C MET A 1680 14.62 -18.87 6.27
N VAL A 1681 15.15 -18.39 7.39
CA VAL A 1681 16.16 -17.34 7.41
C VAL A 1681 17.26 -17.77 8.37
N SER A 1682 18.51 -17.54 7.96
CA SER A 1682 19.67 -17.94 8.75
C SER A 1682 20.48 -16.71 9.12
N CYS A 1683 20.93 -16.64 10.37
CA CYS A 1683 21.71 -15.53 10.88
C CYS A 1683 23.16 -15.94 11.06
N GLN A 1684 24.06 -14.96 10.99
CA GLN A 1684 25.50 -15.18 11.14
C GLN A 1684 26.06 -14.13 12.09
N PHE A 1685 26.14 -14.49 13.38
CA PHE A 1685 26.65 -13.59 14.39
C PHE A 1685 27.85 -14.23 15.10
N THR A 1686 28.49 -13.45 15.97
CA THR A 1686 29.65 -13.90 16.73
C THR A 1686 29.39 -13.72 18.22
N CYS A 1687 29.81 -14.71 19.00
CA CYS A 1687 29.57 -14.72 20.43
C CYS A 1687 30.84 -15.19 21.13
N MET A 1688 31.42 -14.31 21.94
CA MET A 1688 32.72 -14.54 22.59
C MET A 1688 33.74 -15.09 21.60
N GLU A 1689 33.94 -14.35 20.52
CA GLU A 1689 34.98 -14.56 19.51
C GLU A 1689 34.80 -15.83 18.70
N LYS A 1690 33.73 -16.58 18.89
CA LYS A 1690 33.46 -17.78 18.09
C LYS A 1690 32.19 -17.55 17.28
N THR A 1691 32.20 -18.00 16.03
CA THR A 1691 31.07 -17.78 15.14
C THR A 1691 30.00 -18.86 15.35
N ILE A 1692 28.74 -18.44 15.35
CA ILE A 1692 27.60 -19.33 15.48
C ILE A 1692 26.64 -19.05 14.32
N LYS A 1693 25.81 -20.05 14.00
CA LYS A 1693 24.86 -19.94 12.91
C LYS A 1693 23.51 -20.50 13.32
N VAL A 1694 22.54 -19.64 13.58
CA VAL A 1694 21.21 -20.05 14.04
C VAL A 1694 20.22 -19.84 12.90
N TYR A 1695 19.13 -20.60 12.95
CA TYR A 1695 18.18 -20.65 11.85
C TYR A 1695 16.83 -20.14 12.32
N GLY A 1696 16.17 -19.36 11.48
CA GLY A 1696 14.85 -18.82 11.77
C GLY A 1696 13.82 -19.38 10.82
N PHE A 1697 12.65 -19.70 11.36
CA PHE A 1697 11.56 -20.26 10.57
C PHE A 1697 10.28 -19.50 10.89
N GLY A 1698 9.42 -19.42 9.90
CA GLY A 1698 8.15 -18.73 10.07
C GLY A 1698 7.34 -18.77 8.79
N SER A 1699 6.15 -18.19 8.86
CA SER A 1699 5.29 -18.15 7.68
C SER A 1699 5.81 -17.16 6.64
N ASN A 1700 6.33 -16.02 7.08
CA ASN A 1700 6.82 -14.99 6.17
C ASN A 1700 8.25 -14.65 6.54
N LYS A 1701 8.89 -13.86 5.67
CA LYS A 1701 10.29 -13.49 5.87
C LYS A 1701 10.48 -12.71 7.16
N ASP A 1702 9.58 -11.76 7.45
CA ASP A 1702 9.73 -10.91 8.61
C ASP A 1702 9.67 -11.73 9.91
N GLN A 1703 8.70 -12.64 10.01
CA GLN A 1703 8.58 -13.43 11.23
C GLN A 1703 9.76 -14.37 11.40
N ALA A 1704 10.23 -14.99 10.31
CA ALA A 1704 11.39 -15.86 10.39
C ALA A 1704 12.63 -15.09 10.83
N LYS A 1705 12.81 -13.89 10.27
CA LYS A 1705 13.95 -13.06 10.66
C LYS A 1705 13.85 -12.65 12.13
N LEU A 1706 12.65 -12.31 12.60
CA LEU A 1706 12.47 -11.95 13.99
C LEU A 1706 12.78 -13.12 14.92
N SER A 1707 12.34 -14.32 14.53
CA SER A 1707 12.63 -15.50 15.34
C SER A 1707 14.12 -15.79 15.37
N ALA A 1708 14.79 -15.64 14.22
CA ALA A 1708 16.24 -15.85 14.18
C ALA A 1708 16.96 -14.83 15.06
N ALA A 1709 16.51 -13.58 15.03
CA ALA A 1709 17.10 -12.55 15.87
C ALA A 1709 16.89 -12.86 17.35
N LYS A 1710 15.70 -13.35 17.70
CA LYS A 1710 15.43 -13.72 19.09
C LYS A 1710 16.32 -14.87 19.53
N HIS A 1711 16.51 -15.86 18.67
CA HIS A 1711 17.40 -16.97 18.99
C HIS A 1711 18.84 -16.49 19.16
N ALA A 1712 19.27 -15.57 18.29
CA ALA A 1712 20.61 -15.02 18.40
C ALA A 1712 20.78 -14.25 19.71
N LEU A 1713 19.74 -13.50 20.11
CA LEU A 1713 19.77 -12.82 21.40
C LEU A 1713 19.86 -13.82 22.55
N GLN A 1714 19.12 -14.91 22.46
CA GLN A 1714 19.17 -15.93 23.51
C GLN A 1714 20.57 -16.52 23.63
N GLN A 1715 21.20 -16.81 22.50
CA GLN A 1715 22.56 -17.33 22.51
C GLN A 1715 23.55 -16.29 23.05
N LEU A 1716 23.33 -15.02 22.70
CA LEU A 1716 24.22 -13.95 23.15
C LEU A 1716 24.12 -13.77 24.66
N SER A 1717 22.93 -13.93 25.22
CA SER A 1717 22.74 -13.81 26.66
C SER A 1717 23.56 -14.87 27.41
N LYS A 1718 23.59 -16.08 26.87
CA LYS A 1718 24.38 -17.15 27.45
C LYS A 1718 25.87 -16.84 27.36
N ILE B 344 -46.65 -50.66 4.59
CA ILE B 344 -45.61 -49.81 4.00
C ILE B 344 -44.50 -49.59 5.02
N ASP B 345 -43.53 -50.50 5.04
CA ASP B 345 -42.46 -50.42 6.02
C ASP B 345 -41.08 -50.36 5.36
N ARG B 346 -40.88 -51.16 4.31
CA ARG B 346 -39.57 -51.25 3.67
C ARG B 346 -39.75 -51.66 2.22
N TYR B 347 -38.69 -51.49 1.45
CA TYR B 347 -38.65 -52.03 0.09
C TYR B 347 -38.65 -53.55 0.14
N GLU B 348 -39.52 -54.17 -0.64
CA GLU B 348 -39.49 -55.62 -0.80
C GLU B 348 -38.21 -56.04 -1.51
N GLN B 349 -37.51 -57.03 -0.95
CA GLN B 349 -36.20 -57.38 -1.46
C GLN B 349 -36.39 -58.31 -2.65
N VAL B 350 -35.80 -57.94 -3.79
CA VAL B 350 -36.08 -58.63 -5.05
C VAL B 350 -35.42 -60.01 -5.06
N SER B 351 -35.79 -60.82 -6.04
CA SER B 351 -35.13 -62.11 -6.24
C SER B 351 -33.67 -61.88 -6.60
N LYS B 352 -32.77 -62.32 -5.72
CA LYS B 352 -31.34 -62.07 -5.88
C LYS B 352 -30.75 -62.79 -7.09
N ASP B 353 -31.39 -63.83 -7.59
CA ASP B 353 -30.90 -64.59 -8.73
C ASP B 353 -31.43 -63.95 -10.01
N PHE B 354 -30.53 -63.42 -10.82
CA PHE B 354 -30.89 -62.80 -12.08
C PHE B 354 -29.76 -63.00 -13.07
N GLU B 355 -30.09 -62.87 -14.35
CA GLU B 355 -29.16 -63.15 -15.43
C GLU B 355 -28.81 -61.87 -16.18
N PHE B 356 -27.53 -61.74 -16.54
CA PHE B 356 -27.08 -60.63 -17.37
C PHE B 356 -27.55 -60.83 -18.81
N ILE B 357 -28.69 -60.25 -19.15
CA ILE B 357 -29.31 -60.50 -20.45
C ILE B 357 -28.48 -59.82 -21.55
N LYS B 358 -28.15 -60.59 -22.58
CA LYS B 358 -27.46 -60.04 -23.74
C LYS B 358 -28.40 -59.15 -24.55
N ILE B 359 -27.84 -58.13 -25.18
CA ILE B 359 -28.62 -57.27 -26.06
C ILE B 359 -28.89 -57.98 -27.38
PB ADP D . -9.09 -40.64 -29.26
O1B ADP D . -9.84 -41.56 -30.19
O2B ADP D . -9.91 -40.14 -28.08
O3B ADP D . -8.28 -39.57 -29.96
PA ADP D . -6.63 -40.98 -27.96
O1A ADP D . -5.79 -40.44 -29.08
O2A ADP D . -6.99 -40.08 -26.80
O3A ADP D . -7.98 -41.60 -28.59
O5' ADP D . -5.89 -42.28 -27.37
C5' ADP D . -5.09 -43.07 -28.26
C4' ADP D . -3.76 -43.41 -27.63
O4' ADP D . -3.15 -44.47 -28.35
C3' ADP D . -2.83 -42.21 -27.68
O3' ADP D . -2.48 -41.78 -26.35
C2' ADP D . -1.59 -42.68 -28.42
O2' ADP D . -0.43 -42.48 -27.60
C1' ADP D . -1.79 -44.16 -28.68
N9 ADP D . -1.56 -44.44 -30.13
C8 ADP D . -2.52 -44.76 -31.02
N7 ADP D . -1.99 -44.96 -32.25
C5 ADP D . -0.66 -44.77 -32.15
C6 ADP D . 0.50 -44.83 -33.07
N6 ADP D . 0.33 -45.13 -34.38
N1 ADP D . 1.73 -44.57 -32.56
C2 ADP D . 1.90 -44.27 -31.26
N3 ADP D . 0.89 -44.19 -30.37
C4 ADP D . -0.38 -44.44 -30.74
MG MG E . 10.39 16.05 9.67
MG MG F . -2.58 -1.17 11.96
MG MG G . -7.75 -38.04 -28.09
MG MG H . 14.06 15.30 13.50
MG MG I . -4.78 -2.03 6.86
#